data_1TIT
# 
_entry.id   1TIT 
# 
_audit_conform.dict_name       mmcif_pdbx.dic 
_audit_conform.dict_version    5.392 
_audit_conform.dict_location   http://mmcif.pdb.org/dictionaries/ascii/mmcif_pdbx.dic 
# 
loop_
_database_2.database_id 
_database_2.database_code 
_database_2.pdbx_database_accession 
_database_2.pdbx_DOI 
PDB   1TIT         pdb_00001tit 10.2210/pdb1tit/pdb 
WWPDB D_1000176706 ?            ?                   
# 
loop_
_pdbx_audit_revision_history.ordinal 
_pdbx_audit_revision_history.data_content_type 
_pdbx_audit_revision_history.major_revision 
_pdbx_audit_revision_history.minor_revision 
_pdbx_audit_revision_history.revision_date 
1 'Structure model' 1 0 1996-07-11 
2 'Structure model' 1 1 2008-03-24 
3 'Structure model' 1 2 2011-07-13 
4 'Structure model' 1 3 2022-03-02 
5 'Structure model' 1 4 2024-05-22 
# 
_pdbx_audit_revision_details.ordinal             1 
_pdbx_audit_revision_details.revision_ordinal    1 
_pdbx_audit_revision_details.data_content_type   'Structure model' 
_pdbx_audit_revision_details.provider            repository 
_pdbx_audit_revision_details.type                'Initial release' 
_pdbx_audit_revision_details.description         ? 
_pdbx_audit_revision_details.details             ? 
# 
loop_
_pdbx_audit_revision_group.ordinal 
_pdbx_audit_revision_group.revision_ordinal 
_pdbx_audit_revision_group.data_content_type 
_pdbx_audit_revision_group.group 
1 2 'Structure model' 'Version format compliance' 
2 3 'Structure model' 'Version format compliance' 
3 4 'Structure model' 'Database references'       
4 4 'Structure model' 'Derived calculations'      
5 4 'Structure model' Other                       
6 5 'Structure model' 'Data collection'           
# 
loop_
_pdbx_audit_revision_category.ordinal 
_pdbx_audit_revision_category.revision_ordinal 
_pdbx_audit_revision_category.data_content_type 
_pdbx_audit_revision_category.category 
1 4 'Structure model' database_2            
2 4 'Structure model' pdbx_database_status  
3 4 'Structure model' pdbx_struct_assembly  
4 4 'Structure model' pdbx_struct_oper_list 
5 5 'Structure model' chem_comp_atom        
6 5 'Structure model' chem_comp_bond        
# 
loop_
_pdbx_audit_revision_item.ordinal 
_pdbx_audit_revision_item.revision_ordinal 
_pdbx_audit_revision_item.data_content_type 
_pdbx_audit_revision_item.item 
1 4 'Structure model' '_database_2.pdbx_DOI'                
2 4 'Structure model' '_database_2.pdbx_database_accession' 
3 4 'Structure model' '_pdbx_database_status.process_site'  
# 
_pdbx_database_status.status_code                     REL 
_pdbx_database_status.entry_id                        1TIT 
_pdbx_database_status.recvd_initial_deposition_date   1996-02-02 
_pdbx_database_status.deposit_site                    ? 
_pdbx_database_status.process_site                    BNL 
_pdbx_database_status.status_code_sf                  ? 
_pdbx_database_status.status_code_mr                  REL 
_pdbx_database_status.SG_entry                        ? 
_pdbx_database_status.pdb_format_compatible           Y 
_pdbx_database_status.status_code_cs                  ? 
_pdbx_database_status.status_code_nmr_data            ? 
_pdbx_database_status.methods_development_category    ? 
# 
_pdbx_database_related.db_name        PDB 
_pdbx_database_related.db_id          1TIU 
_pdbx_database_related.details        . 
_pdbx_database_related.content_type   ensemble 
# 
loop_
_audit_author.name 
_audit_author.pdbx_ordinal 
'Improta, S.'   1 
'Politou, A.S.' 2 
'Pastore, A.'   3 
# 
loop_
_citation.id 
_citation.title 
_citation.journal_abbrev 
_citation.journal_volume 
_citation.page_first 
_citation.page_last 
_citation.year 
_citation.journal_id_ASTM 
_citation.country 
_citation.journal_id_ISSN 
_citation.journal_id_CSD 
_citation.book_publisher 
_citation.pdbx_database_id_PubMed 
_citation.pdbx_database_id_DOI 
primary 'Immunoglobulin-like modules from titin I-band: extensible components of muscle elasticity.'                         
Structure 4   323 337 1996 STRUE6 UK 0969-2126 2005 ? 8805538 '10.1016/S0969-2126(96)00036-6' 
1       'Tertiary Structure of an Immunoglobulin-Like Domain from the Giant Muscle Protein Titin: A New Member of the I Set' 
Structure 3   391 ?   1995 STRUE6 UK 0969-2126 2005 ? ?       ?                               
2       'Titins: Giant Proteins in Charge of Muscle Ultrastructure and Elasticity'                                           
Science   270 293 ?   1995 SCIEAS US 0036-8075 0038 ? ?       ?                               
# 
loop_
_citation_author.citation_id 
_citation_author.name 
_citation_author.ordinal 
_citation_author.identifier_ORCID 
primary 'Improta, S.'   1 ? 
primary 'Politou, A.S.' 2 ? 
primary 'Pastore, A.'   3 ? 
1       'Pfuhl, M.'     4 ? 
1       'Pastore, A.'   5 ? 
2       'Labeit, S.'    6 ? 
2       'Kolmerer, B.'  7 ? 
# 
_entity.id                         1 
_entity.type                       polymer 
_entity.src_method                 man 
_entity.pdbx_description           'TITIN, I27' 
_entity.formula_weight             10928.426 
_entity.pdbx_number_of_molecules   1 
_entity.pdbx_ec                    ? 
_entity.pdbx_mutation              ? 
_entity.pdbx_fragment              ? 
_entity.details                    'SOLUTION STRUCTURE, T=308K, PH 4.5, 10MM ACETATE BUFFER' 
# 
_entity_name_com.entity_id   1 
_entity_name_com.name        'CONNECTIN I27, TITIN IG REPEAT 27' 
# 
_entity_poly.entity_id                      1 
_entity_poly.type                           'polypeptide(L)' 
_entity_poly.nstd_linkage                   no 
_entity_poly.nstd_monomer                   no 
_entity_poly.pdbx_seq_one_letter_code       
;MHHHHHHSSLIEVEKPLYGVEVFVGETAHFEIELSEPDVHGQWKLKGQPLTASPDCEIIEDGKKHILILHNCQLGMTGEV
SFQAANAKSAANLKVKEL
;
_entity_poly.pdbx_seq_one_letter_code_can   
;MHHHHHHSSLIEVEKPLYGVEVFVGETAHFEIELSEPDVHGQWKLKGQPLTASPDCEIIEDGKKHILILHNCQLGMTGEV
SFQAANAKSAANLKVKEL
;
_entity_poly.pdbx_strand_id                 A 
_entity_poly.pdbx_target_identifier         ? 
# 
loop_
_entity_poly_seq.entity_id 
_entity_poly_seq.num 
_entity_poly_seq.mon_id 
_entity_poly_seq.hetero 
1 1  MET n 
1 2  HIS n 
1 3  HIS n 
1 4  HIS n 
1 5  HIS n 
1 6  HIS n 
1 7  HIS n 
1 8  SER n 
1 9  SER n 
1 10 LEU n 
1 11 ILE n 
1 12 GLU n 
1 13 VAL n 
1 14 GLU n 
1 15 LYS n 
1 16 PRO n 
1 17 LEU n 
1 18 TYR n 
1 19 GLY n 
1 20 VAL n 
1 21 GLU n 
1 22 VAL n 
1 23 PHE n 
1 24 VAL n 
1 25 GLY n 
1 26 GLU n 
1 27 THR n 
1 28 ALA n 
1 29 HIS n 
1 30 PHE n 
1 31 GLU n 
1 32 ILE n 
1 33 GLU n 
1 34 LEU n 
1 35 SER n 
1 36 GLU n 
1 37 PRO n 
1 38 ASP n 
1 39 VAL n 
1 40 HIS n 
1 41 GLY n 
1 42 GLN n 
1 43 TRP n 
1 44 LYS n 
1 45 LEU n 
1 46 LYS n 
1 47 GLY n 
1 48 GLN n 
1 49 PRO n 
1 50 LEU n 
1 51 THR n 
1 52 ALA n 
1 53 SER n 
1 54 PRO n 
1 55 ASP n 
1 56 CYS n 
1 57 GLU n 
1 58 ILE n 
1 59 ILE n 
1 60 GLU n 
1 61 ASP n 
1 62 GLY n 
1 63 LYS n 
1 64 LYS n 
1 65 HIS n 
1 66 ILE n 
1 67 LEU n 
1 68 ILE n 
1 69 LEU n 
1 70 HIS n 
1 71 ASN n 
1 72 CYS n 
1 73 GLN n 
1 74 LEU n 
1 75 GLY n 
1 76 MET n 
1 77 THR n 
1 78 GLY n 
1 79 GLU n 
1 80 VAL n 
1 81 SER n 
1 82 PHE n 
1 83 GLN n 
1 84 ALA n 
1 85 ALA n 
1 86 ASN n 
1 87 ALA n 
1 88 LYS n 
1 89 SER n 
1 90 ALA n 
1 91 ALA n 
1 92 ASN n 
1 93 LEU n 
1 94 LYS n 
1 95 VAL n 
1 96 LYS n 
1 97 GLU n 
1 98 LEU n 
# 
_entity_src_gen.entity_id                          1 
_entity_src_gen.pdbx_src_id                        1 
_entity_src_gen.pdbx_alt_source_flag               sample 
_entity_src_gen.pdbx_seq_type                      ? 
_entity_src_gen.pdbx_beg_seq_num                   ? 
_entity_src_gen.pdbx_end_seq_num                   ? 
_entity_src_gen.gene_src_common_name               human 
_entity_src_gen.gene_src_genus                     Homo 
_entity_src_gen.pdbx_gene_src_gene                 'TITIN GENE' 
_entity_src_gen.gene_src_species                   ? 
_entity_src_gen.gene_src_strain                    ? 
_entity_src_gen.gene_src_tissue                    MUSCLE 
_entity_src_gen.gene_src_tissue_fraction           ? 
_entity_src_gen.gene_src_details                   ? 
_entity_src_gen.pdbx_gene_src_fragment             ? 
_entity_src_gen.pdbx_gene_src_scientific_name      'Homo sapiens' 
_entity_src_gen.pdbx_gene_src_ncbi_taxonomy_id     9606 
_entity_src_gen.pdbx_gene_src_variant              ? 
_entity_src_gen.pdbx_gene_src_cell_line            293 
_entity_src_gen.pdbx_gene_src_atcc                 ? 
_entity_src_gen.pdbx_gene_src_organ                HEART 
_entity_src_gen.pdbx_gene_src_organelle            SARCOMERE 
_entity_src_gen.pdbx_gene_src_cell                 ? 
_entity_src_gen.pdbx_gene_src_cellular_location    ? 
_entity_src_gen.host_org_common_name               ? 
_entity_src_gen.pdbx_host_org_scientific_name      'Escherichia coli BL21' 
_entity_src_gen.pdbx_host_org_ncbi_taxonomy_id     511693 
_entity_src_gen.host_org_genus                     Escherichia 
_entity_src_gen.pdbx_host_org_gene                 'TITIN GENE' 
_entity_src_gen.pdbx_host_org_organ                ? 
_entity_src_gen.host_org_species                   'Escherichia coli' 
_entity_src_gen.pdbx_host_org_tissue               ? 
_entity_src_gen.pdbx_host_org_tissue_fraction      ? 
_entity_src_gen.pdbx_host_org_strain               BL21 
_entity_src_gen.pdbx_host_org_variant              ? 
_entity_src_gen.pdbx_host_org_cell_line            ? 
_entity_src_gen.pdbx_host_org_atcc                 ? 
_entity_src_gen.pdbx_host_org_culture_collection   ? 
_entity_src_gen.pdbx_host_org_cell                 ? 
_entity_src_gen.pdbx_host_org_organelle            ? 
_entity_src_gen.pdbx_host_org_cellular_location    ? 
_entity_src_gen.pdbx_host_org_vector_type          ? 
_entity_src_gen.pdbx_host_org_vector               ? 
_entity_src_gen.host_org_details                   ? 
_entity_src_gen.expression_system_id               ? 
_entity_src_gen.plasmid_name                       PET8C 
_entity_src_gen.plasmid_details                    ? 
_entity_src_gen.pdbx_description                   ? 
# 
loop_
_chem_comp.id 
_chem_comp.type 
_chem_comp.mon_nstd_flag 
_chem_comp.name 
_chem_comp.pdbx_synonyms 
_chem_comp.formula 
_chem_comp.formula_weight 
ALA 'L-peptide linking' y ALANINE         ? 'C3 H7 N O2'     89.093  
ASN 'L-peptide linking' y ASPARAGINE      ? 'C4 H8 N2 O3'    132.118 
ASP 'L-peptide linking' y 'ASPARTIC ACID' ? 'C4 H7 N O4'     133.103 
CYS 'L-peptide linking' y CYSTEINE        ? 'C3 H7 N O2 S'   121.158 
GLN 'L-peptide linking' y GLUTAMINE       ? 'C5 H10 N2 O3'   146.144 
GLU 'L-peptide linking' y 'GLUTAMIC ACID' ? 'C5 H9 N O4'     147.129 
GLY 'peptide linking'   y GLYCINE         ? 'C2 H5 N O2'     75.067  
HIS 'L-peptide linking' y HISTIDINE       ? 'C6 H10 N3 O2 1' 156.162 
ILE 'L-peptide linking' y ISOLEUCINE      ? 'C6 H13 N O2'    131.173 
LEU 'L-peptide linking' y LEUCINE         ? 'C6 H13 N O2'    131.173 
LYS 'L-peptide linking' y LYSINE          ? 'C6 H15 N2 O2 1' 147.195 
MET 'L-peptide linking' y METHIONINE      ? 'C5 H11 N O2 S'  149.211 
PHE 'L-peptide linking' y PHENYLALANINE   ? 'C9 H11 N O2'    165.189 
PRO 'L-peptide linking' y PROLINE         ? 'C5 H9 N O2'     115.130 
SER 'L-peptide linking' y SERINE          ? 'C3 H7 N O3'     105.093 
THR 'L-peptide linking' y THREONINE       ? 'C4 H9 N O3'     119.119 
TRP 'L-peptide linking' y TRYPTOPHAN      ? 'C11 H12 N2 O2'  204.225 
TYR 'L-peptide linking' y TYROSINE        ? 'C9 H11 N O3'    181.189 
VAL 'L-peptide linking' y VALINE          ? 'C5 H11 N O2'    117.146 
# 
loop_
_pdbx_poly_seq_scheme.asym_id 
_pdbx_poly_seq_scheme.entity_id 
_pdbx_poly_seq_scheme.seq_id 
_pdbx_poly_seq_scheme.mon_id 
_pdbx_poly_seq_scheme.ndb_seq_num 
_pdbx_poly_seq_scheme.pdb_seq_num 
_pdbx_poly_seq_scheme.auth_seq_num 
_pdbx_poly_seq_scheme.pdb_mon_id 
_pdbx_poly_seq_scheme.auth_mon_id 
_pdbx_poly_seq_scheme.pdb_strand_id 
_pdbx_poly_seq_scheme.pdb_ins_code 
_pdbx_poly_seq_scheme.hetero 
A 1 1  MET 1  -8 ?  ?   ?   A . n 
A 1 2  HIS 2  -7 ?  ?   ?   A . n 
A 1 3  HIS 3  -6 ?  ?   ?   A . n 
A 1 4  HIS 4  -5 ?  ?   ?   A . n 
A 1 5  HIS 5  -4 ?  ?   ?   A . n 
A 1 6  HIS 6  -3 ?  ?   ?   A . n 
A 1 7  HIS 7  -2 ?  ?   ?   A . n 
A 1 8  SER 8  -1 ?  ?   ?   A . n 
A 1 9  SER 9  0  ?  ?   ?   A . n 
A 1 10 LEU 10 1  1  LEU LEU A . n 
A 1 11 ILE 11 2  2  ILE ILE A . n 
A 1 12 GLU 12 3  3  GLU GLU A . n 
A 1 13 VAL 13 4  4  VAL VAL A . n 
A 1 14 GLU 14 5  5  GLU GLU A . n 
A 1 15 LYS 15 6  6  LYS LYS A . n 
A 1 16 PRO 16 7  7  PRO PRO A . n 
A 1 17 LEU 17 8  8  LEU LEU A . n 
A 1 18 TYR 18 9  9  TYR TYR A . n 
A 1 19 GLY 19 10 10 GLY GLY A . n 
A 1 20 VAL 20 11 11 VAL VAL A . n 
A 1 21 GLU 21 12 12 GLU GLU A . n 
A 1 22 VAL 22 13 13 VAL VAL A . n 
A 1 23 PHE 23 14 14 PHE PHE A . n 
A 1 24 VAL 24 15 15 VAL VAL A . n 
A 1 25 GLY 25 16 16 GLY GLY A . n 
A 1 26 GLU 26 17 17 GLU GLU A . n 
A 1 27 THR 27 18 18 THR THR A . n 
A 1 28 ALA 28 19 19 ALA ALA A . n 
A 1 29 HIS 29 20 20 HIS HIS A . n 
A 1 30 PHE 30 21 21 PHE PHE A . n 
A 1 31 GLU 31 22 22 GLU GLU A . n 
A 1 32 ILE 32 23 23 ILE ILE A . n 
A 1 33 GLU 33 24 24 GLU GLU A . n 
A 1 34 LEU 34 25 25 LEU LEU A . n 
A 1 35 SER 35 26 26 SER SER A . n 
A 1 36 GLU 36 27 27 GLU GLU A . n 
A 1 37 PRO 37 28 28 PRO PRO A . n 
A 1 38 ASP 38 29 29 ASP ASP A . n 
A 1 39 VAL 39 30 30 VAL VAL A . n 
A 1 40 HIS 40 31 31 HIS HIS A . n 
A 1 41 GLY 41 32 32 GLY GLY A . n 
A 1 42 GLN 42 33 33 GLN GLN A . n 
A 1 43 TRP 43 34 34 TRP TRP A . n 
A 1 44 LYS 44 35 35 LYS LYS A . n 
A 1 45 LEU 45 36 36 LEU LEU A . n 
A 1 46 LYS 46 37 37 LYS LYS A . n 
A 1 47 GLY 47 38 38 GLY GLY A . n 
A 1 48 GLN 48 39 39 GLN GLN A . n 
A 1 49 PRO 49 40 40 PRO PRO A . n 
A 1 50 LEU 50 41 41 LEU LEU A . n 
A 1 51 THR 51 42 42 THR THR A . n 
A 1 52 ALA 52 43 43 ALA ALA A . n 
A 1 53 SER 53 44 44 SER SER A . n 
A 1 54 PRO 54 45 45 PRO PRO A . n 
A 1 55 ASP 55 46 46 ASP ASP A . n 
A 1 56 CYS 56 47 47 CYS CYS A . n 
A 1 57 GLU 57 48 48 GLU GLU A . n 
A 1 58 ILE 58 49 49 ILE ILE A . n 
A 1 59 ILE 59 50 50 ILE ILE A . n 
A 1 60 GLU 60 51 51 GLU GLU A . n 
A 1 61 ASP 61 52 52 ASP ASP A . n 
A 1 62 GLY 62 53 53 GLY GLY A . n 
A 1 63 LYS 63 54 54 LYS LYS A . n 
A 1 64 LYS 64 55 55 LYS LYS A . n 
A 1 65 HIS 65 56 56 HIS HIS A . n 
A 1 66 ILE 66 57 57 ILE ILE A . n 
A 1 67 LEU 67 58 58 LEU LEU A . n 
A 1 68 ILE 68 59 59 ILE ILE A . n 
A 1 69 LEU 69 60 60 LEU LEU A . n 
A 1 70 HIS 70 61 61 HIS HIS A . n 
A 1 71 ASN 71 62 62 ASN ASN A . n 
A 1 72 CYS 72 63 63 CYS CYS A . n 
A 1 73 GLN 73 64 64 GLN GLN A . n 
A 1 74 LEU 74 65 65 LEU LEU A . n 
A 1 75 GLY 75 66 66 GLY GLY A . n 
A 1 76 MET 76 67 67 MET MET A . n 
A 1 77 THR 77 68 68 THR THR A . n 
A 1 78 GLY 78 69 69 GLY GLY A . n 
A 1 79 GLU 79 70 70 GLU GLU A . n 
A 1 80 VAL 80 71 71 VAL VAL A . n 
A 1 81 SER 81 72 72 SER SER A . n 
A 1 82 PHE 82 73 73 PHE PHE A . n 
A 1 83 GLN 83 74 74 GLN GLN A . n 
A 1 84 ALA 84 75 75 ALA ALA A . n 
A 1 85 ALA 85 76 76 ALA ALA A . n 
A 1 86 ASN 86 77 77 ASN ASN A . n 
A 1 87 ALA 87 78 78 ALA ALA A . n 
A 1 88 LYS 88 79 79 LYS LYS A . n 
A 1 89 SER 89 80 80 SER SER A . n 
A 1 90 ALA 90 81 81 ALA ALA A . n 
A 1 91 ALA 91 82 82 ALA ALA A . n 
A 1 92 ASN 92 83 83 ASN ASN A . n 
A 1 93 LEU 93 84 84 LEU LEU A . n 
A 1 94 LYS 94 85 85 LYS LYS A . n 
A 1 95 VAL 95 86 86 VAL VAL A . n 
A 1 96 LYS 96 87 87 LYS LYS A . n 
A 1 97 GLU 97 88 88 GLU GLU A . n 
A 1 98 LEU 98 89 89 LEU LEU A . n 
# 
loop_
_software.name 
_software.classification 
_software.version 
_software.citation_id 
_software.pdbx_ordinal 
X-PLOR 'model building' . ? 1 
X-PLOR refinement       . ? 2 
X-PLOR phasing          . ? 3 
# 
_cell.entry_id           1TIT 
_cell.length_a           1.000 
_cell.length_b           1.000 
_cell.length_c           1.000 
_cell.angle_alpha        90.00 
_cell.angle_beta         90.00 
_cell.angle_gamma        90.00 
_cell.Z_PDB              1 
_cell.pdbx_unique_axis   ? 
# 
_symmetry.entry_id                         1TIT 
_symmetry.space_group_name_H-M             'P 1' 
_symmetry.pdbx_full_space_group_name_H-M   ? 
_symmetry.cell_setting                     ? 
_symmetry.Int_Tables_number                1 
# 
_exptl.entry_id          1TIT 
_exptl.method            'SOLUTION NMR' 
_exptl.crystals_number   ? 
# 
_struct.entry_id                  1TIT 
_struct.title                     'TITIN, IG REPEAT 27, NMR, MINIMIZED AVERAGE STRUCTURE' 
_struct.pdbx_model_details        ? 
_struct.pdbx_CASP_flag            ? 
_struct.pdbx_model_type_details   ? 
# 
_struct_keywords.entry_id        1TIT 
_struct_keywords.pdbx_keywords   'IMMUNOGLOBULIN-LIKE DOMAIN' 
_struct_keywords.text            'MUSCLE PROTEIN, IMMUNOGLOBULIN-LIKE DOMAIN' 
# 
_struct_asym.id                            A 
_struct_asym.pdbx_blank_PDB_chainid_flag   Y 
_struct_asym.pdbx_modified                 N 
_struct_asym.entity_id                     1 
_struct_asym.details                       ? 
# 
_struct_ref.id                         1 
_struct_ref.db_name                    UNP 
_struct_ref.db_code                    Q10466_HUMAN 
_struct_ref.entity_id                  1 
_struct_ref.pdbx_db_accession          Q10466 
_struct_ref.pdbx_align_begin           1 
_struct_ref.pdbx_seq_one_letter_code   
;MTTQAPTFTQPLQSVVVLEGSTATFEAHISGFPVPEVSWFRDGQVISTSTLPGVQISFSDGRAKLTIPAVTKANSGRYSL
KATNGSGQATSTAELLVKAETAPPNFVQRLQSMTVRQGSQVRLQVRVTGIPNPVVKFYRDGAEIQSSLDFQISQEGDLYS
LLIAEAYPEDSGTYSVNATNSVGRATSTAELLVQGEEEVPAKKTKTIVSTAQISESRQTRIEKKIEAHFDARSIATVEMV
IDGAAGQQLPHKTPPRIPPKPKSRSPTPPSIAAKAQLARQQSPSPIRHSPSPVRHVRAPTPSPVRSVSPAARISTSPIRS
VRSPLLMRKTQASTVATGPEVPPPWKQEGYVASSSEAEMRETTLTTSTQIRTEERWEGRYGVQEQVTISGAAGAAASVSA
SASYAAEAVATGAKEVKQDADKSAAVATVVAAVDMARVREPVISAVEQTAQRTTTTAVHIQPAQEQVRKEAEKTAVTKVV
VAADKAKEQELKSRTKEIITTKQEQMHVTHEQIRKETEKTFVPKVVISAAKAKEQETRISEEITKKQKQVTQEAIMKETR
KTVVPKVIVATPKVKEQDLVSRGREGITTKREQVQITQEKMRKEAEKTALSTIAVATAKAKEQETILRTRETMATRQEQI
QVTHGKVDVGKKAEAVATVVAAVDQARVREPREPGHLEESYAQQTTLEYGYKERISAAKVAEPPQRPASEPHVVPKAVKP
RVIQAPSETHIKTTDQKGMHISSQIKKTTDLTTERLVHVDKRPRTASPHFTVSKISVPKTEHGYEASIAGSAIATLQKEL
SATSSAQKITKSVKAPTVKPSETRVRAEPTPLPQFPFADTPDTYKSEAGVEVKKEVGVSITGTTVREERFEVLHGREAKV
TETARVPAPVEIPVTPPTLVSGLKNVTVIEGESVTLECHISGYPSPTVTWYREDYQIESSIDFQITFQSGIARLMIREAF
AEDSGRFTCSAVNEAGTVSTSCYLAVQVSEEFEKETTAVTEKFTTEEKRFVESRDVVMTDTSLTEEQAGPGEPAAPYFIT
KPVVQKLVEGGSVVFGCQVGGNPKPHVYWKKSGVPLTTGYRYKVSYNKQTGECKLVISMTFADDAGEYTIVVRNKHGETS
ASASLLEEADYELLMKSQQEMLYQTQVTAFVQEPEVGETAPGFVYSEYEKEYEKEQALIRKKMAKDTVVVRTYVEDQEFH
ISSFEERLIKEIEYRIIKTTLEELLEEDGEEKMAVDISESEAVESGFDLRIKNYRILEGMGVTFHCKMSGYPLPKIAWYK
DGKRIKHGERYQMDFLQDGRASLRIPVVLPEDEGIYTAFASNIKGNAICSGKLYVEPAAPLGAPTYIPTLEPVSRIRSLS
PRSVSRSPIRMSPARMSPARMSPARMSPARMSPGRRLEETDESQLERLYKPVFVLKPVSFKCLEGANCRFDLKVVGRPMP
ETFWFHDGQQIVNDYTHKVVIKEDGTQSLIIVPATPSDSGEWTVVAQNRAGRSSISVILTVEAVEHQVKPMFVEKLKNVN
IKEGSRLEMKVRATGNPNPDIVWLKNSDIIVPHKYPKIRIEGTKGEAALKIDSTVSQDSAWYTATAINKAGRDTTRCKVN
VEVEFAEPEPERKLIIPRGTYRAKEIAAPELEPLHLRYGQEQWEEGDLYDKEKQQKPFFKKKLTSLRLKRFGPAHFECRL
TPISDPTMVVEWLHDGKPLEAANRLRMINEFGYCSLDYGVAYSRDSGIITCRATNKYGTDHTSATLIVKDEKSLVEESQL
PEGRKGLQRIEELERMAHEGALTGVTTDQKEKQKPDIVLYPEPVRVLEGETARFRCRVTGYPQPKVNWYLNGQLIRKSKR
FRVRYDGIHYLDIVDCKSYDTGEVKVTAENPEGVIEHKVKLEIQQREDFRSVLRRAPEPRPEFHVHEPGKLQFEVQKVDR
PVDTTETKEVVKLKRAERITHEKVPEESEELRSKFKRRTEEGYYEAITAVELKSRKKDESYEELLRKTKDELLHWTKELT
EEEKKALAEEGKITIPTFKPDKIELSPSMEAPKIFERIQSQTVGQGSDAHFRVRVVGKPDPECEWYKNGVKIERSDRIYW
YWPEDNVCELVIRDVTAEDSASIMVKAINIAGETSSHAFLLVQAKQLITFTQELQDVVAKEKDTMATFECETSEPFVKVK
WYKDGMEVHEGDKYRMHSDRKVHFLSILTIDTSDAEDYSCVLVEDENVKTTAKLIVEGAVVEFVKELQDIEVPESYSGEL
ECIVSPENIEGKWYHNDVELKSNGKYTITSRRGRQNLTVKDVTKEDQGEYSFVIDGKKTTCKLKMKPRPIAILQGLSDQK
VCEGDIVQLEVKVSLESVEGVWMKDGQEVQPSDRVHIVIDKQSHMLLIEDMTKEDAGNYSFTIPALGLSTSGRVSVYSVD
VITPLKDVNVIEGTKAVLECKVSVPDVTSVKWYLNDEQIKPDDRVQAIVKGTKQRLVINRTHASDEGPYKLIVGRVETNC
NLSVEKIKIIRGLRDLTCTETQNVVFEVELSHSGIDVLWNFKDKEIKPSSKYKIEAHGKIYKLTVLNMMKDDEGKYTFYA
GENMTSGKLTVAGGAISKPLTDQTVAESQEAVFECEVANPDSKGEWLRDGKHLPLTNNIRSESDGHKRRLIIAATKLDDI
GEYTYKVATSKTSAKLKVEAVKIKKTLKNLTVTETQDAVFTVELTHPNVKGVQWIKNGVVLESNEKYAISVKGTIYSLRI
KNCAIVDESVYGFRLGRLGASARLHVETVKIIKKPKDVTALENATVAFEVSVSHDTVPVKWFHKSVEIKPSDKHRLVSER
KVHKLMLQNISPSDAGEYTAVVGQLECKAKLFVETLHITKTMKNIEVPETKTASFECEVSHFNVPSMWLKNGVEIEMSEK
FKIVVQGKLHQLIIMNTSTEDSAEYTFVCGNDQVSATLTVTPIMITSMLKDINAEEKDTITFEVTVNYEGISYKWLKNGV
EIKSTDKCQMRTKKLTHSLNIRNVHFGDAADYTFVAGKATSTATLYVEARHIEFRKHIKDIKVLEKKRAMFECEVSEPDI
TVQWMKDDQELQITDRIKIQKEKYVHRLLIPSTRMSDAGKYTVVAGGNVSTAKLFVEGRDVRIRSIKKEVQVIEKQRAVV
EFEVNEDDVDAHWYKDGIEINFQVQERHKYVVERRIHRMFISETRQSDAGEYTFVAGRNRSSVTLYVNAPEPPQVLQELQ
PVTVQSGKPARFCAMISGRPQPKISWYKEEQLLSTGFKCKFLHDGQEYTLLLIEAFPEDAAVYTCEAKNDYGVATTSASL
SVEVPEVVSPDQEMPVYPPAIITPLQDTVTSEGQPARFQCRVSGTDLKVSWYSKDKKIKPSRFFRMTQFEDTYQLEIAEA
YPEDEGTYTFVANNAVGQVSSTANLSLEAPESILHERIEQEIEMEMKEFSSSFLSAEEEGLHSAELQLSKINETLELLSE
SPVYPTKFDSEKEGTGPIFIKEVSNADISMGDVATLSVTVIGIPKPKIQWFFNGVLLTPSADYKFVFDGDDHSLIILFTK
LEDEGEYTCMASNDYGKTICSAYLKINSKGEGHKDTETESAVAKSLEKLGGPCPPHFLKELKPIRCAQGLPAIFEYTVVG
EPAPTVTWFKENKQLCTSVYYTIIHNPNGSGTFIVNDPQREDSGLYICKAENMLGESTCAAELLVLLEDTDMTDTPCKAK
STPEAPEDFPQTPLKGPAVEALDSEQEIATFVKDTILKAALITEENQQLSYEHIAKANELSSQLPLGAQELQSILEQDKL
TPESTREFLCINGSIHFQPLKEPSPNLQLQIVQSQKTFSKEGILMPEEPETQAVLSDTEKIFPSAMSIEQINSLTVEPLK
TLLAEPEGNYPQSSIEPPMHSYLTSVAEEVLSLKEKTVSDTNREQRVTLQKQEAQSALILSQSLAEGHVESLQSPDVMIS
QVNYEPLVPSEHSCTEGGKILIESANPLENAGQDSAVRIEEGKSLRFPLALEEKQVLLKEEHSDNVVMPPDQIIESKREP
VAIKKVQEVQGRDLLSKESLLSGIPEEQRLNLKIQICRALQAAVASEQPGLFSEWLRNIEKVEVEAVNITQEPRHIMCMY
LVTSAKSVTEEVTIIIEDVDPQMANLKMELRDALCAIIYEEIDILTAEGPRIQQGAKTSLQEEMDSFSGSQKVEPITEPE
VESKYLISTEEVSYFNVQSRVKYLDATPVTKGVASAVVSDEKQDESLKPSEEKEESSSESGTEEVATVKIQEAEGGLIKE
DGPMIHTPLVDTVSEEGDIVHLTTSITNAKEVNWYFENKLVPSDEKFKCLQDQNTYTLVIDKVNTEDHQGEYVCEALNDS
GKTATSAKLTVVKRAAPVIKRKIEPLEVALGHLAKFTCEIQSAPNVRFQWFKAGREIYESDKCSIRSSKYISSLEILRTQ
VVDCGEYTCKASNEYGSVSCTATLTVTVPGGEKKVRKLLPERKPEPKEEVVLKSVLRKRPEEEEPKVEPKKLEKVKKPAV
PEPPPPKPVEEVEVPTVTKRERKIPEPTKVPEIKPAIPLPAPEPKPKPEAEVKTIKPPPVEPEPTPIAAPVTVPVVGKKA
EAKAPKEEAAKPKGPIKGVPKKTPSPIEAERRKLRPGSGGEKPPDEAPFTYQLKAVPLKFVKEIKDIILTESEFVGSSAI
FECLVSPSTAITTWMKDGSNIRESPKHRFIADGKDRKLHIIDVQLSDAGEYTCVLRLGNKEKTSTAKLVVEELPVRFVKT
LEEEVTVVKGQPLYLSCELNKERDVVWRKDGKIVVEKPGRIVPGVIGLMRALTINDADDTDAGTYTVTVENANNLECSSC
VKVVEVIRDWLVKPIRDQHVKPKGTAIFACDIAKDTPNIKWFKGYDEIPAEPNDKTEILRDGNHLYLKIKNAMPEDIAEY
AVEIEGKRYPAKLTLGEREVELLKPIEDVTIYEKESASFDAEISEADIPGQWKLKGELLRPSPTCEIKAEGGKRFLTLHK
VKLDQAGEVLYQALNAITTAILTVKEIELDFAVPLKDVTVPERRQARFECVLTREANVIWSKGPDIIKSSDKFDIIADGK
KHILVINDSQFDDEGVYTAEVEGKKTSARLFVTGIRLKFMSPLEDQTVKEGETATFVCELSHEKMHVVWFKNDAKLHTSR
TVLISSEGKTHKLEMKEVTLDDISQIKAQVKELSSTAQLKVLEADPYFTVKLHDKTAVEKDEITLKCEVSKDVPVKWFKD
GEEIVPSPKYSIKADGLRRILKIKKADLKDKGEYVCDCGTDKTKANVTVEARLIEVEKPLYGVEVFVGETAHFEIELSEP
DVHGQWKLKGQPLTASPDCEIIEDGKKHILILHNCQLGMTGEVSFQAANAKSAANLKVKELPLIFITPLSDVKVFEKDEA
KFECEVSREPKTFRWLKGTQEITGDDRFELIKDGTKHSMVIKSAAFEDEAKYMFEAEDKHTSGKLIIEGIRLKFLTPLKD
VTAKEKESAVFTVELSHDNIRVKWFKNDQRLHTTRSVSMQDEGKTHSITFKDLSIDDTSQIRVEAMGMSSEAKLTVLEGD
PYFTGKLQDYTGVEKDEVILQCEISKADAPVKWFKDGKEIKPSKNAVIKTDGKKRMLILKKALKSDIGQYTCDCGTDKTS
GKLDIEDREIKLVRPLHSVEVMETETARFETEISEDDIHANWKLKGEALLQTPDCEIKEEGKIHSLVLHNCRLDQTGGVD
FQAANVKSSAHLRVKPRVIGLLRPLKDVTVTAGETATFDCELSYEDIPVEWYLKGKKLEPSDKVVPRSEGKVHTLTLRDV
KLEDAGEVQLTAKDFKTHANLFVKEPPVEFTKPLEDQTVEEGATAVLECEVSRENAKVKWFKNGTEILKSKKYEIVADGR
VRKLVIHDCTPEDIKTYTCDAKDFKTSCNLNVVPPHVEFLRPLTDLQVREKEMARFECELSRENAKVKWFKDGAEIKKGK
KYDIISKGAVRILVINKCLLDDEAEYSCEVRTARTSGMLTVLEEEAVFTKNLANIEVSETDTIKLVCEVSKPGAEVIWYK
GDEEIIETGRYEILTEGRKRILVIQNAHLEDAGNYNCRLPSSRTDGKVKVHELAAEFISKPQNLEILEGEKAEFVCSISK
ESFPVQWKRDDKTLESGDKYDVIADGKKRVLVVKDATLQDMGTYVVMVGAARAAAHLTVIEKLRIVVPLKDTRVKEQQEV
VFNCEVNTEGAKAKWFRNEEAIFDSSKYIILQKDLVYTLRIRDAHLDDQANYNVSLTNHRGENVKSAANLIVEEEDLRIV
EPLKDIETMEKKSVTFWCKVNRLNVTLKWTKNGEEVPFDNRVSYRVDKYKHMLTIKDCGFPDEGEYIVTAGQDKSVAELL
IIEAPTEFVEHLEDQTVTEFDDAVFSCQLSREKANVKWYRNGREIKEGKKYKFEKDGSIHRLIIKDCRLDDECEYACGVE
DRKSRARLFVEEIPVEIIRPPQDILEAPGADVVFLAELNKDKVEVQWLRNNMVVVQGDKHQMMSEGKIHRLQICDIKPRD
QGEYRFIAKDKEARAKLELAAAPKIKTADQDLVVDVGKPLTMVVPYDAYPKAEAEWFKENEPLSTKTIDTTAEQTSFRIL
EAKKGDKGRYKIVLQNKHGKAEGFINLKVIDVPGPVRNLEVTETFDGEVSLAWEEPLTDGGSKIIGYVVERRDIKRKTWV
LATDRAESCEFTVTGLQKGGVEYLFRVSARNRVGTGEPVETDNPVEARSKYDVPGPPLNVTITDVNRFGVSLTWEPPEYD
GGAEITNYVIELRDKTSIRWDTAMTVRAEDLSATVTDVVEGQEYSFRVRAQNRIGVGKPSAATPFVKVADPIERPSPPVN
LTSSDQTQSSVQLKWEPPLKDGGSPILGYIIERCEEGKDNWIRCNMKLVPELTYKVTGLEKGNKYLYRVSAENKAGVSDP
SEILGPLTADDAFVEPTMDLSAFKDGLEVIVPNPITILVPSTGYPRPTATWCFGDKVLETGDRVKMKTLSAYAELVISPS
ERSDKGIYTLKLENRVKTISGEIDVNVIARPSAPKELKFGDITKDSVHLTWEPPDDDGGSPLTGYVVEKREVSRKTWTKV
MDFVTDLEFTVPDLVQGKEYLFKVCARNKCGPGEPAYVDEPVNMSTPATVPDPPENVKWRDRTANSIFLTWDPPKNDGGS
RIKGYIVERCPRGSDKWVACGEPVAETKMEVTGLEEGKWYAYRVKTLNRQGASKPSRPTEEIQAVDTQEAPEIFLDVKLL
AGLTVKAGTKIELPATVTGKPEPKITWTKADMILKQDKRITIENVPKKSTVTIVDSKRSDTGTYIIEAVNVCGRATAVVE
VNVLDKPGPPAAFDITDVTNESCLLTWNPPRDDGGSKITNYVVERRATDSEVWHKLSSTVKDTNFKATKLIPNKEYIFRV
AAENMYGAGEPVQASPITAKYQFDPPGPPTRLEPSDITKDAVTLTWCEPDDDGGSPITGYWVERLDPDTDKWVRCNKMPV
KDTTYRVKGLTNKKKYRFRVLAENLAGPGKPSKSTEPILIKDPIDPPWPPGKPTVKDVGKTSVRLNWTKPEHDGGAKIES
YVIEMLKTGTDEWVRVAEGVPTTQHLLPGLMEGQEYSFRVRAVNKAGESEPSEPSDPVLCREKLYPPSPPRWLEVINITK
NTADLKWTVPEKDGGSPITNYIVEKRDVRRKGWQTVDTTVKDTKCTVTPLTEGSLYVFRVAAENAIGQSDYTEIEDSVLA
KDTFTTPGPPYALAVVDVTKRHVDLKWEPPKNDGGRPIQRYVIEKKERLGTRWVKAGKTAGPDCNFRVTDVIEGTEVQFQ
VRAENEAGVGHPSEPTEILSIEDPTSPPSPPLDLHVTDAGRKHIAIAWKPPEKNGGSPIIGYHVEMCPVGTEKWMRVNSR
PIKDLKFKVEEGVVPDKEYVLRVRAVNAIGVSEPSEISENVVAKDPDCKPTIDLETHDIIVIEGEKLSIPVPFRAVPVPT
VSWHKDGKEVKASDRLTMKNDHISAHLEVPKSVRADAGIYTITLENKLGSATASINVKVIGLPGPCKDIKASDITKSSCK
LTWEPPEFDGGTPILHYVLERREAGRRTYIPVMSGENKLSWTVKDLIPNGEYFFRVKAVNKVGGGEYIELKNPVIAQDPK
QPPDPPVDVEVHNPTAEAMTITWKPPLYDGGSKIMGYIIEKIAKGEERWKRCNEHLVPILTYTAKGLEEGKEYQFRVRAE
NAAGISEPSRATPPTKAVDPIDAPKVILRTSLEVKRGDEIALDASISGSPYPTITWIKDENVIVPEEIKKRAAPLVRRRK
GEVQEEEPFVLPLTQRLSIDNSKKGESQLRVRDSLRPDHGLYMIKVENDHGIAKAPCTVSVLDTPGPPINFVFEDIRKTS
VLCKWEPPLDDGGSEIINYTLEKKDKTKPDSEWIVVTSTLRHCKYSVTKLIEGKEYLFRVRAENRFGPGPPCVSKPLVAK
DPFGPPDAPDKPIVEDVTSNSMLVKWNEPKDNGSPILGYWLEKREVNSTHWSRVNKSLLNALKANVDGLLEGLTYVFRVC
AENAAGPGKFSPPSDPKTAHDPISPPGPPIPRVTDTSSTTIELEWEPPAFNGGGEIVGYFVDKQLVGTNKWSRCTEKMIK
VRQYTVKEIREGADYKLRVSAVNAAGEGPPGETQPVTVAEPQEPPAVELDVSVKGGIQIMAGKTLRIPAVVTGRPVPTKV
WTKEEGELDKDRVVIDNVGTKSELIIKDALRKDHGRYVITATNSCGSKFAAARVEVFDVPGPVLDLKPVVTNRKMCLLNW
SDPEDDGGSEITGFIIERKDAKMHTWRQPIETERSKCDITGLLEGQEYKFRVIAKNKFGCGPPVEIGPILAVDPLGPPTS
PERLTYTERQRSTITLDWKEPRSNGGSPIQGYIIEKRRHDKPDFERVNKRLCPTTSFLVENLDEHQMYEFRVKAVNEIGE
SEPSLPLNVVIQDDEVPPTIKLRLSVRGDTIKVKAGEPVHIPADVTGLPMPKIEWSKNETVIEKPTDALQITKEEVSRSE
AKTELSIPKAVREDKGTYTVTASNRLGSVFRNVHVEVYDRPSPPRNLAVTDIKAESCYLTWDAPLDNGGSEITHYVIDKR
DASRKKAEWEEVTNTAVEKRYGIWKLIPNGQYEFRVRAVNKYGISDECKSDKVVIQDPYRLPGPPGKPKVLARTKGSMLV
SWTPPLDNGGSPITGYWLEKREEGSPYWSRVSRAPITKVGLKGVEFNVPRLLEGVKYQFRAMAINAAGIGPPSEPSDPEV
AGDPIFPPGPPSCPEVKDKTKSSISLGWKPPAKDGGSPIKGYIVEMQEEGTTDWKRVNEPDKLITTCECVVPNLKELRKY
RFRVKAVNEAGESEPSDTTGEIPATDIQEEPEVFIDIGAQDCLVCKAGSQIRIPAVIKGRPTPKSSWEFDGKAKKAMKDG
VHDIPEDAQLETAENSSVIIIPECKRSHTGKYSITAKNKAGQKTANCRVKVMDVPGPPKDLKVSDITRGSCRLSWKMPDD
DGGDRIKGYVIEKRTIDGKAWTKVNPDCGSTTFVVPDLLSEQQYFFRVRAENRFGIGPPVETIQRTTARDPIYPPDPPIK
LKIGLITKNTVHLSWKPPKNDGGSPVTHYIVECLAWDPTGTKKEAWRQCNKRDVEELQFTVEDLVEGGEYEFRVKAVNAA
GVSKPSATVGPCDCQRPDMPPSIDLKEFMEVEEGTNVNIVAKIKGVPFPTLTWFKAPPKKPDNKEPVLYDTHVNKLVVDD
TCTLVIPQSRRSDTGLYTITAVNNLGTASKEMRLNVLGRPGPPVGPIKFESVSADQMTLSWFPPKDDGGSKITNYVIEKR
EANRKTWVHVSSEPKECTYTIPKLLEGHEYVFRIMAQNKYGIGEPLDSEPETARNLFSVPGAPDKPTVSSVTRNSMTVNW
EEPEYDGGSPVTGYWLEMKDTTSKRWKRVNRDPIKAMTLGVSYKVTGLIEGSDYQFRVYAINAAGVGPASLPSDPATARD
PIAPPGPPFPKVTDWTKSSADLEWSPPLKDGGSKVTGYIVEYKEEGKEEWEKGKDKEVRGTKLVVTGLKEGAFYKFRVSA
VNIAGIGEPGEVTDVIEMKDRLVSPDLQLDASVRDRIVVHAGGVIRIIAYVSGKPPPTVTWNMNERTLPQEATIETTAIS
SSMVIKNCQRSHQGVYSLLAKNEAGERKKTIIVDVLDVPGPVGTPFLAHNLTNESCKLTWFSPEDDGGSPITNYVIEKRE
SDRRAWTPVTYTVTRQNATVQGLIQGKAYFFRIAAENSIGMGPFVETSEALVIREPITVPERPEDLEVKEVTKNTVTLTW
NPPKYDGGSEIINYVLESRLIGTEKFHKVTNDNLLSRKYTVKGLKEGDTYEYRVSAVNIVGQGKPSFCTKPITCKDELAP
PTLHLDFRDKLTIRVGEAFALTGRYSGKPKPKVSWFKDEADVLEDDRTHIKTTPATLALEKIKAKRSDSGKYCVVVENST
GSRKGFCQVNVVDHPGPPVGPVSFDEVTKDYMVISWKPPLDDGGSKITNYIIEKKEVGKDVWMPVTSASAKTTCKVSKLL
EGKDYIFRIHAENLYGISDPLVSDSMKAKDRFRVPDAPDQPIVTEVTKDSALVTWNKPHDGGKPITNYILEKRETMSKRW
ARVTKDPIHPYTKFRVPDLLEGCQYEFRVSAENEIGIGDPSPPSKPVFAKDPIAKPSPPVNPEAIDTTCNSVDLTWQPPR
HDGGSKILGYIVEYQKVGDEEWRRANHTPESCPETKYKVTGLRDGQTYKFRVLAVNAAGESDPAHVPEPVLVKDRLEPPE
LILDANMAREQHIKVGDTLRLSAIIKGVPFPKVTWKKEDRDAPTKARIDVTPVGSKLEIRNAAHEDGGIYSLTVENPAGS
KTVSVKVLVLDKPGPPRDLEVSEIRKDSCYLTWKEPLDDGGSVITNYVVERRDVASAQWSPLSATSKKKSHFAKHLNEGN
QYLFRVAAENQYGRGPFVETPKPIKALDPLHPPGPPKDLHHVDVDKTEVSLVWNKPDRDGGSPITGYLVEYQEEGTQDWI
KFKTVTNLECVVTGLQQGKTYRFRVKAENIVGLGLPDTTIPIECQEKLVPPSVELDVKLIEGLVVKAGTTVRFPAIIRGV
PVPTAKWTTDGSEIKTDEHYTVETDNFSSVLTIKNCLRRDTGEYQITVSNAAGSKTVAVHLTVLDVPGPPTGPINILDVT
PEHMTISWQPPKDDGGSPVINYIVEKQDTRKDTWGVVSSGSSKTKLKIPHLQKGCEYVFRVRAENKIGVGPPLDSTPTVA
KHKFSPPSPPGKPVVTDITENAATVSWTLPKSDGGSPITGYYMERREVTGKWVRVNKTPIADLKFRVTGLYEGNTYEFRV
FAENLAGLSKPSPSSDPIKACRPIKPPGPPINPKLKDKSRETADLVWTKPLSDGGSPILGYVVECQKPGTAQWNRINKDE
LIRQCAFRVPGLIEGNEYRFRIKAANIVGEGEPRELAESVIAKDILHPPEVELDVTCRDVITVRVGQTIRILARVKGRPE
PDITWTKEGKVLVREKRVDLIQDLPRVELQIKEAVRADHGKYIISAKNSSGHAQGSAIVNVLDRPGPCQNLKVTNVTKEN
CTISWENPLDNGGSEITNFIVEYRKPNQKGWSIVASDVTKRLIKANLLANNEYYFRVCAENKVGVGPTIETKTPILAINP
IDRPGEPENLHIADKGKTFVYLKWRRPDYDGGSPNLSYHVERRLKGSDDWERVHKGSIKETHYMVDRCVENQIYEFRVQT
KNEGGESDWVKTEEVVVKEDLQKPVLDLKLSGVLTVKAGDTIRLEAGVRGKPFPEVAWTKDKDATDLTRSPRVKIDTRAD
SSKFSLTKAKRSDGGKYVVTATNTAGSFVAYATVNVLDKPGPVRNLKIVDVSSDRCTVCWDPPEDDGGCEIQNYILEKCE
TKRMVWSTYSATVLTPGTTVTRLIEGNEYIFRVRAENKIGTGPPTESKPVIAKTKYDKPGRPDPPEVTKVSKEEMTVVWN
PPEYDGGKSITGYFLEKKEKHSTRWVPVNKSAIPERRMKVQNLLPDHEYQFRVKAENEIGIGEPSLPSRPVVAKDPIEPP
GPPTNFRVVDTTKHSITLGWGKPVYDGGAPIIGYVVEMRPKIADASPDEGWKRCNAAAQLVRKEFTVTSLDENQEYEFRV
CAQNQVGIGRPAELKEAIKPKEILEPPEIDLDASMRKLVIVRAGCPIRLFAIVRGRPAPKVTWRKVGIDNVVRKGQVDLV
DTMAFLVIPNSTRDDSGKYSLTLVNPAGEKAVFVNVRVLDTPGPVSDLKVSDVTKTSCHVSWAPPENDGGSQVTHYIVEK
READRKTWSTVTPEVKKTSFHVTNLVPGNEYYFRVTAVNEYGPGVPTDVPKPVLASDPLSEPDPPRKLEATEMTKNSATL
AWLPPLRDGGAKIDGYIISYREEEQPADRWTEYSVVKDLSLVVTGLKEGKKYKFRVAARNAVGVSLPREAEGVYEAKEQL
LPPKILMPEQITIKAGKKLRIEAHVYGKPHPTCKWKKGEDEVVTSSHLAVHKADSSSILIIKDVTRKDSGYYSLTAENSS
GTDTQKIKVVVMDAPGPPQPPFDISDIDADACSLSWHIPLEDGGSNITNYIVEKCDVSRGDWVTALASVTKTSCRVGKLI
PGQEYIFRVRAENRFGISEPLTSPKMVAQFPFGVPSEPKNARVTKVNKDCIFVAWDRPDSDGGSPIIGYLIERKERNSLL
WVKANDTLVRSTEYPCAGLVEGLEYSFRIYALNKAGSSPPSKPTEYVTARMPVDPPGKPEVIDVTKSTVSLIWARPKHDG
GSKIIGYFVEACKLPGDKWVRCNTAPHQIPQEEYTATGLEEKAQYQFRAIARTAVNISPPSEPSDPVTILAENVPPRIDL
SVAMKSLLTVKAGTNVCLDATVFGKPMPTVSWKKDGTLLKPAEGIKMAMQRNLCTLELFSVNRKDSGDYTITAENSSGSK
SATIKLKVLDKPGPPASVKINKMYSDRAMLSWEPPLEDGGSEITNYIVDKRETSRPNWAQVSATVPITSCSVEKLIEGHE
YQFRICAENKYGVGDPVFTEPAIAKNPYDPPGRCDPPVISNITKDHMTVSWKPPADDGGSPITGYLLEKRETQAVNWTKV
NRKPIIERTLKATGLQEGTEYEFRVTAINKAGPGKPSDASKAAYARDPQYPPAPPAFPKVYDTTRSSVSLSWGKPAYDGG
SPIIGYLVEVKRADSDNWVRCNLPQNLQKTRFEVTGLMEDTQYQFRVYAVNKIGYSDPSDVPDKHYPKDILIPPEGEHDA
DLRKTLILRAGVTMRLYVPVKGRPPPKITWSKPNVNLRDRIGLDIKSTDFDTFLRCENVNKYDAGKYILTLENSCGKKEY
TIVVKVLDTPGPPINVTVKEISKDSAYVTWEPPIIDGGSPIINYVVQKRDAERKSWSTVTTECSKTSFRVPNLEEGKSYF
FRVFAENEYGIGDPGETRDAVKASQTPGPVVDLKVRSVSKSSCSIGWKKPHSDGGSRIIGYVVDFLTEENKWQRVMKSLS
LQYSAKDLTEGKEYTFRVSAENENGEGTPSEITVVARDDVVAPDLDLKGLPDLCYLAKENSNFRLKIPIKGKPAPSVSWK
KGEDPLATDTRVSVESSAVNTTLIVYDCQKSDAGKYTITLKNVAGTKEGTISIKVVGKPGIPTGPIKFDEVTAEAMTLKW
APPKDDGGSEITNYILEKRDSVNNKWVTCASAVQKTTFRVTRLHEGMEYTFRVSAENKYGVGEGLKSEPIVARHPFDVPD
APPPPNIVDVRHDSVSLTWTDPKKTGGSPITGYHLEFKERNSLLWKRANKTPIRMRDFKVTGLTEGLEYEFRVMAINLAG
VGKPSLPSEPVVALDPIDPPGKPEVINITRNSVTLIWTEPKYDGGHKLTGYIVEKRDLPSKSWMKANHVNVPECAFTVTD
LVEGGKYEFRIRAKNTAGAISAPSESTETIICKDEYEAPTIVLDPTIKDGLTIKAGDTIVLNAISILGKPLPKSSWSKAG
KDIRPSDITQITSTPTSSMLTIKYATRKDAGEYTITATNPFGTKVEHVKVTVLDVPGPPGPVEISNVSAEKATLTWTPPL
EDGGSPIKSYILEKRETSRLLWTVVSEDIQSCRHVATKLIQGNEYIFRVSAVNHYGKGEPVQSEPVKMVDRFGPPGPPEK
PEVSNVTKNTATVSWKRPVDDGGSEITGYHVERREKKSLRWVRAIKTPVSDLRCKVTGLQEGSTYEFRVSAENRAGIGPP
SEASDSVLMKDAAYPPGPPSNPHVTDTTKKSASLAWGKPHYDGGLEITGYVVEHQKVGDEAWIKDTTGTALRITQFVVPD
LQTKEKYNFRISAINDAGVGEPAVIPDVEIVEREMAPDFELDAELRRTLVVRAGLSIRIFVPIKGRPAPEVTWTKDNINL
KNRANIENTESFTLLIIPECNRYDTGKFVMTIENPAGKKSGFVNVRVLDTPGPVLNLRPTDITKDSVTLHWDLPLIDGGS
RITNYIVEKREATRKSYSTATTKCHKCTYKVTGLSEGCEYFFRVMAENEYGIGEPTETTEPVKASEAPSPPDSLNIMDIT
KSTVSLAWPKPKHDGGSKITGYVIEAQRKGSDQWTHITTVKGLECVVRNLTEGEEYTFQVMAVNSAGRSAPRESRPVIVK
EQTMLPELDLRGIYQKLVIAKAGDNIKVEIPVLGRPKPTVTWKKGDQILKQTQRVNFETTATSTILNINECVRSDSGPYP
LTARNIVGEVGDVITIQVHDIPGPPTGPIKFDEVSSDFVTFSWDPPENDGGVPISNYVVEMRQTDSTTWVELATTVIRTT
YKATRLTTGLEYQFRVKAQNRYGVGPGITSAWIVANYPFKVPGPPGTPQVTAVTKDSMTISWHEPLSDGGSPILGYHVER
KERNGILWQTVSKALVPGNIFKSSGLTDGIAYEFRVIAENMAGKSKPSKPSEPMLALDPIDPPGKPVPLNITRHTVTLKW
AKPEYTGGFKITSYIVEKRDLPNGRWLKANFSNILENEFTVSGLTEDAAYEFRVIAKNAAGAISPPSEPSDAITCRDDVE
APKIKVDVKFKDTVILKAGEAFRLEADVSGRPPPTMEWSKDGKELEGTAKLEIKIADFSTNLVNKDSTRRDSGAYTLTAT
NPGGFAKHIFNVKVLDRPGPPEGPLAVTEVTSEKCVLSWFPPLDDGGAKIDHYIVQKRETSRLAWTNVASEVQVTKLKVT
KLLKGNEYIFRVMAVNKYGVGEPLESEPVLAVNPYGPPDPPKNPEVTTITKDSMVVCWGHPDSDGGSEIINYIVERRDKA
GQRWIKCNKKTLTDLRYKVSGLTEGHEYEFRIMAENAAGISAPSPTSPFYKACDTVFKPGPPGNPRVLDTSRSSISIAWN
KPIYDGGSEITGYMVEIALPEEDEWQIVTPPAGLKATSYTITGLTENQEYKIRIYAMNSEGLGEPALVPGTPKAEDRMLP
PEIELDADLRKVVTIRACCTLRLFVPIKGRPDPEVKWARDHGESLDKASIESASSYTLLIVGNVNRFDSGKYILTVENSS
GSKSAFVNVRVLDTPGPPQDLKVKEVTKTSVTLTWDPPLLDGGSKIKNYIVEKRESTRKAYSTVATNCHKTSWKVDQLQE
GCSYYFRVLAENEYGIGLPAETAESVKASERPLPPGKITLMDVTRNSVSLSWEKPEHDGGSRILGYIVEMQTKGSDKWAT
CATVKVTEATITGLIQGEEYSFRVSAQNEKGISDPRQLSVPVIAKDLVIPPAFKLLFNTFTVLAGEDLKVDVPFIGRPTP
AVTWHKDNVPLKQTTRVNAESTENNSLLTIKDACREDVGHYVVKLTNSAGEAIETLNVIVLDKPGPPTGPVKMDEVTADS
ITLSWGPPKYDGGSSINNYIVEKRDTSTTTWQIVSATVARTTIKACRLKTGCEYQFRIAAENRYGKSTYLNSEPTVAQYP
FKVPGPPGTPVVTLSSRDSMEVQWNEPISDGGSRVIGYHLERKERNSILWVKLNKTPIPQTKFKTTGLEEGVEYEFRVSA
ENIVGIGKPSKVSECYVARDPCDPPGRPEAIIVTRNSVTLQWKKPTYDGGSKITGYIVEKKELPEGRWMKASFTNIIDTH
FEVTGLVEDHRYEFRVIARNAAGVFSEPSESTGAITARDEVDPPRISMDPKYKDTIVVHAGESFKVDADIYGKPIPTIQW
IKGDQELSNTARLEIKSTDFATSLSVKDAVRVDSGNYILKAKNVAGERSVTVNVKVLDRPGPPEGPVVISGVTAEKCTLA
WKPPLQDGGSDIINYIVERRETSRLVWTVVDANVQTLSCKVTKLLEGNEYTFRIMAVNKYGVGEPLESEPVVAKNPFVVP
DAPKAPEVTTVTKDSMIVVWERPASDGGSEILGYVLEKRDKEGIRWTRCHKRLIGELRLRVTGLIENHDYEFRVSAENAA
GLSEPSPPSAYQKACDPIYKPGPPNNPKVIDITRSSVFLSWSKPIYDGGCEIQGYIVEKCDVNVGEWTMCTPPTGINKTN
IEVEKLLEKHEYNFRICAINKAGVGEHADVPGPIIVEEKLEAPDIDLDLELRKIINIRAGGSLRLFVPIKGRPTPEVKWG
KVDGEIRDAAIIDVTSSFTSLVLDNVNRYDSGKYTLTLENSSGTKSAFVTVRVLDTPSPPVNLKVTEITKDSVSITWEPP
LLDGGSKIKNYIVEKREATRKSYAAVVTNCHKNSWKIDQLQEGCSYYFRVTAENEYGIGLPAQTADPIKVAEVPQPPGKI
TVDDVTRNSVSLSWTKPEHDGGSKIIQYIVEMQAKHSEKWSECARVKSLQAVITNLTQGEEYLFRVVAVNEKGRSDPRSL
AVPIVAKDLVIEPDVKPAFSSYSVQVGQDLKMEVPISGRPKPTITWTKDGLPLKQTTRINVTDSLDLTTLSIKETHKDDG
GQYGITVANVVGQKTASIEIVTLDKPDPPKGPVKFDDVSAESITLSWNPPLYTGGCQITNYIVQKRDTTTTVWDVVSATV
ARTTLKVTKLKTGTEYQFRIFAENRYGQSFALESDPIVAQYPYKEPGPPGTPFATAISKDSMVIQWHEPVNNGGSPVIGY
HLERKERNSILWTKVNKTIIHDTQFKAQNLEEGIEYEFRVYAENIVGVGKASKNSECYVARDPCDPPGTPEPIMVKRNEI
TLQWTKPVYDGGSMITGYIVEKRDLPDGRWMKASFTNVIETQFTVSGLTEDQRYEFRVIAKNAAGAISKPSDSTGPITAK
DEVELPRISMDPKFRDTIVVNAGETFRLEADVHGKPLPTIEWLRGDKEIEESARCEIKNTDFKALLIVKDAIRIDGGQYI
LRASNVAGSKSFPVNVKVLDRPGPPEGPVQVTGVTSEKCSLTWSPPLQDGGSDISHYVVEKRETSRLAWTVVASEVVTNS
LKVTKLLEGNEYVFRIMAVNKYGVGEPLESAPVLMKNPFVLPGPPKSLEVTNIAKDSMTVCWNRPDSDGGSEIIGYIVEK
RDRSGIRWIKCNKRRITDLRLRVTGLTEDHEYEFRVSAENAAGVGEPSPATVYYKACDPVFKPGPPTNAHIVDTTKNSIT
LAWGKPIYDGGSEILGYVVEICKADEEEWQIVTPQTGLRVTRFEISKLTEHQEYKIRVCALNKVGLGEATSVPGTVKPED
KLEAPELDLDSELRKGIVVRAGGSARIHIPFKGRPMPEITWSREEGEFTDKVQIEKGVNYTQLSIDNCDRNDAGKYILKL
ENSSGSKSAFVTVKVLDTPGPPQNLAVKEVRKDSAFLVWEPPIIDGGAKVKNYVIDKRESTRKAYANVSSKCSKTSFKVE
NLTEGAIYYFRVMAENEFGVGVPVETVDAVKAAEPPSPPGKVTLTDVSQTSASLMWEKPEHDGGSRVLGYVVEMQPKGTE
KWSIVAESKVCNAVVTGLSSGQEYQFRVKAYNEKGKSDPRVLGVPVIAKDLTIQPSLKLPFNTYSIQAGEDLKIEIPVIG
RPRPNISWVKDGEPLKQTTRVNVEETATSTVLHIKEGNKDDFGKYTVTATNSAGTATENLSVIVLEKPGPPVGPVRFDEV
SADFVVISWEPPAYTGGCQISNYIVEKRDTTTTTWHMVSATVARTTIKITKLKTGTEYQFRIFAENRYGKSAPLDSKAVI
VQYPFKEPGPPGTPFVTSISKDQMLVQWHEPVNDGGTKIIGYHLEQKEKNSILWVKLNKTPIQDTKFKTTGLDEGLEYEF
KVSAENIVGIGKPSKVSECFVARDPCDPPGRPEAIVITRNNVTLKWKKPAYDGGSKITGYIVEKKDLPDGRWMKASFTNV
LETEFTVSGLVEDQRYEFRVIARNAAGNFSEPSDSSGAITARDEIDAPNASLDPKYKDVIVVHAGETFVLEADIRGKPIP
DVVWSKDGKELEETAARMEIKSTIQKTTLVVKDCIRTDGGQYILKLSNVGGTKSIPITVKVLDRPGSPEGPLKVTGVTAE
KCYLAWNPPLQDGGANISHYIIEKRETSRLSWTQVSTEVQALNYKVTKLLPGNEYIFRVMAVNKYGIGEPLESGPVTACN
PYKPPGPPSTPEVSAITKDSMVVTWARPVDDGGTEIEGYILEKRDKEGVRWTKCNKKTLTDLRLRVTGLTEGHSYEFRVA
AENAAGVGEPSEPSVFYRACDALYPPGPPSNPKVTDTSRSSVSLAWSKPIYDGGAPVKGYVVEVKEAAADEWTTCTPPTG
LQGKQFTVTKLKENTEYNFRICAINSEGVGEPATLPGSVVAQERIEPPEIELDADLRKVVVLRASATLRLFVTIKGRPEP
EVKWEKAEGILTDRAQIEVTSSFTMLVIDNVTRFDSGRYNLTLENNSGSKTAFVNVRVLDSPSAPVNLTIREVKKDSVTL
SWEPPLIDGGAKITNYIVEKRETTRKAYATITNNCTKTTFRIENLQEGCSYYFRVLASNEYGIGLPAETTEPVKVSEPPL
PPGRVTLVDVTRNTATIKWEKPESDGGSKITGYVVEMQTKGSEKWSTCTQVKTLEATISGLTAGEEYVFRVAAVNEKGRS
DPRQLGVPVIARDIEIKPSVELPFHTFNVKAREQLKIDVPFKGRPQATVNWRKDGQTLKETTRVNVSSSKTVTSLSIKEA
SKEDVGTYELCVSNSAGSITVPITIIVLDRPGPPGPIRIDEVSCDSITISWNPPEYDGGCQISNYIVEKKETTSTTWHIV
SQAVARTSIKIVRLTTGSEYQFRVCAENRYGKSSYSESSAVVAEYPFSPPGPPGTPKVVHATKSTMLVTWQVPVNDGGSR
VIGYHLEYKERSSILWSKANKILIADTQVKVSGLDEGLMYEYRVYAENIAGIGKCSKSCEPVPARDPCDPPGQPEVTNIT
RKSVSLKWSKPHYDGGAKITGYIVERRELPDGRWLKCNYTNIQETYFEVTELTEDQRYEFRVFARNAADSVSEPSESTGP
IIVKDDVEPPRVMMDVKFRDVIVVKAGEVLKINADIAGRPLPVISWAKDGIEIEERARTEIISTDNHTLLTVKDCIRRDT
GQYVLTLKNVAGTRSVAVNCKVLDKPGPPAGPLEINGLTAEKCSLSWGRPQEDGGADIDYYHRKKRETSHLAWTICEGEL
QMTSCKVTKLLKGNEYIFRVTGVNKYGVGEPLESVAIKALDPFTVPSPPTSLEITSVTKESMTLCWSRPESDGGSEISGY
IIERREKNSLRWVRVNKKPVYDLRVKSTGLREGCEYEYRVYAENAAGLSLPSETSPLIRAEDPVFLPSPPSKPKIVDSGK
TTITIAWVKPLFDGGAPITGYTVEYKKSDDTDWKTSIQSLRGTEYTISGLTTGAEYVFRVKSVNKVGASDPSDSSDPQIA
KEREEEPLFDIDSEMRKTLIVKAGASFTMTVPFRGRPVPNVLWSKPDTDLRTRAYVDTTDSRTSLTIENANRNDSGKYTL
TIQNVLSAASLTLVVKVLDTPGPPTNITVQDVTKESAVLSWDVPENDGGAPVKNYHIEKREASKKAWVSVTNNCNRLSYK
VTNLQEGAIYYFRVSGENEFGVGIPAETKEGVKITEKPSPPEKLGVTSISKDSVSLTWLKPEHDGGSRIVHYVVEALEKG
QKNWVKCAVAKSTHHVVSGLRENSEYFFRVFAENQAGLSDPRELLLPVLIKEQLEPPEIDMKNFPSHTVYVRAGSNLKVD
IPISGKPLPKVTLSRDGVPLKATMRFNTEITAENLTINLKESVTADAGRYEITAANSSGTTKAFINIVVLDRPGPPTGPV
VISDITEESVTLKWEPPKYDGGSQVTNYILLKRETSTAVWTEVSATVARTMMKVMKLTTGEEYQFRIKAENRFGISDHID
SACVTVKLPYTTPGPPSTPWVTNVTRESITVGWHEPVSNGGSAVVGYHLEMKDRNSILWQKANKLVIRTTHFKVTTISAG
LIYEFRVYAENAAGVGKPSHPSEPVLAIDACEPPRNVRITDISKNSVSLSWQQPAFDGGSKITGYIVERRDLPDGRWTKA
SFTNVTETQFTISGLTQNSQYEFRVFARNAVGSISNPSEVVGPITCIDSYGGPVIDLPLEYTEVVKYRAGTSVKLRAGIS
GKPAPTIEWYKDDKELQTNALVCVENTTDLASILIKDADRLNSGCYELKLRNAMASASATIRVQILDKPGPPGGPIEFKT
VTAEKITLLWRPPADDGGAKITHYIVEKRETSRVVWSMVSEHLEECIITTTKIIKGNEYIFRVRAVNKYGIGEPLESDSV
VAKNAFVTPGPPGIPEVTKITKNSMTVVWSRPIADGGSDISGYFLEKRDKKSLGWFKVLKETIRDTRQKVTGLTENSDYQ
YRVCAVNAAGQGPFSEPSEFYKAADPIDPPGPPAKIRIADSTKSSITLGWSKPVYDGGSAVTGYVVEIRQGEEEEWTTVS
TKGEVRTTEYVVSNLKPGVNYYFRVSAVNCAGQGEPIEMNEPVQAKDILEAPEIDLDVALRTSVIAKAGEDVQVLIPFKG
RPPPTVTWRKDEKNLGSDARYSIENTDSSSLLTIPQVTRNDTGKYILTIENGVGEPKSSTVSVKVLDTPAACQKLQVKHV
SRGTVTLLWDPPLIDGGSPIINYVIEKRDATKRTWSVVSHKCSSTSFKLIDLSEKTPFFFRVLAENEIGIGEPCETTEPV
KAAEVPAPIRDLSMKDSTKTSVILSWTKPDFDGGSVITEYVVERKGKGEQTWSHAGISKTCEIEVSQLKEQSVLEFRVFA
KNEKGLSDPVTIGPITVKELIITPEVDLSDIPGAQVTVRIGHNVHLELPYKGKPKPSISWLKDGLPLKESEFVRFSKTEN
KITLSIKNAKKEHGGKYTVILDNAVCRIAVPITVITLGPPSKPKGPIRFDEIKADSVILSWDVPEDNGGGEITCYSIEKR
ETSQTNWKMVCSSVARTTFKVPNLVKDAEYQFRVRAENRYGVSQPLVSSIIVAKHQFRIPGPPGKPVIYNVTSDGMSLTW
DAPVYDGGSEVTGFHVEKKERNSILWQKVNTSPISGREYRATGLVEGLDYQFRVYAENSAGLSSPSDPSKFTLAVSPVDP
PGTPDYIDVTRETITLKWNPPLRDGGSKIVGYSIEKRQGNERWVRCNFTDVSECQYTVTGLSPGDRYEFRIIARNAVGTI
SPPSQSSGIIMTRDENVPPIVEFGPEYFDGLIIKSGESLRIKALVQGRPVPRVTWFKDGVEIEKRMNMEITNVLGSTSLF
VRDATRDHRGVYTVEAKNASGSAKAEIKVKVQDTPGKVVGPIRFTNITGEKMTLWWDAPLNDGCAPITHYIIEKRETSRL
AWALIEDKCEAQSYTAIKLINGNEYQFRVSAVNKFGVGRPLDSDPVVAQIQYTVPDAPGIPEPSNITGNSITLTWARPES
DGGSEIQQYILERREKKSTRWVKVISKRPISETRFKVTGLTEGNEYEFHVMAENAAGVGPASGISRLIKCREPVNPPGPP
TVVKVTDTSKTTVSLEWSKPVFDGGMEIIGYIIEMCKTDLGDWHKVNAEACVKTRYTVTDLQAGEEYKFRVSAINGAGKG
DSCEVTGTIKAVDRLTAPELDIDANFKQTHVVRAGASIRLFIAYQGRPTPTAVWSKPDSNLSLRADIHTTDSFSTLTVEN
CNRNDAGKYTLTVENNSGSKSITFTVKVLDTPGPPGPITFKDVTRGSATLMWDAPLLDGGARIHHYVVEKREASRRSWQV
ISEKCTRQIFKVNDLAEGVPYYFRVSAVNEYGVGEPYEMPEPIVATEQPAPPRRLDVVDTSKSSAVLAWLKPDHDGGSRI
TGYLLEMRQKGSDLWVEAGHTKQLTFTVERLVEKTEYEFRVKAKNDAGYSEPREAFSSVIIKEPQIEPTADLTGITNQLI
TCKAGSPFTIDVPISGRPAPKVTWKLEEMRLKETDRVSITTTKDRTTLTVKDSMRGDSGRYFLTLENTAGVKTFSVTVVV
IGRPGPVTGPIEVSSVSAESCVLSWGEPKDGGGTEITNYIVEKRESGTTAWQLVNSSVKRTQIKVTHLTKYMEYSFRVSS
ENRFGVSKPLESAPIIAEHPFVPPSAPTRPEVYHVSANAMSIRWEEPYHDGGSKIIGYWVEKKERNTILWVKENKVPCLE
CNYKVTGLVEGLEYQFRTYALNAAGVSKASEASRPIMAQNPVDAPGRPEVTDVTRSTVSLIWSAPAYDGGSKVVGYIIER
KPVSEVGDGRWLKCNYTIVSDNFFTVTALSEGDTYEFRVLAKNAAGVISKGSESTGPVTCRDEYAPPKAELDARLHGDLV
TIRAGSDLVLDAAVGGKPEPKIIWTKGDKELDLCEKVSLQYTGKRATAVIKFCDRSDSGKYTLTVKNASGTKAVSVMVKV
LDSPGPCGKLTVSRVTQEKCTLAWSLPQEDGGAEITHYIVERRETSRLNWVIVEGECPTLSYVVTRLIKNNEYIFRVRAV
NKYGPGVPVESEPIVARNSFTIPSPPGIPEEVGTGKEHIIIQWTKPESDGGNEISNYLVDKREKESLRWTRVNKDYVVYD
TRLKVTSLMEGCDYQFRVTAVNAAGNSEPSERSNFISCREPSYTPGPPSAPRVVDTTKHSISLAWTKPMYDGGTDIVGYV
LEMQEKDTDQWYRVHTNATIRNTEFTVPDLKMGQKYSFRVAAVNVKGMSEYSESIAEIEPVERIEIPDLELADDLKKTVT
IRAGASLRLMVSVSGRPPPVITWSKQGIDLASRAIIDTTESYSLLIVDKVNRYDAGKYTIEAENQSGKKSATVLVKVYDT
PGPCPSVKVKEVSRDSVTITWEIPTIDGGAPINNYIVEKREAAMRAFKTVTTKCSKTLYRISGLVEGTMHYFRVLPENIY
GIGEPCETSDAVLVSEVPLVPAKLEVVDVTKSTVTLAWEKPLYDGGSRLTGYVLEACKAGTERWMKVVTLKPTVLEHTVT
SLNEGEQYLFRIRAQNEKGVSEPRETVTAVTVQDLRVLPTIDLSTMPQKTIHVPAGRPVELVIPIAGRPPPAASWFFAGS
KLRESERVTVETHTKVAKLTIRETTIRDTGEYTLELKNVTGTTSETIKVIILDKPGPPTGPIKIDEIDATSITISWEPPE
LDGGAPLSGYVVEQRDAHRPGWLPVSESVTRSTFKFTRLTEGNEYVFRVAATNRFGIGSYLQSEVIECRSSIRIPGPPET
LQIFDVSRDGMTLTWYPPEDDGGSQVTGYIVERKEVRADRWVRVNKVPVTMTRYRSTGLTEGLEYEHRVTAINARGSGKP
SRPSKPIVAMDPIAPPGKPQNPRVTDTTRTSVSLAWSVPEDEGGSKVTGYLIEMQKVDQHEWTKCNTTPTKIREYTLTHL
PQGAEYRFRVLACNAGGPGEPAEVPGTVKVTEMLEYPDYELDERYQEGIFVRQGGVIRLTIPIKGKPFPICKWTKEGQDI
SKRAMIATSETHTELVIKEADRGDSGTYDLVLENKCGKKAVYIKVRVIGSPNSPEGPLEYDDIQVRSVRVSWRPPADDGG
ADILGYILERREVPKAAWYTIDSRVRGTSLVVKGLKENVEYHFRVSAENQFGISKPLKSEEPVTPKTPLNPPEPPSNPPE
VLDVTKSSVSLSWSRPKDDGGSRVTGYYIERKETSTDKVVRHNKTQITTTMYTVTGLVPDAEYQFRIIAQNDVGLSETSP
ASEPVVCKDPFDKPSQPGELEILSISKDSVTLQWEKPECDGGKEILGYWVEYRQSGDSAWKKSNKERIKDKQFTIGGLLE
ATEYEFRVFAENETGLSRPRRTAMSIKTKLTSGEAPGIRKEMKDVTTKLGEAAQLSCQIVGRPLPDIKWYRFGKELIQSR
KYKMSSDGRTHTLTVMTEEQEDEGVYTCIATNEVGEVETSSKLLLQATPQFHPGYPLKEKYYGAVGSTLRLHVMYIGRPV
PAMTWFHGQKLLQNSENITIENTEHYTHLVMKNVQRKTHAGKYKVQLSNVFGTVDAILDVEIQDKPDKPTGPIVIEALLK
NSAVISWKPPADDGGSWITNYVVEKCEAKEGAEWQLVSSAISVTTCRIVNLTENAGYYFRVSAQNTFGISDPLEVSSVVI
IKSPFEKPGAPGKPTITAVTKDSCVVAWKPPASDGGAKIRNYYLEKREKKQNKWISVTTEEIRETVFSVKNLIEGLEYEF
RVKCENLGGESEWSEISEPITPKSDVPIQAPHFKEELRNLNVRYQSNATLVCKVTGHPKPIVKWYRQGKEIIADGLKYRI
QEFKGGYHQLIIASVTDDDATVYQVRATNQGGSVSGTASLEVEVPAKIHLPKTLEGMGAVHALRGEVVSIKIPFSGKPDP
VITWQKGQDLIDNNGHYQVIVTRSFTSLVFPNGVERKDAGFYVVCAKNRFGIDQKTVELDVADVPDPPRGVKVSDASRDS
VNLTWTEPASDGGSKITNYIVEKCATTAERWLRVGQARETRYTVINLFGKTSYQFRVIAENKFGLSKPSEPSEPTITKED
KTRAMNYDEEVDETREVSMTKASHSSTKELYEKYMIAEDLGRGEFGIVHRCVETSSKKTYMAKFVKVKGTDQVLVKKEIS
ILNIARHRNILHLHESFESMEELVMIFEFISGLDIFERINTSAFELNEREIVSYVHQVCEALQFLHSHNIGHFDIRPENI
IYQTRRSSTIKIIEFGQARQLKPGDNFRLLFTAPEYYAPEVHQHDVVSTATDMWSLGTLVYVLLSGINPFLAETNQQIIE
NIMNAEYTFDEEAFKEISIEAMDFVDRLLVKERKSRMTASEALQHPWLKQKIERVSTKVIRTLKHRRYYHTLIKKDLNMV
VSAARISCGGAIRSQKGVSVAKVKVASIEIGPVSGQIMHAVGEEGGHVKYVCKIENYDQSTQVTWYFGVRQLENSEKYEI
TYEDGVAILYVKDITKLDDGTYRCKVVNDYGEDSSYAELFVKGVREVYDYYCRRTMKKIKRRTDTMRLLERPPEFTLPLY
NKTAYVGENVRFGVTITVHPEPHVTWYKSGQKIKPGDNDKKYTFESDKGLYQLTINSVTTDDDAEYTVVARNKYGEDSCK
AKLTVTLHPPPTDSTLRPMFKRLLANAECQEGQSVCFEIRVSGIPPPTLKWEKDGQPLSLGPNIEIIHEGLDYYALHIRD
TLPEDTGYYRVTATNTAGSTSCQAHLQVERLRYKKQEFKSKEEHERHVQKQIDKTLRMAEILSGTESVPLTQVAKEALRE
AAVLYKPAVSTKTVKGEFRLEIEEKKEERKLRMPYDVPEPRKYKQTTIEEDQRIKQFVPMSDMKWYKKIRDQYEMPGKLD
RVVQKRPKRIRLSRWEQFYVMPLPRITDQYRPKWRIPKLSQDDLEIVRPARRRTPSPDYDFYYRPRRRSLGDISDEELLL
PIDDYLAMKRTEEERLRLEEELELGFSASPPSRSPPHFELSSLRYSSPQAHVKVEETRKNFRYSTYHIPTKAEASTSYAE
LRERHAQAAYRQPKQRQRIMAEREDEELLRPVTTTQHLSEYKSELDFMSKEEKSRKKSRRQREVTEITEIEEEYEISKHA
QRESSSSASRLLRRRRSLSPTYIELMRPVSELIRSRPQPAEEYEDDTERRSPTPERTRPRSPSPVSSERSLSRFERSARF
DIFSRYESMKAALKTQKTSERKYEVLSQQPFTLDHAPRITLRMRSHRVPCGQNTRFILNVQSKPTAEVKWYHNGVELQES
SKIHYTNTSGVLTLEILDCHTDDSGTYRAVCTNYKGEASDYATLDVTGGDYTTYASQRRDEEVPRSVFPELTRTEAYAVP
SFKKTSEMEASSSVREVKSQMTETRESLSSYEHSASAEMKSAALEEKSLEEKSTTRKIKTTLAARILTKPRSMTVYEGES
ARFSCDTDGEPVPTVTWLRKGQVLSTSARHQVTTTKYKSTFEISSVQASDEGNYSVVVENSEGKQEAEFTLTIQKARVTE
KAVTSPPRVKSPEPRVKSPEAVKSPKRVKSPEPSHPKAVSPTETKPTPREKVQHLPVSAPPKITQFLKAEASKEIAKLTC
VVESSVLRAKEVTWYKDGKKLKENGHFQFHYSADGTYELKINNLTESDQGEYVCEISGEGGTSKTNLQFMGQAFKSIHEK
VSKISETKKSDQKTTESTVTRKTEPKAPEPISSKPVIVTGLQDTTVSSDSVAKFAVKATGEPRPTAIWTKDGKAITQGGK
YKLSEDKGGFFLEIHKTDTSDSGLYTCTVKNSAGSVSSSCKLTIKAIKDTEAQKVSTQKTSEITPQKKAVVQEEISQKAL
RSEEIKMSEAKSQEKLALKEEASKVLISEEVKKSAATSLEKSIVHEEITKTSQASEEVRTHAEIKAFSTQMSINEGQRLV
LKANIAGATDVKWVLNGVELTNSEEYRYGVSGSDQTLTIKQASHRDEGILTCISKTKEGIVKCQYDLTLSKELSDAPAFI
SQPRSQNINEGQNVLFTCEISGEPSPEIEWFKNNLPISISSNVSISRSRNVYSLEIRNASVSDSGKYTIKAKNFRGQCSA
TASLMVLPLVEEPSREVVLRTSGDTSLQGSFSSQSVQMSASKQEASFSSFSSSSASSMTEMKFASMSAQSMSSMQESFVE
MSSSSFMGISNMTQLESSTSKMLKAGIRGIPPKIEALPSDISIDEGKVLTVACAFTGEPTPEVTWSCGGRKIHSQEQGRF
HIENTDDLTTLIIMDVQKQDGGLYTLSLGNEFGSDSATVNIHIRSI
;
_struct_ref.pdbx_db_isoform            ? 
# 
_struct_ref_seq.align_id                      1 
_struct_ref_seq.ref_id                        1 
_struct_ref_seq.pdbx_PDB_id_code              1TIT 
_struct_ref_seq.pdbx_strand_id                A 
_struct_ref_seq.seq_align_beg                 10 
_struct_ref_seq.pdbx_seq_align_beg_ins_code   ? 
_struct_ref_seq.seq_align_end                 98 
_struct_ref_seq.pdbx_seq_align_end_ins_code   ? 
_struct_ref_seq.pdbx_db_accession             Q10466 
_struct_ref_seq.db_align_beg                  5253 
_struct_ref_seq.pdbx_db_align_beg_ins_code    ? 
_struct_ref_seq.db_align_end                  5341 
_struct_ref_seq.pdbx_db_align_end_ins_code    ? 
_struct_ref_seq.pdbx_auth_seq_align_beg       1 
_struct_ref_seq.pdbx_auth_seq_align_end       89 
# 
_pdbx_struct_assembly.id                   1 
_pdbx_struct_assembly.details              author_defined_assembly 
_pdbx_struct_assembly.method_details       ? 
_pdbx_struct_assembly.oligomeric_details   monomeric 
_pdbx_struct_assembly.oligomeric_count     1 
# 
_pdbx_struct_assembly_gen.assembly_id       1 
_pdbx_struct_assembly_gen.oper_expression   1 
_pdbx_struct_assembly_gen.asym_id_list      A 
# 
_pdbx_struct_oper_list.id                   1 
_pdbx_struct_oper_list.type                 'identity operation' 
_pdbx_struct_oper_list.name                 1_555 
_pdbx_struct_oper_list.symmetry_operation   x,y,z 
_pdbx_struct_oper_list.matrix[1][1]         1.0000000000 
_pdbx_struct_oper_list.matrix[1][2]         0.0000000000 
_pdbx_struct_oper_list.matrix[1][3]         0.0000000000 
_pdbx_struct_oper_list.vector[1]            0.0000000000 
_pdbx_struct_oper_list.matrix[2][1]         0.0000000000 
_pdbx_struct_oper_list.matrix[2][2]         1.0000000000 
_pdbx_struct_oper_list.matrix[2][3]         0.0000000000 
_pdbx_struct_oper_list.vector[2]            0.0000000000 
_pdbx_struct_oper_list.matrix[3][1]         0.0000000000 
_pdbx_struct_oper_list.matrix[3][2]         0.0000000000 
_pdbx_struct_oper_list.matrix[3][3]         1.0000000000 
_pdbx_struct_oper_list.vector[3]            0.0000000000 
# 
_struct_biol.id   1 
# 
loop_
_struct_sheet.id 
_struct_sheet.type 
_struct_sheet.number_strands 
_struct_sheet.details 
S1 ? 4 ? 
S2 ? 4 ? 
# 
loop_
_struct_sheet_order.sheet_id 
_struct_sheet_order.range_id_1 
_struct_sheet_order.range_id_2 
_struct_sheet_order.offset 
_struct_sheet_order.sense 
S1 1 2 ? anti-parallel 
S1 2 3 ? anti-parallel 
S1 3 4 ? anti-parallel 
S2 1 2 ? parallel      
S2 2 3 ? anti-parallel 
S2 3 4 ? anti-parallel 
# 
loop_
_struct_sheet_range.sheet_id 
_struct_sheet_range.id 
_struct_sheet_range.beg_label_comp_id 
_struct_sheet_range.beg_label_asym_id 
_struct_sheet_range.beg_label_seq_id 
_struct_sheet_range.pdbx_beg_PDB_ins_code 
_struct_sheet_range.end_label_comp_id 
_struct_sheet_range.end_label_asym_id 
_struct_sheet_range.end_label_seq_id 
_struct_sheet_range.pdbx_end_PDB_ins_code 
_struct_sheet_range.beg_auth_comp_id 
_struct_sheet_range.beg_auth_asym_id 
_struct_sheet_range.beg_auth_seq_id 
_struct_sheet_range.end_auth_comp_id 
_struct_sheet_range.end_auth_asym_id 
_struct_sheet_range.end_auth_seq_id 
S1 1 VAL A 13 ? PRO A 16 ? VAL A 4  PRO A 7  
S1 2 THR A 27 ? LEU A 34 ? THR A 18 LEU A 25 
S1 3 LYS A 64 ? HIS A 70 ? LYS A 55 HIS A 61 
S1 4 CYS A 56 ? ASP A 61 ? CYS A 47 ASP A 52 
S2 1 VAL A 20 ? VAL A 24 ? VAL A 11 VAL A 15 
S2 2 ALA A 87 ? GLU A 97 ? ALA A 78 GLU A 88 
S2 3 GLY A 78 ? ALA A 84 ? GLY A 69 ALA A 75 
S2 4 GLY A 41 ? LEU A 45 ? GLY A 32 LEU A 36 
# 
loop_
_pdbx_struct_sheet_hbond.sheet_id 
_pdbx_struct_sheet_hbond.range_id_1 
_pdbx_struct_sheet_hbond.range_id_2 
_pdbx_struct_sheet_hbond.range_1_label_atom_id 
_pdbx_struct_sheet_hbond.range_1_label_comp_id 
_pdbx_struct_sheet_hbond.range_1_label_asym_id 
_pdbx_struct_sheet_hbond.range_1_label_seq_id 
_pdbx_struct_sheet_hbond.range_1_PDB_ins_code 
_pdbx_struct_sheet_hbond.range_1_auth_atom_id 
_pdbx_struct_sheet_hbond.range_1_auth_comp_id 
_pdbx_struct_sheet_hbond.range_1_auth_asym_id 
_pdbx_struct_sheet_hbond.range_1_auth_seq_id 
_pdbx_struct_sheet_hbond.range_2_label_atom_id 
_pdbx_struct_sheet_hbond.range_2_label_comp_id 
_pdbx_struct_sheet_hbond.range_2_label_asym_id 
_pdbx_struct_sheet_hbond.range_2_label_seq_id 
_pdbx_struct_sheet_hbond.range_2_PDB_ins_code 
_pdbx_struct_sheet_hbond.range_2_auth_atom_id 
_pdbx_struct_sheet_hbond.range_2_auth_comp_id 
_pdbx_struct_sheet_hbond.range_2_auth_asym_id 
_pdbx_struct_sheet_hbond.range_2_auth_seq_id 
S1 1 2 O LYS A 15 ? O LYS A 6  N GLU A 33 ? N GLU A 24 
S1 2 3 N ALA A 28 ? N ALA A 19 O LEU A 69 ? O LEU A 60 
S1 3 4 O ILE A 68 ? O ILE A 59 N GLU A 57 ? N GLU A 48 
S2 1 2 O VAL A 20 ? O VAL A 11 N LYS A 94 ? N LYS A 85 
S2 2 3 N LEU A 93 ? N LEU A 84 O GLY A 78 ? O GLY A 69 
S2 3 4 O SER A 81 ? O SER A 72 N LYS A 44 ? N LYS A 35 
# 
loop_
_pdbx_validate_close_contact.id 
_pdbx_validate_close_contact.PDB_model_num 
_pdbx_validate_close_contact.auth_atom_id_1 
_pdbx_validate_close_contact.auth_asym_id_1 
_pdbx_validate_close_contact.auth_comp_id_1 
_pdbx_validate_close_contact.auth_seq_id_1 
_pdbx_validate_close_contact.PDB_ins_code_1 
_pdbx_validate_close_contact.label_alt_id_1 
_pdbx_validate_close_contact.auth_atom_id_2 
_pdbx_validate_close_contact.auth_asym_id_2 
_pdbx_validate_close_contact.auth_comp_id_2 
_pdbx_validate_close_contact.auth_seq_id_2 
_pdbx_validate_close_contact.PDB_ins_code_2 
_pdbx_validate_close_contact.label_alt_id_2 
_pdbx_validate_close_contact.dist 
1  1 HB3 A SER 44 ? ? HD2  A PRO 45 ? ? 1.27 
2  1 HA  A LEU 65 ? ? HG13 A VAL 86 ? ? 1.27 
3  1 HB3 A PHE 21 ? ? HZ3  A TRP 34 ? ? 1.27 
4  1 HA2 A GLY 16 ? ? HB2  A ASN 62 ? ? 1.30 
5  1 O   A GLY 66 ? ? H    A THR 68 ? ? 1.40 
6  1 O   A LEU 8  ? ? HD1  A TYR 9  ? ? 1.41 
7  1 O   A GLY 53 ? ? H    A LYS 55 ? ? 1.42 
8  1 O   A LEU 65 ? ? HG1  A THR 68 ? ? 1.42 
9  1 O   A GLN 64 ? ? HG12 A VAL 86 ? ? 1.54 
10 1 HD2 A LYS 35 ? ? C    A GLY 38 ? ? 1.58 
11 1 O   A LEU 65 ? ? OG1  A THR 68 ? ? 1.62 
12 1 O   A GLY 53 ? ? N    A LYS 55 ? ? 1.79 
13 1 O   A LEU 36 ? ? N    A GLY 38 ? ? 1.80 
14 1 O   A GLY 66 ? ? N    A THR 68 ? ? 1.89 
15 1 O   A GLN 64 ? ? CG1  A VAL 86 ? ? 2.15 
# 
loop_
_pdbx_validate_torsion.id 
_pdbx_validate_torsion.PDB_model_num 
_pdbx_validate_torsion.auth_comp_id 
_pdbx_validate_torsion.auth_asym_id 
_pdbx_validate_torsion.auth_seq_id 
_pdbx_validate_torsion.PDB_ins_code 
_pdbx_validate_torsion.label_alt_id 
_pdbx_validate_torsion.phi 
_pdbx_validate_torsion.psi 
1  1 VAL A 15 ? ? 22.15   107.03  
2  1 GLU A 17 ? ? -59.66  -148.36 
3  1 ILE A 23 ? ? -169.74 119.50  
4  1 LEU A 25 ? ? -105.34 -146.26 
5  1 ASP A 29 ? ? 65.90   87.45   
6  1 HIS A 31 ? ? -164.02 94.91   
7  1 LEU A 36 ? ? -54.40  -162.11 
8  1 LYS A 37 ? ? -17.03  -28.77  
9  1 LEU A 41 ? ? -70.12  -129.08 
10 1 THR A 42 ? ? -167.98 111.99  
11 1 ALA A 43 ? ? -37.24  109.93  
12 1 SER A 44 ? ? -129.60 -143.07 
13 1 LYS A 54 ? ? -26.50  -11.35  
14 1 ASN A 62 ? ? -14.55  79.91   
15 1 MET A 67 ? ? -36.44  -0.05   
16 1 THR A 68 ? ? -65.36  80.20   
17 1 ALA A 76 ? ? 39.32   -99.95  
18 1 ALA A 81 ? ? -165.30 100.18  
# 
_pdbx_nmr_ensemble.entry_id                             1TIT 
_pdbx_nmr_ensemble.conformers_calculated_total_number   ? 
_pdbx_nmr_ensemble.conformers_submitted_total_number    1 
_pdbx_nmr_ensemble.conformer_selection_criteria         ? 
# 
_pdbx_nmr_software.classification   refinement 
_pdbx_nmr_software.name             'XPLOR (EXTENDED VERSION)' 
_pdbx_nmr_software.version          'VERSION)' 
_pdbx_nmr_software.authors          BRUNGER 
_pdbx_nmr_software.ordinal          1 
# 
loop_
_pdbx_unobs_or_zero_occ_residues.id 
_pdbx_unobs_or_zero_occ_residues.PDB_model_num 
_pdbx_unobs_or_zero_occ_residues.polymer_flag 
_pdbx_unobs_or_zero_occ_residues.occupancy_flag 
_pdbx_unobs_or_zero_occ_residues.auth_asym_id 
_pdbx_unobs_or_zero_occ_residues.auth_comp_id 
_pdbx_unobs_or_zero_occ_residues.auth_seq_id 
_pdbx_unobs_or_zero_occ_residues.PDB_ins_code 
_pdbx_unobs_or_zero_occ_residues.label_asym_id 
_pdbx_unobs_or_zero_occ_residues.label_comp_id 
_pdbx_unobs_or_zero_occ_residues.label_seq_id 
1 1 Y 1 A MET -8 ? A MET 1 
2 1 Y 1 A HIS -7 ? A HIS 2 
3 1 Y 1 A HIS -6 ? A HIS 3 
4 1 Y 1 A HIS -5 ? A HIS 4 
5 1 Y 1 A HIS -4 ? A HIS 5 
6 1 Y 1 A HIS -3 ? A HIS 6 
7 1 Y 1 A HIS -2 ? A HIS 7 
8 1 Y 1 A SER -1 ? A SER 8 
9 1 Y 1 A SER 0  ? A SER 9 
# 
loop_
_chem_comp_atom.comp_id 
_chem_comp_atom.atom_id 
_chem_comp_atom.type_symbol 
_chem_comp_atom.pdbx_aromatic_flag 
_chem_comp_atom.pdbx_stereo_config 
_chem_comp_atom.pdbx_ordinal 
ALA N    N N N 1   
ALA CA   C N S 2   
ALA C    C N N 3   
ALA O    O N N 4   
ALA CB   C N N 5   
ALA OXT  O N N 6   
ALA H    H N N 7   
ALA H2   H N N 8   
ALA HA   H N N 9   
ALA HB1  H N N 10  
ALA HB2  H N N 11  
ALA HB3  H N N 12  
ALA HXT  H N N 13  
ASN N    N N N 14  
ASN CA   C N S 15  
ASN C    C N N 16  
ASN O    O N N 17  
ASN CB   C N N 18  
ASN CG   C N N 19  
ASN OD1  O N N 20  
ASN ND2  N N N 21  
ASN OXT  O N N 22  
ASN H    H N N 23  
ASN H2   H N N 24  
ASN HA   H N N 25  
ASN HB2  H N N 26  
ASN HB3  H N N 27  
ASN HD21 H N N 28  
ASN HD22 H N N 29  
ASN HXT  H N N 30  
ASP N    N N N 31  
ASP CA   C N S 32  
ASP C    C N N 33  
ASP O    O N N 34  
ASP CB   C N N 35  
ASP CG   C N N 36  
ASP OD1  O N N 37  
ASP OD2  O N N 38  
ASP OXT  O N N 39  
ASP H    H N N 40  
ASP H2   H N N 41  
ASP HA   H N N 42  
ASP HB2  H N N 43  
ASP HB3  H N N 44  
ASP HD2  H N N 45  
ASP HXT  H N N 46  
CYS N    N N N 47  
CYS CA   C N R 48  
CYS C    C N N 49  
CYS O    O N N 50  
CYS CB   C N N 51  
CYS SG   S N N 52  
CYS OXT  O N N 53  
CYS H    H N N 54  
CYS H2   H N N 55  
CYS HA   H N N 56  
CYS HB2  H N N 57  
CYS HB3  H N N 58  
CYS HG   H N N 59  
CYS HXT  H N N 60  
GLN N    N N N 61  
GLN CA   C N S 62  
GLN C    C N N 63  
GLN O    O N N 64  
GLN CB   C N N 65  
GLN CG   C N N 66  
GLN CD   C N N 67  
GLN OE1  O N N 68  
GLN NE2  N N N 69  
GLN OXT  O N N 70  
GLN H    H N N 71  
GLN H2   H N N 72  
GLN HA   H N N 73  
GLN HB2  H N N 74  
GLN HB3  H N N 75  
GLN HG2  H N N 76  
GLN HG3  H N N 77  
GLN HE21 H N N 78  
GLN HE22 H N N 79  
GLN HXT  H N N 80  
GLU N    N N N 81  
GLU CA   C N S 82  
GLU C    C N N 83  
GLU O    O N N 84  
GLU CB   C N N 85  
GLU CG   C N N 86  
GLU CD   C N N 87  
GLU OE1  O N N 88  
GLU OE2  O N N 89  
GLU OXT  O N N 90  
GLU H    H N N 91  
GLU H2   H N N 92  
GLU HA   H N N 93  
GLU HB2  H N N 94  
GLU HB3  H N N 95  
GLU HG2  H N N 96  
GLU HG3  H N N 97  
GLU HE2  H N N 98  
GLU HXT  H N N 99  
GLY N    N N N 100 
GLY CA   C N N 101 
GLY C    C N N 102 
GLY O    O N N 103 
GLY OXT  O N N 104 
GLY H    H N N 105 
GLY H2   H N N 106 
GLY HA2  H N N 107 
GLY HA3  H N N 108 
GLY HXT  H N N 109 
HIS N    N N N 110 
HIS CA   C N S 111 
HIS C    C N N 112 
HIS O    O N N 113 
HIS CB   C N N 114 
HIS CG   C Y N 115 
HIS ND1  N Y N 116 
HIS CD2  C Y N 117 
HIS CE1  C Y N 118 
HIS NE2  N Y N 119 
HIS OXT  O N N 120 
HIS H    H N N 121 
HIS H2   H N N 122 
HIS HA   H N N 123 
HIS HB2  H N N 124 
HIS HB3  H N N 125 
HIS HD1  H N N 126 
HIS HD2  H N N 127 
HIS HE1  H N N 128 
HIS HE2  H N N 129 
HIS HXT  H N N 130 
ILE N    N N N 131 
ILE CA   C N S 132 
ILE C    C N N 133 
ILE O    O N N 134 
ILE CB   C N S 135 
ILE CG1  C N N 136 
ILE CG2  C N N 137 
ILE CD1  C N N 138 
ILE OXT  O N N 139 
ILE H    H N N 140 
ILE H2   H N N 141 
ILE HA   H N N 142 
ILE HB   H N N 143 
ILE HG12 H N N 144 
ILE HG13 H N N 145 
ILE HG21 H N N 146 
ILE HG22 H N N 147 
ILE HG23 H N N 148 
ILE HD11 H N N 149 
ILE HD12 H N N 150 
ILE HD13 H N N 151 
ILE HXT  H N N 152 
LEU N    N N N 153 
LEU CA   C N S 154 
LEU C    C N N 155 
LEU O    O N N 156 
LEU CB   C N N 157 
LEU CG   C N N 158 
LEU CD1  C N N 159 
LEU CD2  C N N 160 
LEU OXT  O N N 161 
LEU H    H N N 162 
LEU H2   H N N 163 
LEU HA   H N N 164 
LEU HB2  H N N 165 
LEU HB3  H N N 166 
LEU HG   H N N 167 
LEU HD11 H N N 168 
LEU HD12 H N N 169 
LEU HD13 H N N 170 
LEU HD21 H N N 171 
LEU HD22 H N N 172 
LEU HD23 H N N 173 
LEU HXT  H N N 174 
LYS N    N N N 175 
LYS CA   C N S 176 
LYS C    C N N 177 
LYS O    O N N 178 
LYS CB   C N N 179 
LYS CG   C N N 180 
LYS CD   C N N 181 
LYS CE   C N N 182 
LYS NZ   N N N 183 
LYS OXT  O N N 184 
LYS H    H N N 185 
LYS H2   H N N 186 
LYS HA   H N N 187 
LYS HB2  H N N 188 
LYS HB3  H N N 189 
LYS HG2  H N N 190 
LYS HG3  H N N 191 
LYS HD2  H N N 192 
LYS HD3  H N N 193 
LYS HE2  H N N 194 
LYS HE3  H N N 195 
LYS HZ1  H N N 196 
LYS HZ2  H N N 197 
LYS HZ3  H N N 198 
LYS HXT  H N N 199 
MET N    N N N 200 
MET CA   C N S 201 
MET C    C N N 202 
MET O    O N N 203 
MET CB   C N N 204 
MET CG   C N N 205 
MET SD   S N N 206 
MET CE   C N N 207 
MET OXT  O N N 208 
MET H    H N N 209 
MET H2   H N N 210 
MET HA   H N N 211 
MET HB2  H N N 212 
MET HB3  H N N 213 
MET HG2  H N N 214 
MET HG3  H N N 215 
MET HE1  H N N 216 
MET HE2  H N N 217 
MET HE3  H N N 218 
MET HXT  H N N 219 
PHE N    N N N 220 
PHE CA   C N S 221 
PHE C    C N N 222 
PHE O    O N N 223 
PHE CB   C N N 224 
PHE CG   C Y N 225 
PHE CD1  C Y N 226 
PHE CD2  C Y N 227 
PHE CE1  C Y N 228 
PHE CE2  C Y N 229 
PHE CZ   C Y N 230 
PHE OXT  O N N 231 
PHE H    H N N 232 
PHE H2   H N N 233 
PHE HA   H N N 234 
PHE HB2  H N N 235 
PHE HB3  H N N 236 
PHE HD1  H N N 237 
PHE HD2  H N N 238 
PHE HE1  H N N 239 
PHE HE2  H N N 240 
PHE HZ   H N N 241 
PHE HXT  H N N 242 
PRO N    N N N 243 
PRO CA   C N S 244 
PRO C    C N N 245 
PRO O    O N N 246 
PRO CB   C N N 247 
PRO CG   C N N 248 
PRO CD   C N N 249 
PRO OXT  O N N 250 
PRO H    H N N 251 
PRO HA   H N N 252 
PRO HB2  H N N 253 
PRO HB3  H N N 254 
PRO HG2  H N N 255 
PRO HG3  H N N 256 
PRO HD2  H N N 257 
PRO HD3  H N N 258 
PRO HXT  H N N 259 
SER N    N N N 260 
SER CA   C N S 261 
SER C    C N N 262 
SER O    O N N 263 
SER CB   C N N 264 
SER OG   O N N 265 
SER OXT  O N N 266 
SER H    H N N 267 
SER H2   H N N 268 
SER HA   H N N 269 
SER HB2  H N N 270 
SER HB3  H N N 271 
SER HG   H N N 272 
SER HXT  H N N 273 
THR N    N N N 274 
THR CA   C N S 275 
THR C    C N N 276 
THR O    O N N 277 
THR CB   C N R 278 
THR OG1  O N N 279 
THR CG2  C N N 280 
THR OXT  O N N 281 
THR H    H N N 282 
THR H2   H N N 283 
THR HA   H N N 284 
THR HB   H N N 285 
THR HG1  H N N 286 
THR HG21 H N N 287 
THR HG22 H N N 288 
THR HG23 H N N 289 
THR HXT  H N N 290 
TRP N    N N N 291 
TRP CA   C N S 292 
TRP C    C N N 293 
TRP O    O N N 294 
TRP CB   C N N 295 
TRP CG   C Y N 296 
TRP CD1  C Y N 297 
TRP CD2  C Y N 298 
TRP NE1  N Y N 299 
TRP CE2  C Y N 300 
TRP CE3  C Y N 301 
TRP CZ2  C Y N 302 
TRP CZ3  C Y N 303 
TRP CH2  C Y N 304 
TRP OXT  O N N 305 
TRP H    H N N 306 
TRP H2   H N N 307 
TRP HA   H N N 308 
TRP HB2  H N N 309 
TRP HB3  H N N 310 
TRP HD1  H N N 311 
TRP HE1  H N N 312 
TRP HE3  H N N 313 
TRP HZ2  H N N 314 
TRP HZ3  H N N 315 
TRP HH2  H N N 316 
TRP HXT  H N N 317 
TYR N    N N N 318 
TYR CA   C N S 319 
TYR C    C N N 320 
TYR O    O N N 321 
TYR CB   C N N 322 
TYR CG   C Y N 323 
TYR CD1  C Y N 324 
TYR CD2  C Y N 325 
TYR CE1  C Y N 326 
TYR CE2  C Y N 327 
TYR CZ   C Y N 328 
TYR OH   O N N 329 
TYR OXT  O N N 330 
TYR H    H N N 331 
TYR H2   H N N 332 
TYR HA   H N N 333 
TYR HB2  H N N 334 
TYR HB3  H N N 335 
TYR HD1  H N N 336 
TYR HD2  H N N 337 
TYR HE1  H N N 338 
TYR HE2  H N N 339 
TYR HH   H N N 340 
TYR HXT  H N N 341 
VAL N    N N N 342 
VAL CA   C N S 343 
VAL C    C N N 344 
VAL O    O N N 345 
VAL CB   C N N 346 
VAL CG1  C N N 347 
VAL CG2  C N N 348 
VAL OXT  O N N 349 
VAL H    H N N 350 
VAL H2   H N N 351 
VAL HA   H N N 352 
VAL HB   H N N 353 
VAL HG11 H N N 354 
VAL HG12 H N N 355 
VAL HG13 H N N 356 
VAL HG21 H N N 357 
VAL HG22 H N N 358 
VAL HG23 H N N 359 
VAL HXT  H N N 360 
# 
loop_
_chem_comp_bond.comp_id 
_chem_comp_bond.atom_id_1 
_chem_comp_bond.atom_id_2 
_chem_comp_bond.value_order 
_chem_comp_bond.pdbx_aromatic_flag 
_chem_comp_bond.pdbx_stereo_config 
_chem_comp_bond.pdbx_ordinal 
ALA N   CA   sing N N 1   
ALA N   H    sing N N 2   
ALA N   H2   sing N N 3   
ALA CA  C    sing N N 4   
ALA CA  CB   sing N N 5   
ALA CA  HA   sing N N 6   
ALA C   O    doub N N 7   
ALA C   OXT  sing N N 8   
ALA CB  HB1  sing N N 9   
ALA CB  HB2  sing N N 10  
ALA CB  HB3  sing N N 11  
ALA OXT HXT  sing N N 12  
ASN N   CA   sing N N 13  
ASN N   H    sing N N 14  
ASN N   H2   sing N N 15  
ASN CA  C    sing N N 16  
ASN CA  CB   sing N N 17  
ASN CA  HA   sing N N 18  
ASN C   O    doub N N 19  
ASN C   OXT  sing N N 20  
ASN CB  CG   sing N N 21  
ASN CB  HB2  sing N N 22  
ASN CB  HB3  sing N N 23  
ASN CG  OD1  doub N N 24  
ASN CG  ND2  sing N N 25  
ASN ND2 HD21 sing N N 26  
ASN ND2 HD22 sing N N 27  
ASN OXT HXT  sing N N 28  
ASP N   CA   sing N N 29  
ASP N   H    sing N N 30  
ASP N   H2   sing N N 31  
ASP CA  C    sing N N 32  
ASP CA  CB   sing N N 33  
ASP CA  HA   sing N N 34  
ASP C   O    doub N N 35  
ASP C   OXT  sing N N 36  
ASP CB  CG   sing N N 37  
ASP CB  HB2  sing N N 38  
ASP CB  HB3  sing N N 39  
ASP CG  OD1  doub N N 40  
ASP CG  OD2  sing N N 41  
ASP OD2 HD2  sing N N 42  
ASP OXT HXT  sing N N 43  
CYS N   CA   sing N N 44  
CYS N   H    sing N N 45  
CYS N   H2   sing N N 46  
CYS CA  C    sing N N 47  
CYS CA  CB   sing N N 48  
CYS CA  HA   sing N N 49  
CYS C   O    doub N N 50  
CYS C   OXT  sing N N 51  
CYS CB  SG   sing N N 52  
CYS CB  HB2  sing N N 53  
CYS CB  HB3  sing N N 54  
CYS SG  HG   sing N N 55  
CYS OXT HXT  sing N N 56  
GLN N   CA   sing N N 57  
GLN N   H    sing N N 58  
GLN N   H2   sing N N 59  
GLN CA  C    sing N N 60  
GLN CA  CB   sing N N 61  
GLN CA  HA   sing N N 62  
GLN C   O    doub N N 63  
GLN C   OXT  sing N N 64  
GLN CB  CG   sing N N 65  
GLN CB  HB2  sing N N 66  
GLN CB  HB3  sing N N 67  
GLN CG  CD   sing N N 68  
GLN CG  HG2  sing N N 69  
GLN CG  HG3  sing N N 70  
GLN CD  OE1  doub N N 71  
GLN CD  NE2  sing N N 72  
GLN NE2 HE21 sing N N 73  
GLN NE2 HE22 sing N N 74  
GLN OXT HXT  sing N N 75  
GLU N   CA   sing N N 76  
GLU N   H    sing N N 77  
GLU N   H2   sing N N 78  
GLU CA  C    sing N N 79  
GLU CA  CB   sing N N 80  
GLU CA  HA   sing N N 81  
GLU C   O    doub N N 82  
GLU C   OXT  sing N N 83  
GLU CB  CG   sing N N 84  
GLU CB  HB2  sing N N 85  
GLU CB  HB3  sing N N 86  
GLU CG  CD   sing N N 87  
GLU CG  HG2  sing N N 88  
GLU CG  HG3  sing N N 89  
GLU CD  OE1  doub N N 90  
GLU CD  OE2  sing N N 91  
GLU OE2 HE2  sing N N 92  
GLU OXT HXT  sing N N 93  
GLY N   CA   sing N N 94  
GLY N   H    sing N N 95  
GLY N   H2   sing N N 96  
GLY CA  C    sing N N 97  
GLY CA  HA2  sing N N 98  
GLY CA  HA3  sing N N 99  
GLY C   O    doub N N 100 
GLY C   OXT  sing N N 101 
GLY OXT HXT  sing N N 102 
HIS N   CA   sing N N 103 
HIS N   H    sing N N 104 
HIS N   H2   sing N N 105 
HIS CA  C    sing N N 106 
HIS CA  CB   sing N N 107 
HIS CA  HA   sing N N 108 
HIS C   O    doub N N 109 
HIS C   OXT  sing N N 110 
HIS CB  CG   sing N N 111 
HIS CB  HB2  sing N N 112 
HIS CB  HB3  sing N N 113 
HIS CG  ND1  sing Y N 114 
HIS CG  CD2  doub Y N 115 
HIS ND1 CE1  doub Y N 116 
HIS ND1 HD1  sing N N 117 
HIS CD2 NE2  sing Y N 118 
HIS CD2 HD2  sing N N 119 
HIS CE1 NE2  sing Y N 120 
HIS CE1 HE1  sing N N 121 
HIS NE2 HE2  sing N N 122 
HIS OXT HXT  sing N N 123 
ILE N   CA   sing N N 124 
ILE N   H    sing N N 125 
ILE N   H2   sing N N 126 
ILE CA  C    sing N N 127 
ILE CA  CB   sing N N 128 
ILE CA  HA   sing N N 129 
ILE C   O    doub N N 130 
ILE C   OXT  sing N N 131 
ILE CB  CG1  sing N N 132 
ILE CB  CG2  sing N N 133 
ILE CB  HB   sing N N 134 
ILE CG1 CD1  sing N N 135 
ILE CG1 HG12 sing N N 136 
ILE CG1 HG13 sing N N 137 
ILE CG2 HG21 sing N N 138 
ILE CG2 HG22 sing N N 139 
ILE CG2 HG23 sing N N 140 
ILE CD1 HD11 sing N N 141 
ILE CD1 HD12 sing N N 142 
ILE CD1 HD13 sing N N 143 
ILE OXT HXT  sing N N 144 
LEU N   CA   sing N N 145 
LEU N   H    sing N N 146 
LEU N   H2   sing N N 147 
LEU CA  C    sing N N 148 
LEU CA  CB   sing N N 149 
LEU CA  HA   sing N N 150 
LEU C   O    doub N N 151 
LEU C   OXT  sing N N 152 
LEU CB  CG   sing N N 153 
LEU CB  HB2  sing N N 154 
LEU CB  HB3  sing N N 155 
LEU CG  CD1  sing N N 156 
LEU CG  CD2  sing N N 157 
LEU CG  HG   sing N N 158 
LEU CD1 HD11 sing N N 159 
LEU CD1 HD12 sing N N 160 
LEU CD1 HD13 sing N N 161 
LEU CD2 HD21 sing N N 162 
LEU CD2 HD22 sing N N 163 
LEU CD2 HD23 sing N N 164 
LEU OXT HXT  sing N N 165 
LYS N   CA   sing N N 166 
LYS N   H    sing N N 167 
LYS N   H2   sing N N 168 
LYS CA  C    sing N N 169 
LYS CA  CB   sing N N 170 
LYS CA  HA   sing N N 171 
LYS C   O    doub N N 172 
LYS C   OXT  sing N N 173 
LYS CB  CG   sing N N 174 
LYS CB  HB2  sing N N 175 
LYS CB  HB3  sing N N 176 
LYS CG  CD   sing N N 177 
LYS CG  HG2  sing N N 178 
LYS CG  HG3  sing N N 179 
LYS CD  CE   sing N N 180 
LYS CD  HD2  sing N N 181 
LYS CD  HD3  sing N N 182 
LYS CE  NZ   sing N N 183 
LYS CE  HE2  sing N N 184 
LYS CE  HE3  sing N N 185 
LYS NZ  HZ1  sing N N 186 
LYS NZ  HZ2  sing N N 187 
LYS NZ  HZ3  sing N N 188 
LYS OXT HXT  sing N N 189 
MET N   CA   sing N N 190 
MET N   H    sing N N 191 
MET N   H2   sing N N 192 
MET CA  C    sing N N 193 
MET CA  CB   sing N N 194 
MET CA  HA   sing N N 195 
MET C   O    doub N N 196 
MET C   OXT  sing N N 197 
MET CB  CG   sing N N 198 
MET CB  HB2  sing N N 199 
MET CB  HB3  sing N N 200 
MET CG  SD   sing N N 201 
MET CG  HG2  sing N N 202 
MET CG  HG3  sing N N 203 
MET SD  CE   sing N N 204 
MET CE  HE1  sing N N 205 
MET CE  HE2  sing N N 206 
MET CE  HE3  sing N N 207 
MET OXT HXT  sing N N 208 
PHE N   CA   sing N N 209 
PHE N   H    sing N N 210 
PHE N   H2   sing N N 211 
PHE CA  C    sing N N 212 
PHE CA  CB   sing N N 213 
PHE CA  HA   sing N N 214 
PHE C   O    doub N N 215 
PHE C   OXT  sing N N 216 
PHE CB  CG   sing N N 217 
PHE CB  HB2  sing N N 218 
PHE CB  HB3  sing N N 219 
PHE CG  CD1  doub Y N 220 
PHE CG  CD2  sing Y N 221 
PHE CD1 CE1  sing Y N 222 
PHE CD1 HD1  sing N N 223 
PHE CD2 CE2  doub Y N 224 
PHE CD2 HD2  sing N N 225 
PHE CE1 CZ   doub Y N 226 
PHE CE1 HE1  sing N N 227 
PHE CE2 CZ   sing Y N 228 
PHE CE2 HE2  sing N N 229 
PHE CZ  HZ   sing N N 230 
PHE OXT HXT  sing N N 231 
PRO N   CA   sing N N 232 
PRO N   CD   sing N N 233 
PRO N   H    sing N N 234 
PRO CA  C    sing N N 235 
PRO CA  CB   sing N N 236 
PRO CA  HA   sing N N 237 
PRO C   O    doub N N 238 
PRO C   OXT  sing N N 239 
PRO CB  CG   sing N N 240 
PRO CB  HB2  sing N N 241 
PRO CB  HB3  sing N N 242 
PRO CG  CD   sing N N 243 
PRO CG  HG2  sing N N 244 
PRO CG  HG3  sing N N 245 
PRO CD  HD2  sing N N 246 
PRO CD  HD3  sing N N 247 
PRO OXT HXT  sing N N 248 
SER N   CA   sing N N 249 
SER N   H    sing N N 250 
SER N   H2   sing N N 251 
SER CA  C    sing N N 252 
SER CA  CB   sing N N 253 
SER CA  HA   sing N N 254 
SER C   O    doub N N 255 
SER C   OXT  sing N N 256 
SER CB  OG   sing N N 257 
SER CB  HB2  sing N N 258 
SER CB  HB3  sing N N 259 
SER OG  HG   sing N N 260 
SER OXT HXT  sing N N 261 
THR N   CA   sing N N 262 
THR N   H    sing N N 263 
THR N   H2   sing N N 264 
THR CA  C    sing N N 265 
THR CA  CB   sing N N 266 
THR CA  HA   sing N N 267 
THR C   O    doub N N 268 
THR C   OXT  sing N N 269 
THR CB  OG1  sing N N 270 
THR CB  CG2  sing N N 271 
THR CB  HB   sing N N 272 
THR OG1 HG1  sing N N 273 
THR CG2 HG21 sing N N 274 
THR CG2 HG22 sing N N 275 
THR CG2 HG23 sing N N 276 
THR OXT HXT  sing N N 277 
TRP N   CA   sing N N 278 
TRP N   H    sing N N 279 
TRP N   H2   sing N N 280 
TRP CA  C    sing N N 281 
TRP CA  CB   sing N N 282 
TRP CA  HA   sing N N 283 
TRP C   O    doub N N 284 
TRP C   OXT  sing N N 285 
TRP CB  CG   sing N N 286 
TRP CB  HB2  sing N N 287 
TRP CB  HB3  sing N N 288 
TRP CG  CD1  doub Y N 289 
TRP CG  CD2  sing Y N 290 
TRP CD1 NE1  sing Y N 291 
TRP CD1 HD1  sing N N 292 
TRP CD2 CE2  doub Y N 293 
TRP CD2 CE3  sing Y N 294 
TRP NE1 CE2  sing Y N 295 
TRP NE1 HE1  sing N N 296 
TRP CE2 CZ2  sing Y N 297 
TRP CE3 CZ3  doub Y N 298 
TRP CE3 HE3  sing N N 299 
TRP CZ2 CH2  doub Y N 300 
TRP CZ2 HZ2  sing N N 301 
TRP CZ3 CH2  sing Y N 302 
TRP CZ3 HZ3  sing N N 303 
TRP CH2 HH2  sing N N 304 
TRP OXT HXT  sing N N 305 
TYR N   CA   sing N N 306 
TYR N   H    sing N N 307 
TYR N   H2   sing N N 308 
TYR CA  C    sing N N 309 
TYR CA  CB   sing N N 310 
TYR CA  HA   sing N N 311 
TYR C   O    doub N N 312 
TYR C   OXT  sing N N 313 
TYR CB  CG   sing N N 314 
TYR CB  HB2  sing N N 315 
TYR CB  HB3  sing N N 316 
TYR CG  CD1  doub Y N 317 
TYR CG  CD2  sing Y N 318 
TYR CD1 CE1  sing Y N 319 
TYR CD1 HD1  sing N N 320 
TYR CD2 CE2  doub Y N 321 
TYR CD2 HD2  sing N N 322 
TYR CE1 CZ   doub Y N 323 
TYR CE1 HE1  sing N N 324 
TYR CE2 CZ   sing Y N 325 
TYR CE2 HE2  sing N N 326 
TYR CZ  OH   sing N N 327 
TYR OH  HH   sing N N 328 
TYR OXT HXT  sing N N 329 
VAL N   CA   sing N N 330 
VAL N   H    sing N N 331 
VAL N   H2   sing N N 332 
VAL CA  C    sing N N 333 
VAL CA  CB   sing N N 334 
VAL CA  HA   sing N N 335 
VAL C   O    doub N N 336 
VAL C   OXT  sing N N 337 
VAL CB  CG1  sing N N 338 
VAL CB  CG2  sing N N 339 
VAL CB  HB   sing N N 340 
VAL CG1 HG11 sing N N 341 
VAL CG1 HG12 sing N N 342 
VAL CG1 HG13 sing N N 343 
VAL CG2 HG21 sing N N 344 
VAL CG2 HG22 sing N N 345 
VAL CG2 HG23 sing N N 346 
VAL OXT HXT  sing N N 347 
# 
_atom_sites.entry_id                    1TIT 
_atom_sites.fract_transf_matrix[1][1]   1.000000 
_atom_sites.fract_transf_matrix[1][2]   0.000000 
_atom_sites.fract_transf_matrix[1][3]   0.000000 
_atom_sites.fract_transf_matrix[2][1]   0.000000 
_atom_sites.fract_transf_matrix[2][2]   1.000000 
_atom_sites.fract_transf_matrix[2][3]   0.000000 
_atom_sites.fract_transf_matrix[3][1]   0.000000 
_atom_sites.fract_transf_matrix[3][2]   0.000000 
_atom_sites.fract_transf_matrix[3][3]   1.000000 
_atom_sites.fract_transf_vector[1]      0.00000 
_atom_sites.fract_transf_vector[2]      0.00000 
_atom_sites.fract_transf_vector[3]      0.00000 
# 
loop_
_atom_type.symbol 
C 
H 
N 
O 
S 
# 
loop_
_atom_site.group_PDB 
_atom_site.id 
_atom_site.type_symbol 
_atom_site.label_atom_id 
_atom_site.label_alt_id 
_atom_site.label_comp_id 
_atom_site.label_asym_id 
_atom_site.label_entity_id 
_atom_site.label_seq_id 
_atom_site.pdbx_PDB_ins_code 
_atom_site.Cartn_x 
_atom_site.Cartn_y 
_atom_site.Cartn_z 
_atom_site.occupancy 
_atom_site.B_iso_or_equiv 
_atom_site.pdbx_formal_charge 
_atom_site.auth_seq_id 
_atom_site.auth_comp_id 
_atom_site.auth_asym_id 
_atom_site.auth_atom_id 
_atom_site.pdbx_PDB_model_num 
ATOM 1    N N    . LEU A 1 10 ? -6.028  17.110  11.279  1.00 1.53 ? 1  LEU A N    1 
ATOM 2    C CA   . LEU A 1 10 ? -4.965  17.280  10.247  1.00 1.23 ? 1  LEU A CA   1 
ATOM 3    C C    . LEU A 1 10 ? -3.679  16.579  10.694  1.00 1.07 ? 1  LEU A C    1 
ATOM 4    O O    . LEU A 1 10 ? -3.008  17.016  11.610  1.00 1.34 ? 1  LEU A O    1 
ATOM 5    C CB   . LEU A 1 10 ? -4.744  18.789  10.149  1.00 1.41 ? 1  LEU A CB   1 
ATOM 6    C CG   . LEU A 1 10 ? -5.901  19.427  9.377   1.00 2.08 ? 1  LEU A CG   1 
ATOM 7    C CD1  . LEU A 1 10 ? -6.485  20.580  10.194  1.00 2.67 ? 1  LEU A CD1  1 
ATOM 8    C CD2  . LEU A 1 10 ? -5.385  19.962  8.040   1.00 2.62 ? 1  LEU A CD2  1 
ATOM 9    H HA   . LEU A 1 10 ? -5.295  16.892  9.297   1.00 1.36 ? 1  LEU A HA   1 
ATOM 10   H HB2  . LEU A 1 10 ? -4.697  19.211  11.143  1.00 1.65 ? 1  LEU A HB2  1 
ATOM 11   H HB3  . LEU A 1 10 ? -3.818  18.985  9.630   1.00 1.70 ? 1  LEU A HB3  1 
ATOM 12   H HG   . LEU A 1 10 ? -6.668  18.687  9.199   1.00 2.43 ? 1  LEU A HG   1 
ATOM 13   H HD11 . LEU A 1 10 ? -5.683  21.140  10.653  1.00 3.14 ? 1  LEU A HD11 1 
ATOM 14   H HD12 . LEU A 1 10 ? -7.051  21.231  9.546   1.00 2.70 ? 1  LEU A HD12 1 
ATOM 15   H HD13 . LEU A 1 10 ? -7.134  20.185  10.962  1.00 3.22 ? 1  LEU A HD13 1 
ATOM 16   H HD21 . LEU A 1 10 ? -4.560  19.352  7.701   1.00 2.96 ? 1  LEU A HD21 1 
ATOM 17   H HD22 . LEU A 1 10 ? -6.179  19.931  7.308   1.00 3.04 ? 1  LEU A HD22 1 
ATOM 18   H HD23 . LEU A 1 10 ? -5.051  20.983  8.165   1.00 2.96 ? 1  LEU A HD23 1 
ATOM 19   N N    . ILE A 1 11 ? -3.328  15.497  10.055  1.00 0.90 ? 2  ILE A N    1 
ATOM 20   C CA   . ILE A 1 11 ? -2.085  14.771  10.444  1.00 0.96 ? 2  ILE A CA   1 
ATOM 21   C C    . ILE A 1 11 ? -1.139  14.666  9.246   1.00 0.88 ? 2  ILE A C    1 
ATOM 22   O O    . ILE A 1 11 ? -1.417  15.169  8.176   1.00 1.35 ? 2  ILE A O    1 
ATOM 23   C CB   . ILE A 1 11 ? -2.554  13.384  10.879  1.00 1.52 ? 2  ILE A CB   1 
ATOM 24   C CG1  . ILE A 1 11 ? -4.042  13.223  10.554  1.00 2.22 ? 2  ILE A CG1  1 
ATOM 25   C CG2  . ILE A 1 11 ? -2.342  13.220  12.385  1.00 1.84 ? 2  ILE A CG2  1 
ATOM 26   C CD1  . ILE A 1 11 ? -4.532  11.869  11.072  1.00 2.83 ? 2  ILE A CD1  1 
ATOM 27   H H    . ILE A 1 11 ? -3.881  15.161  9.319   1.00 0.98 ? 2  ILE A H    1 
ATOM 28   H HA   . ILE A 1 11 ? -1.599  15.272  11.267  1.00 1.22 ? 2  ILE A HA   1 
ATOM 29   H HB   . ILE A 1 11 ? -1.986  12.631  10.352  1.00 2.22 ? 2  ILE A HB   1 
ATOM 30   H HG12 . ILE A 1 11 ? -4.600  14.016  11.031  1.00 2.46 ? 2  ILE A HG12 1 
ATOM 31   H HG13 . ILE A 1 11 ? -4.186  13.272  9.486   1.00 2.82 ? 2  ILE A HG13 1 
ATOM 32   H HG21 . ILE A 1 11 ? -1.318  13.458  12.632  1.00 2.37 ? 2  ILE A HG21 1 
ATOM 33   H HG22 . ILE A 1 11 ? -3.005  13.888  12.917  1.00 2.27 ? 2  ILE A HG22 1 
ATOM 34   H HG23 . ILE A 1 11 ? -2.554  12.201  12.670  1.00 2.13 ? 2  ILE A HG23 1 
ATOM 35   H HD11 . ILE A 1 11 ? -3.765  11.125  10.912  1.00 3.06 ? 2  ILE A HD11 1 
ATOM 36   H HD12 . ILE A 1 11 ? -4.747  11.941  12.127  1.00 3.14 ? 2  ILE A HD12 1 
ATOM 37   H HD13 . ILE A 1 11 ? -5.426  11.582  10.539  1.00 3.35 ? 2  ILE A HD13 1 
ATOM 38   N N    . GLU A 1 12 ? -0.022  14.014  9.418   1.00 0.91 ? 3  GLU A N    1 
ATOM 39   C CA   . GLU A 1 12 ? 0.942   13.877  8.289   1.00 1.23 ? 3  GLU A CA   1 
ATOM 40   C C    . GLU A 1 12 ? 1.413   12.425  8.167   1.00 1.01 ? 3  GLU A C    1 
ATOM 41   O O    . GLU A 1 12 ? 0.788   11.513  8.672   1.00 1.55 ? 3  GLU A O    1 
ATOM 42   C CB   . GLU A 1 12 ? 2.111   14.793  8.651   1.00 1.82 ? 3  GLU A CB   1 
ATOM 43   C CG   . GLU A 1 12 ? 1.891   16.172  8.025   1.00 2.60 ? 3  GLU A CG   1 
ATOM 44   C CD   . GLU A 1 12 ? 2.996   17.125  8.486   1.00 3.24 ? 3  GLU A CD   1 
ATOM 45   O OE1  . GLU A 1 12 ? 3.795   16.719  9.313   1.00 3.64 ? 3  GLU A OE1  1 
ATOM 46   O OE2  . GLU A 1 12 ? 3.022   18.246  8.004   1.00 3.80 ? 3  GLU A OE2  1 
ATOM 47   H H    . GLU A 1 12 ? 0.185   13.615  10.289  1.00 1.14 ? 3  GLU A H    1 
ATOM 48   H HA   . GLU A 1 12 ? 0.490   14.204  7.365   1.00 1.56 ? 3  GLU A HA   1 
ATOM 49   H HB2  . GLU A 1 12 ? 2.172   14.890  9.726   1.00 2.07 ? 3  GLU A HB2  1 
ATOM 50   H HB3  . GLU A 1 12 ? 3.031   14.370  8.274   1.00 2.13 ? 3  GLU A HB3  1 
ATOM 51   H HG2  . GLU A 1 12 ? 1.916   16.085  6.948   1.00 2.98 ? 3  GLU A HG2  1 
ATOM 52   H HG3  . GLU A 1 12 ? 0.932   16.558  8.332   1.00 2.97 ? 3  GLU A HG3  1 
ATOM 53   N N    . VAL A 1 13 ? 2.510   12.204  7.496   1.00 1.01 ? 4  VAL A N    1 
ATOM 54   C CA   . VAL A 1 13 ? 3.023   10.813  7.338   1.00 0.77 ? 4  VAL A CA   1 
ATOM 55   C C    . VAL A 1 13 ? 4.450   10.709  7.885   1.00 0.76 ? 4  VAL A C    1 
ATOM 56   O O    . VAL A 1 13 ? 5.413   10.942  7.181   1.00 1.03 ? 4  VAL A O    1 
ATOM 57   C CB   . VAL A 1 13 ? 3.003   10.557  5.830   1.00 0.76 ? 4  VAL A CB   1 
ATOM 58   C CG1  . VAL A 1 13 ? 3.849   9.324   5.507   1.00 0.96 ? 4  VAL A CG1  1 
ATOM 59   C CG2  . VAL A 1 13 ? 1.561   10.315  5.373   1.00 1.04 ? 4  VAL A CG2  1 
ATOM 60   H H    . VAL A 1 13 ? 2.998   12.953  7.095   1.00 1.60 ? 4  VAL A H    1 
ATOM 61   H HA   . VAL A 1 13 ? 2.374   10.112  7.839   1.00 0.79 ? 4  VAL A HA   1 
ATOM 62   H HB   . VAL A 1 13 ? 3.407   11.414  5.313   1.00 1.07 ? 4  VAL A HB   1 
ATOM 63   H HG11 . VAL A 1 13 ? 4.117   8.822   6.424   1.00 1.37 ? 4  VAL A HG11 1 
ATOM 64   H HG12 . VAL A 1 13 ? 3.282   8.651   4.882   1.00 1.41 ? 4  VAL A HG12 1 
ATOM 65   H HG13 . VAL A 1 13 ? 4.746   9.629   4.989   1.00 1.63 ? 4  VAL A HG13 1 
ATOM 66   H HG21 . VAL A 1 13 ? 0.966   9.993   6.215   1.00 1.57 ? 4  VAL A HG21 1 
ATOM 67   H HG22 . VAL A 1 13 ? 1.151   11.231  4.974   1.00 1.64 ? 4  VAL A HG22 1 
ATOM 68   H HG23 . VAL A 1 13 ? 1.547   9.553   4.610   1.00 1.37 ? 4  VAL A HG23 1 
ATOM 69   N N    . GLU A 1 14 ? 4.593   10.367  9.138   1.00 0.62 ? 5  GLU A N    1 
ATOM 70   C CA   . GLU A 1 14 ? 5.959   10.253  9.730   1.00 0.72 ? 5  GLU A CA   1 
ATOM 71   C C    . GLU A 1 14 ? 6.808   9.270   8.923   1.00 0.67 ? 5  GLU A C    1 
ATOM 72   O O    . GLU A 1 14 ? 8.004   9.438   8.782   1.00 0.79 ? 5  GLU A O    1 
ATOM 73   C CB   . GLU A 1 14 ? 5.736   9.723   11.148  1.00 0.79 ? 5  GLU A CB   1 
ATOM 74   C CG   . GLU A 1 14 ? 4.495   10.382  11.751  1.00 1.37 ? 5  GLU A CG   1 
ATOM 75   C CD   . GLU A 1 14 ? 4.867   11.757  12.306  1.00 1.81 ? 5  GLU A CD   1 
ATOM 76   O OE1  . GLU A 1 14 ? 5.295   11.818  13.446  1.00 2.26 ? 5  GLU A OE1  1 
ATOM 77   O OE2  . GLU A 1 14 ? 4.716   12.727  11.581  1.00 2.42 ? 5  GLU A OE2  1 
ATOM 78   H H    . GLU A 1 14 ? 3.803   10.187  9.689   1.00 0.63 ? 5  GLU A H    1 
ATOM 79   H HA   . GLU A 1 14 ? 6.434   11.219  9.770   1.00 0.84 ? 5  GLU A HA   1 
ATOM 80   H HB2  . GLU A 1 14 ? 5.596   8.652   11.112  1.00 1.18 ? 5  GLU A HB2  1 
ATOM 81   H HB3  . GLU A 1 14 ? 6.596   9.954   11.757  1.00 1.12 ? 5  GLU A HB3  1 
ATOM 82   H HG2  . GLU A 1 14 ? 3.740   10.491  10.984  1.00 1.86 ? 5  GLU A HG2  1 
ATOM 83   H HG3  . GLU A 1 14 ? 4.112   9.764   12.549  1.00 1.66 ? 5  GLU A HG3  1 
ATOM 84   N N    . LYS A 1 15 ? 6.202   8.243   8.398   1.00 0.59 ? 6  LYS A N    1 
ATOM 85   C CA   . LYS A 1 15 ? 6.975   7.246   7.605   1.00 0.58 ? 6  LYS A CA   1 
ATOM 86   C C    . LYS A 1 15 ? 6.277   6.974   6.272   1.00 0.46 ? 6  LYS A C    1 
ATOM 87   O O    . LYS A 1 15 ? 5.193   6.429   6.238   1.00 0.41 ? 6  LYS A O    1 
ATOM 88   C CB   . LYS A 1 15 ? 6.996   5.985   8.467   1.00 0.64 ? 6  LYS A CB   1 
ATOM 89   C CG   . LYS A 1 15 ? 8.263   5.185   8.170   1.00 1.18 ? 6  LYS A CG   1 
ATOM 90   C CD   . LYS A 1 15 ? 8.867   4.678   9.481   1.00 1.49 ? 6  LYS A CD   1 
ATOM 91   C CE   . LYS A 1 15 ? 10.333  4.302   9.256   1.00 2.10 ? 6  LYS A CE   1 
ATOM 92   N NZ   . LYS A 1 15 ? 10.897  4.112   10.622  1.00 2.76 ? 6  LYS A NZ   1 
ATOM 93   H H    . LYS A 1 15 ? 5.239   8.125   8.527   1.00 0.60 ? 6  LYS A H    1 
ATOM 94   H HA   . LYS A 1 15 ? 7.983   7.597   7.441   1.00 0.69 ? 6  LYS A HA   1 
ATOM 95   H HB2  . LYS A 1 15 ? 6.978   6.262   9.511   1.00 0.89 ? 6  LYS A HB2  1 
ATOM 96   H HB3  . LYS A 1 15 ? 6.130   5.379   8.240   1.00 0.89 ? 6  LYS A HB3  1 
ATOM 97   H HG2  . LYS A 1 15 ? 8.019   4.345   7.537   1.00 1.84 ? 6  LYS A HG2  1 
ATOM 98   H HG3  . LYS A 1 15 ? 8.978   5.818   7.669   1.00 1.77 ? 6  LYS A HG3  1 
ATOM 99   H HD2  . LYS A 1 15 ? 8.805   5.456   10.231  1.00 1.83 ? 6  LYS A HD2  1 
ATOM 100  H HD3  . LYS A 1 15 ? 8.322   3.809   9.817   1.00 2.00 ? 6  LYS A HD3  1 
ATOM 101  H HE2  . LYS A 1 15 ? 10.401  3.383   8.688   1.00 2.46 ? 6  LYS A HE2  1 
ATOM 102  H HE3  . LYS A 1 15 ? 10.854  5.099   8.750   1.00 2.52 ? 6  LYS A HE3  1 
ATOM 103  H HZ1  . LYS A 1 15 ? 10.723  4.964   11.190  1.00 3.07 ? 6  LYS A HZ1  1 
ATOM 104  H HZ2  . LYS A 1 15 ? 10.440  3.296   11.075  1.00 3.21 ? 6  LYS A HZ2  1 
ATOM 105  H HZ3  . LYS A 1 15 ? 11.921  3.943   10.552  1.00 3.12 ? 6  LYS A HZ3  1 
ATOM 106  N N    . PRO A 1 16 ? 6.930   7.368   5.214   1.00 0.48 ? 7  PRO A N    1 
ATOM 107  C CA   . PRO A 1 16 ? 6.374   7.166   3.854   1.00 0.43 ? 7  PRO A CA   1 
ATOM 108  C C    . PRO A 1 16 ? 6.444   5.688   3.463   1.00 0.39 ? 7  PRO A C    1 
ATOM 109  O O    . PRO A 1 16 ? 6.835   4.846   4.246   1.00 0.44 ? 7  PRO A O    1 
ATOM 110  C CB   . PRO A 1 16 ? 7.283   8.011   2.966   1.00 0.57 ? 7  PRO A CB   1 
ATOM 111  C CG   . PRO A 1 16 ? 8.572   8.113   3.718   1.00 0.65 ? 7  PRO A CG   1 
ATOM 112  C CD   . PRO A 1 16 ? 8.238   8.031   5.185   1.00 0.63 ? 7  PRO A CD   1 
ATOM 113  H HA   . PRO A 1 16 ? 5.360   7.530   3.800   1.00 0.42 ? 7  PRO A HA   1 
ATOM 114  H HB2  . PRO A 1 16 ? 7.437   7.520   2.014   1.00 0.59 ? 7  PRO A HB2  1 
ATOM 115  H HB3  . PRO A 1 16 ? 6.861   8.994   2.821   1.00 0.63 ? 7  PRO A HB3  1 
ATOM 116  H HG2  . PRO A 1 16 ? 9.226   7.298   3.439   1.00 0.67 ? 7  PRO A HG2  1 
ATOM 117  H HG3  . PRO A 1 16 ? 9.050   9.057   3.507   1.00 0.76 ? 7  PRO A HG3  1 
ATOM 118  H HD2  . PRO A 1 16 ? 8.978   7.442   5.709   1.00 0.70 ? 7  PRO A HD2  1 
ATOM 119  H HD3  . PRO A 1 16 ? 8.162   9.018   5.614   1.00 0.69 ? 7  PRO A HD3  1 
ATOM 120  N N    . LEU A 1 17 ? 6.063   5.366   2.257   1.00 0.37 ? 8  LEU A N    1 
ATOM 121  C CA   . LEU A 1 17 ? 6.105   3.943   1.818   1.00 0.40 ? 8  LEU A CA   1 
ATOM 122  C C    . LEU A 1 17 ? 7.493   3.594   1.270   1.00 0.48 ? 8  LEU A C    1 
ATOM 123  O O    . LEU A 1 17 ? 8.433   4.351   1.410   1.00 0.66 ? 8  LEU A O    1 
ATOM 124  C CB   . LEU A 1 17 ? 5.049   3.839   0.717   1.00 0.40 ? 8  LEU A CB   1 
ATOM 125  C CG   . LEU A 1 17 ? 3.682   4.217   1.288   1.00 0.38 ? 8  LEU A CG   1 
ATOM 126  C CD1  . LEU A 1 17 ? 2.724   4.550   0.145   1.00 0.39 ? 8  LEU A CD1  1 
ATOM 127  C CD2  . LEU A 1 17 ? 3.122   3.041   2.091   1.00 0.41 ? 8  LEU A CD2  1 
ATOM 128  H H    . LEU A 1 17 ? 5.748   6.059   1.641   1.00 0.39 ? 8  LEU A H    1 
ATOM 129  H HA   . LEU A 1 17 ? 5.848   3.288   2.636   1.00 0.44 ? 8  LEU A HA   1 
ATOM 130  H HB2  . LEU A 1 17 ? 5.304   4.513   -0.088  1.00 0.43 ? 8  LEU A HB2  1 
ATOM 131  H HB3  . LEU A 1 17 ? 5.015   2.827   0.345   1.00 0.46 ? 8  LEU A HB3  1 
ATOM 132  H HG   . LEU A 1 17 ? 3.786   5.078   1.934   1.00 0.40 ? 8  LEU A HG   1 
ATOM 133  H HD11 . LEU A 1 17 ? 2.951   3.930   -0.709  1.00 1.08 ? 8  LEU A HD11 1 
ATOM 134  H HD12 . LEU A 1 17 ? 1.706   4.368   0.462   1.00 1.10 ? 8  LEU A HD12 1 
ATOM 135  H HD13 . LEU A 1 17 ? 2.834   5.591   -0.126  1.00 1.06 ? 8  LEU A HD13 1 
ATOM 136  H HD21 . LEU A 1 17 ? 3.916   2.586   2.666   1.00 0.98 ? 8  LEU A HD21 1 
ATOM 137  H HD22 . LEU A 1 17 ? 2.351   3.395   2.760   1.00 1.00 ? 8  LEU A HD22 1 
ATOM 138  H HD23 . LEU A 1 17 ? 2.704   2.310   1.415   1.00 1.02 ? 8  LEU A HD23 1 
ATOM 139  N N    . TYR A 1 18 ? 7.629   2.453   0.652   1.00 0.48 ? 9  TYR A N    1 
ATOM 140  C CA   . TYR A 1 18 ? 8.957   2.055   0.100   1.00 0.59 ? 9  TYR A CA   1 
ATOM 141  C C    . TYR A 1 18 ? 8.776   1.228   -1.177  1.00 0.57 ? 9  TYR A C    1 
ATOM 142  O O    . TYR A 1 18 ? 8.050   0.255   -1.198  1.00 1.28 ? 9  TYR A O    1 
ATOM 143  C CB   . TYR A 1 18 ? 9.602   1.211   1.200   1.00 0.75 ? 9  TYR A CB   1 
ATOM 144  C CG   . TYR A 1 18 ? 10.510  2.078   2.038   1.00 1.33 ? 9  TYR A CG   1 
ATOM 145  C CD1  . TYR A 1 18 ? 10.021  3.267   2.596   1.00 2.04 ? 9  TYR A CD1  1 
ATOM 146  C CD2  . TYR A 1 18 ? 11.838  1.695   2.257   1.00 2.30 ? 9  TYR A CD2  1 
ATOM 147  C CE1  . TYR A 1 18 ? 10.863  4.072   3.372   1.00 3.00 ? 9  TYR A CE1  1 
ATOM 148  C CE2  . TYR A 1 18 ? 12.679  2.500   3.034   1.00 3.24 ? 9  TYR A CE2  1 
ATOM 149  C CZ   . TYR A 1 18 ? 12.191  3.688   3.592   1.00 3.44 ? 9  TYR A CZ   1 
ATOM 150  O OH   . TYR A 1 18 ? 13.021  4.481   4.358   1.00 4.53 ? 9  TYR A OH   1 
ATOM 151  H H    . TYR A 1 18 ? 6.858   1.855   0.552   1.00 0.52 ? 9  TYR A H    1 
ATOM 152  H HA   . TYR A 1 18 ? 9.560   2.928   -0.097  1.00 0.64 ? 9  TYR A HA   1 
ATOM 153  H HB2  . TYR A 1 18 ? 8.829   0.787   1.826   1.00 0.97 ? 9  TYR A HB2  1 
ATOM 154  H HB3  . TYR A 1 18 ? 10.178  0.415   0.751   1.00 1.46 ? 9  TYR A HB3  1 
ATOM 155  H HD1  . TYR A 1 18 ? 8.997   3.561   2.427   1.00 2.37 ? 9  TYR A HD1  1 
ATOM 156  H HD2  . TYR A 1 18 ? 12.213  0.779   1.826   1.00 2.70 ? 9  TYR A HD2  1 
ATOM 157  H HE1  . TYR A 1 18 ? 10.486  4.987   3.804   1.00 3.72 ? 9  TYR A HE1  1 
ATOM 158  H HE2  . TYR A 1 18 ? 13.704  2.205   3.203   1.00 4.10 ? 9  TYR A HE2  1 
ATOM 159  H HH   . TYR A 1 18 ? 13.897  4.089   4.349   1.00 4.82 ? 9  TYR A HH   1 
ATOM 160  N N    . GLY A 1 19 ? 9.432   1.606   -2.239  1.00 0.70 ? 10 GLY A N    1 
ATOM 161  C CA   . GLY A 1 19 ? 9.297   0.838   -3.510  1.00 0.68 ? 10 GLY A CA   1 
ATOM 162  C C    . GLY A 1 19 ? 9.871   -0.568  -3.318  1.00 0.66 ? 10 GLY A C    1 
ATOM 163  O O    . GLY A 1 19 ? 10.989  -0.737  -2.873  1.00 0.80 ? 10 GLY A O    1 
ATOM 164  H H    . GLY A 1 19 ? 10.015  2.393   -2.203  1.00 1.31 ? 10 GLY A H    1 
ATOM 165  H HA2  . GLY A 1 19 ? 8.253   0.770   -3.780  1.00 0.65 ? 10 GLY A HA2  1 
ATOM 166  H HA3  . GLY A 1 19 ? 9.842   1.340   -4.295  1.00 0.77 ? 10 GLY A HA3  1 
ATOM 167  N N    . VAL A 1 20 ? 9.114   -1.579  -3.646  1.00 0.58 ? 11 VAL A N    1 
ATOM 168  C CA   . VAL A 1 20 ? 9.619   -2.972  -3.476  1.00 0.61 ? 11 VAL A CA   1 
ATOM 169  C C    . VAL A 1 20 ? 9.356   -3.793  -4.742  1.00 0.52 ? 11 VAL A C    1 
ATOM 170  O O    . VAL A 1 20 ? 8.421   -3.542  -5.476  1.00 0.50 ? 11 VAL A O    1 
ATOM 171  C CB   . VAL A 1 20 ? 8.828   -3.537  -2.301  1.00 0.70 ? 11 VAL A CB   1 
ATOM 172  C CG1  . VAL A 1 20 ? 7.439   -3.937  -2.783  1.00 1.28 ? 11 VAL A CG1  1 
ATOM 173  C CG2  . VAL A 1 20 ? 9.548   -4.768  -1.747  1.00 1.46 ? 11 VAL A CG2  1 
ATOM 174  H H    . VAL A 1 20 ? 8.213   -1.423  -4.000  1.00 0.58 ? 11 VAL A H    1 
ATOM 175  H HA   . VAL A 1 20 ? 10.666  -2.968  -3.243  1.00 0.75 ? 11 VAL A HA   1 
ATOM 176  H HB   . VAL A 1 20 ? 8.741   -2.785  -1.529  1.00 1.35 ? 11 VAL A HB   1 
ATOM 177  H HG11 . VAL A 1 20 ? 7.347   -3.701  -3.833  1.00 1.81 ? 11 VAL A HG11 1 
ATOM 178  H HG12 . VAL A 1 20 ? 7.299   -4.996  -2.640  1.00 1.87 ? 11 VAL A HG12 1 
ATOM 179  H HG13 . VAL A 1 20 ? 6.694   -3.394  -2.224  1.00 1.81 ? 11 VAL A HG13 1 
ATOM 180  H HG21 . VAL A 1 20 ? 10.605  -4.561  -1.667  1.00 2.09 ? 11 VAL A HG21 1 
ATOM 181  H HG22 . VAL A 1 20 ? 9.152   -5.005  -0.770  1.00 1.92 ? 11 VAL A HG22 1 
ATOM 182  H HG23 . VAL A 1 20 ? 9.394   -5.604  -2.411  1.00 1.98 ? 11 VAL A HG23 1 
ATOM 183  N N    . GLU A 1 21 ? 10.176  -4.775  -5.001  1.00 0.65 ? 12 GLU A N    1 
ATOM 184  C CA   . GLU A 1 21 ? 9.973   -5.613  -6.218  1.00 0.60 ? 12 GLU A CA   1 
ATOM 185  C C    . GLU A 1 21 ? 9.374   -6.970  -5.833  1.00 0.60 ? 12 GLU A C    1 
ATOM 186  O O    . GLU A 1 21 ? 9.437   -7.385  -4.693  1.00 0.73 ? 12 GLU A O    1 
ATOM 187  C CB   . GLU A 1 21 ? 11.370  -5.796  -6.815  1.00 0.75 ? 12 GLU A CB   1 
ATOM 188  C CG   . GLU A 1 21 ? 12.175  -4.508  -6.632  1.00 1.34 ? 12 GLU A CG   1 
ATOM 189  C CD   . GLU A 1 21 ? 13.597  -4.714  -7.154  1.00 1.75 ? 12 GLU A CD   1 
ATOM 190  O OE1  . GLU A 1 21 ? 13.777  -5.569  -8.005  1.00 2.33 ? 12 GLU A OE1  1 
ATOM 191  O OE2  . GLU A 1 21 ? 14.484  -4.013  -6.695  1.00 2.16 ? 12 GLU A OE2  1 
ATOM 192  H H    . GLU A 1 21 ? 10.924  -4.963  -4.396  1.00 0.84 ? 12 GLU A H    1 
ATOM 193  H HA   . GLU A 1 21 ? 9.334   -5.106  -6.923  1.00 0.56 ? 12 GLU A HA   1 
ATOM 194  H HB2  . GLU A 1 21 ? 11.873  -6.610  -6.314  1.00 1.25 ? 12 GLU A HB2  1 
ATOM 195  H HB3  . GLU A 1 21 ? 11.286  -6.017  -7.869  1.00 1.10 ? 12 GLU A HB3  1 
ATOM 196  H HG2  . GLU A 1 21 ? 11.701  -3.706  -7.181  1.00 1.75 ? 12 GLU A HG2  1 
ATOM 197  H HG3  . GLU A 1 21 ? 12.212  -4.253  -5.584  1.00 1.88 ? 12 GLU A HG3  1 
ATOM 198  N N    . VAL A 1 22 ? 8.792   -7.660  -6.776  1.00 0.54 ? 13 VAL A N    1 
ATOM 199  C CA   . VAL A 1 22 ? 8.188   -8.987  -6.463  1.00 0.63 ? 13 VAL A CA   1 
ATOM 200  C C    . VAL A 1 22 ? 8.109   -9.846  -7.728  1.00 0.59 ? 13 VAL A C    1 
ATOM 201  O O    . VAL A 1 22 ? 7.915   -9.346  -8.818  1.00 0.70 ? 13 VAL A O    1 
ATOM 202  C CB   . VAL A 1 22 ? 6.787   -8.672  -5.939  1.00 0.77 ? 13 VAL A CB   1 
ATOM 203  C CG1  . VAL A 1 22 ? 6.184   -7.523  -6.749  1.00 0.91 ? 13 VAL A CG1  1 
ATOM 204  C CG2  . VAL A 1 22 ? 5.901   -9.911  -6.080  1.00 1.65 ? 13 VAL A CG2  1 
ATOM 205  H H    . VAL A 1 22 ? 8.752   -7.307  -7.689  1.00 0.50 ? 13 VAL A H    1 
ATOM 206  H HA   . VAL A 1 22 ? 8.760   -9.491  -5.699  1.00 0.73 ? 13 VAL A HA   1 
ATOM 207  H HB   . VAL A 1 22 ? 6.848   -8.385  -4.900  1.00 1.30 ? 13 VAL A HB   1 
ATOM 208  H HG11 . VAL A 1 22 ? 6.711   -7.427  -7.687  1.00 1.55 ? 13 VAL A HG11 1 
ATOM 209  H HG12 . VAL A 1 22 ? 5.140   -7.727  -6.942  1.00 1.47 ? 13 VAL A HG12 1 
ATOM 210  H HG13 . VAL A 1 22 ? 6.273   -6.603  -6.191  1.00 1.49 ? 13 VAL A HG13 1 
ATOM 211  H HG21 . VAL A 1 22 ? 6.327   -10.724 -5.508  1.00 2.17 ? 13 VAL A HG21 1 
ATOM 212  H HG22 . VAL A 1 22 ? 4.912   -9.689  -5.708  1.00 2.21 ? 13 VAL A HG22 1 
ATOM 213  H HG23 . VAL A 1 22 ? 5.840   -10.195 -7.119  1.00 2.10 ? 13 VAL A HG23 1 
ATOM 214  N N    . PHE A 1 23 ? 8.258   -11.136 -7.591  1.00 0.61 ? 14 PHE A N    1 
ATOM 215  C CA   . PHE A 1 23 ? 8.192   -12.026 -8.786  1.00 0.67 ? 14 PHE A CA   1 
ATOM 216  C C    . PHE A 1 23 ? 6.794   -12.642 -8.911  1.00 0.75 ? 14 PHE A C    1 
ATOM 217  O O    . PHE A 1 23 ? 6.589   -13.803 -8.619  1.00 1.46 ? 14 PHE A O    1 
ATOM 218  C CB   . PHE A 1 23 ? 9.233   -13.115 -8.527  1.00 0.79 ? 14 PHE A CB   1 
ATOM 219  C CG   . PHE A 1 23 ? 10.347  -13.002 -9.538  1.00 0.87 ? 14 PHE A CG   1 
ATOM 220  C CD1  . PHE A 1 23 ? 10.606  -11.774 -10.160 1.00 1.52 ? 14 PHE A CD1  1 
ATOM 221  C CD2  . PHE A 1 23 ? 11.122  -14.124 -9.857  1.00 1.54 ? 14 PHE A CD2  1 
ATOM 222  C CE1  . PHE A 1 23 ? 11.639  -11.668 -11.098 1.00 1.64 ? 14 PHE A CE1  1 
ATOM 223  C CE2  . PHE A 1 23 ? 12.155  -14.018 -10.795 1.00 1.62 ? 14 PHE A CE2  1 
ATOM 224  C CZ   . PHE A 1 23 ? 12.412  -12.790 -11.416 1.00 1.18 ? 14 PHE A CZ   1 
ATOM 225  H H    . PHE A 1 23 ? 8.414   -11.519 -6.703  1.00 0.73 ? 14 PHE A H    1 
ATOM 226  H HA   . PHE A 1 23 ? 8.445   -11.480 -9.681  1.00 0.64 ? 14 PHE A HA   1 
ATOM 227  H HB2  . PHE A 1 23 ? 9.637   -12.997 -7.532  1.00 0.83 ? 14 PHE A HB2  1 
ATOM 228  H HB3  . PHE A 1 23 ? 8.769   -14.086 -8.612  1.00 0.86 ? 14 PHE A HB3  1 
ATOM 229  H HD1  . PHE A 1 23 ? 10.009  -10.909 -9.914  1.00 2.31 ? 14 PHE A HD1  1 
ATOM 230  H HD2  . PHE A 1 23 ? 10.922  -15.072 -9.379  1.00 2.34 ? 14 PHE A HD2  1 
ATOM 231  H HE1  . PHE A 1 23 ? 11.838  -10.721 -11.576 1.00 2.46 ? 14 PHE A HE1  1 
ATOM 232  H HE2  . PHE A 1 23 ? 12.752  -14.883 -11.042 1.00 2.42 ? 14 PHE A HE2  1 
ATOM 233  H HZ   . PHE A 1 23 ? 13.209  -12.708 -12.139 1.00 1.33 ? 14 PHE A HZ   1 
ATOM 234  N N    . VAL A 1 24 ? 5.831   -11.871 -9.338  1.00 0.48 ? 15 VAL A N    1 
ATOM 235  C CA   . VAL A 1 24 ? 4.447   -12.414 -9.476  1.00 0.48 ? 15 VAL A CA   1 
ATOM 236  C C    . VAL A 1 24 ? 4.273   -13.646 -8.583  1.00 0.56 ? 15 VAL A C    1 
ATOM 237  O O    . VAL A 1 24 ? 4.792   -14.708 -8.866  1.00 0.72 ? 15 VAL A O    1 
ATOM 238  C CB   . VAL A 1 24 ? 4.313   -12.797 -10.950 1.00 0.52 ? 15 VAL A CB   1 
ATOM 239  C CG1  . VAL A 1 24 ? 2.964   -13.486 -11.177 1.00 1.02 ? 15 VAL A CG1  1 
ATOM 240  C CG2  . VAL A 1 24 ? 4.392   -11.538 -11.815 1.00 1.26 ? 15 VAL A CG2  1 
ATOM 241  H H    . VAL A 1 24 ? 6.015   -10.936 -9.566  1.00 0.91 ? 15 VAL A H    1 
ATOM 242  H HA   . VAL A 1 24 ? 3.720   -11.660 -9.222  1.00 0.57 ? 15 VAL A HA   1 
ATOM 243  H HB   . VAL A 1 24 ? 5.111   -13.473 -11.221 1.00 1.12 ? 15 VAL A HB   1 
ATOM 244  H HG11 . VAL A 1 24 ? 2.702   -14.064 -10.303 1.00 1.52 ? 15 VAL A HG11 1 
ATOM 245  H HG12 . VAL A 1 24 ? 2.203   -12.740 -11.356 1.00 1.73 ? 15 VAL A HG12 1 
ATOM 246  H HG13 . VAL A 1 24 ? 3.034   -14.140 -12.033 1.00 1.49 ? 15 VAL A HG13 1 
ATOM 247  H HG21 . VAL A 1 24 ? 4.528   -10.674 -11.180 1.00 1.84 ? 15 VAL A HG21 1 
ATOM 248  H HG22 . VAL A 1 24 ? 5.225   -11.620 -12.495 1.00 1.70 ? 15 VAL A HG22 1 
ATOM 249  H HG23 . VAL A 1 24 ? 3.475   -11.431 -12.378 1.00 1.88 ? 15 VAL A HG23 1 
ATOM 250  N N    . GLY A 1 25 ? 3.546   -13.512 -7.507  1.00 0.74 ? 16 GLY A N    1 
ATOM 251  C CA   . GLY A 1 25 ? 3.338   -14.676 -6.600  1.00 0.95 ? 16 GLY A CA   1 
ATOM 252  C C    . GLY A 1 25 ? 3.911   -14.360 -5.217  1.00 0.89 ? 16 GLY A C    1 
ATOM 253  O O    . GLY A 1 25 ? 3.345   -14.720 -4.204  1.00 1.04 ? 16 GLY A O    1 
ATOM 254  H H    . GLY A 1 25 ? 3.135   -12.649 -7.298  1.00 0.87 ? 16 GLY A H    1 
ATOM 255  H HA2  . GLY A 1 25 ? 2.280   -14.880 -6.515  1.00 1.08 ? 16 GLY A HA2  1 
ATOM 256  H HA3  . GLY A 1 25 ? 3.842   -15.543 -7.003  1.00 1.13 ? 16 GLY A HA3  1 
ATOM 257  N N    . GLU A 1 26 ? 5.030   -13.692 -5.164  1.00 0.79 ? 17 GLU A N    1 
ATOM 258  C CA   . GLU A 1 26 ? 5.635   -13.356 -3.843  1.00 0.86 ? 17 GLU A CA   1 
ATOM 259  C C    . GLU A 1 26 ? 4.662   -12.508 -3.017  1.00 0.73 ? 17 GLU A C    1 
ATOM 260  O O    . GLU A 1 26 ? 3.460   -12.647 -3.121  1.00 0.84 ? 17 GLU A O    1 
ATOM 261  C CB   . GLU A 1 26 ? 6.898   -12.561 -4.173  1.00 0.90 ? 17 GLU A CB   1 
ATOM 262  C CG   . GLU A 1 26 ? 8.131   -13.411 -3.853  1.00 1.40 ? 17 GLU A CG   1 
ATOM 263  C CD   . GLU A 1 26 ? 9.305   -12.955 -4.723  1.00 1.91 ? 17 GLU A CD   1 
ATOM 264  O OE1  . GLU A 1 26 ? 9.452   -13.486 -5.813  1.00 2.46 ? 17 GLU A OE1  1 
ATOM 265  O OE2  . GLU A 1 26 ? 10.040  -12.085 -4.285  1.00 2.49 ? 17 GLU A OE2  1 
ATOM 266  H H    . GLU A 1 26 ? 5.474   -13.410 -5.993  1.00 0.75 ? 17 GLU A H    1 
ATOM 267  H HA   . GLU A 1 26 ? 5.894   -14.257 -3.309  1.00 1.06 ? 17 GLU A HA   1 
ATOM 268  H HB2  . GLU A 1 26 ? 6.898   -12.304 -5.222  1.00 1.36 ? 17 GLU A HB2  1 
ATOM 269  H HB3  . GLU A 1 26 ? 6.922   -11.660 -3.579  1.00 1.27 ? 17 GLU A HB3  1 
ATOM 270  H HG2  . GLU A 1 26 ? 8.388   -13.294 -2.810  1.00 2.02 ? 17 GLU A HG2  1 
ATOM 271  H HG3  . GLU A 1 26 ? 7.916   -14.447 -4.058  1.00 1.90 ? 17 GLU A HG3  1 
ATOM 272  N N    . THR A 1 27 ? 5.174   -11.634 -2.196  1.00 0.77 ? 18 THR A N    1 
ATOM 273  C CA   . THR A 1 27 ? 4.280   -10.779 -1.363  1.00 0.66 ? 18 THR A CA   1 
ATOM 274  C C    . THR A 1 27 ? 4.917   -9.403  -1.147  1.00 0.65 ? 18 THR A C    1 
ATOM 275  O O    . THR A 1 27 ? 5.970   -9.281  -0.553  1.00 0.94 ? 18 THR A O    1 
ATOM 276  C CB   . THR A 1 27 ? 4.146   -11.527 -0.035  1.00 0.80 ? 18 THR A CB   1 
ATOM 277  O OG1  . THR A 1 27 ? 4.409   -12.909 -0.246  1.00 1.03 ? 18 THR A OG1  1 
ATOM 278  C CG2  . THR A 1 27 ? 2.730   -11.353 0.515   1.00 1.26 ? 18 THR A CG2  1 
ATOM 279  H H    . THR A 1 27 ? 6.148   -11.539 -2.126  1.00 1.00 ? 18 THR A H    1 
ATOM 280  H HA   . THR A 1 27 ? 3.313   -10.679 -1.830  1.00 0.60 ? 18 THR A HA   1 
ATOM 281  H HB   . THR A 1 27 ? 4.855   -11.131 0.677   1.00 1.22 ? 18 THR A HB   1 
ATOM 282  H HG1  . THR A 1 27 ? 4.698   -13.287 0.588   1.00 1.44 ? 18 THR A HG1  1 
ATOM 283  H HG21 . THR A 1 27 ? 2.054   -11.128 -0.297  1.00 1.66 ? 18 THR A HG21 1 
ATOM 284  H HG22 . THR A 1 27 ? 2.417   -12.266 1.001   1.00 1.80 ? 18 THR A HG22 1 
ATOM 285  H HG23 . THR A 1 27 ? 2.716   -10.543 1.228   1.00 1.78 ? 18 THR A HG23 1 
ATOM 286  N N    . ALA A 1 28 ? 4.287   -8.364  -1.627  1.00 0.61 ? 19 ALA A N    1 
ATOM 287  C CA   . ALA A 1 28 ? 4.856   -6.997  -1.450  1.00 0.61 ? 19 ALA A CA   1 
ATOM 288  C C    . ALA A 1 28 ? 4.540   -6.475  -0.046  1.00 0.52 ? 19 ALA A C    1 
ATOM 289  O O    . ALA A 1 28 ? 3.662   -6.977  0.628   1.00 0.65 ? 19 ALA A O    1 
ATOM 290  C CB   . ALA A 1 28 ? 4.166   -6.138  -2.510  1.00 0.74 ? 19 ALA A CB   1 
ATOM 291  H H    . ALA A 1 28 ? 3.439   -8.483  -2.104  1.00 0.80 ? 19 ALA A H    1 
ATOM 292  H HA   . ALA A 1 28 ? 5.922   -7.006  -1.619  1.00 0.69 ? 19 ALA A HA   1 
ATOM 293  H HB1  . ALA A 1 28 ? 3.239   -6.607  -2.806  1.00 1.18 ? 19 ALA A HB1  1 
ATOM 294  H HB2  . ALA A 1 28 ? 3.960   -5.159  -2.101  1.00 1.24 ? 19 ALA A HB2  1 
ATOM 295  H HB3  . ALA A 1 28 ? 4.811   -6.041  -3.371  1.00 1.36 ? 19 ALA A HB3  1 
ATOM 296  N N    . HIS A 1 29 ? 5.248   -5.477  0.404   1.00 0.51 ? 20 HIS A N    1 
ATOM 297  C CA   . HIS A 1 29 ? 4.983   -4.933  1.767   1.00 0.47 ? 20 HIS A CA   1 
ATOM 298  C C    . HIS A 1 29 ? 5.026   -3.401  1.754   1.00 0.46 ? 20 HIS A C    1 
ATOM 299  O O    . HIS A 1 29 ? 5.941   -2.800  1.228   1.00 0.68 ? 20 HIS A O    1 
ATOM 300  C CB   . HIS A 1 29 ? 6.107   -5.492  2.640   1.00 0.57 ? 20 HIS A CB   1 
ATOM 301  C CG   . HIS A 1 29 ? 5.564   -6.587  3.516   1.00 1.06 ? 20 HIS A CG   1 
ATOM 302  N ND1  . HIS A 1 29 ? 6.387   -7.521  4.128   1.00 2.00 ? 20 HIS A ND1  1 
ATOM 303  C CD2  . HIS A 1 29 ? 4.284   -6.910  3.895   1.00 1.34 ? 20 HIS A CD2  1 
ATOM 304  C CE1  . HIS A 1 29 ? 5.600   -8.352  4.835   1.00 2.52 ? 20 HIS A CE1  1 
ATOM 305  N NE2  . HIS A 1 29 ? 4.309   -8.024  4.727   1.00 2.11 ? 20 HIS A NE2  1 
ATOM 306  H H    . HIS A 1 29 ? 5.955   -5.085  -0.151  1.00 0.65 ? 20 HIS A H    1 
ATOM 307  H HA   . HIS A 1 29 ? 4.028   -5.279  2.132   1.00 0.46 ? 20 HIS A HA   1 
ATOM 308  H HB2  . HIS A 1 29 ? 6.888   -5.889  2.009   1.00 0.89 ? 20 HIS A HB2  1 
ATOM 309  H HB3  . HIS A 1 29 ? 6.508   -4.702  3.259   1.00 0.89 ? 20 HIS A HB3  1 
ATOM 310  H HD1  . HIS A 1 29 ? 7.362   -7.568  4.056   1.00 2.37 ? 20 HIS A HD1  1 
ATOM 311  H HD2  . HIS A 1 29 ? 3.394   -6.379  3.591   1.00 1.47 ? 20 HIS A HD2  1 
ATOM 312  H HE1  . HIS A 1 29 ? 5.967   -9.182  5.420   1.00 3.34 ? 20 HIS A HE1  1 
ATOM 313  N N    . PHE A 1 30 ? 4.043   -2.767  2.333   1.00 0.34 ? 21 PHE A N    1 
ATOM 314  C CA   . PHE A 1 30 ? 4.026   -1.276  2.359   1.00 0.35 ? 21 PHE A CA   1 
ATOM 315  C C    . PHE A 1 30 ? 3.613   -0.780  3.749   1.00 0.38 ? 21 PHE A C    1 
ATOM 316  O O    . PHE A 1 30 ? 2.516   -1.028  4.205   1.00 0.59 ? 21 PHE A O    1 
ATOM 317  C CB   . PHE A 1 30 ? 2.986   -0.872  1.313   1.00 0.35 ? 21 PHE A CB   1 
ATOM 318  C CG   . PHE A 1 30 ? 3.473   -1.270  -0.060  1.00 0.39 ? 21 PHE A CG   1 
ATOM 319  C CD1  . PHE A 1 30 ? 4.485   -0.534  -0.686  1.00 1.34 ? 21 PHE A CD1  1 
ATOM 320  C CD2  . PHE A 1 30 ? 2.912   -2.381  -0.705  1.00 1.23 ? 21 PHE A CD2  1 
ATOM 321  C CE1  . PHE A 1 30 ? 4.938   -0.905  -1.957  1.00 1.40 ? 21 PHE A CE1  1 
ATOM 322  C CE2  . PHE A 1 30 ? 3.365   -2.752  -1.978  1.00 1.26 ? 21 PHE A CE2  1 
ATOM 323  C CZ   . PHE A 1 30 ? 4.378   -2.014  -2.604  1.00 0.63 ? 21 PHE A CZ   1 
ATOM 324  H H    . PHE A 1 30 ? 3.315   -3.272  2.754   1.00 0.40 ? 21 PHE A H    1 
ATOM 325  H HA   . PHE A 1 30 ? 4.992   -0.883  2.090   1.00 0.38 ? 21 PHE A HA   1 
ATOM 326  H HB2  . PHE A 1 30 ? 2.052   -1.369  1.523   1.00 0.39 ? 21 PHE A HB2  1 
ATOM 327  H HB3  . PHE A 1 30 ? 2.841   0.198   1.345   1.00 0.38 ? 21 PHE A HB3  1 
ATOM 328  H HD1  . PHE A 1 30 ? 4.917   0.321   -0.187  1.00 2.23 ? 21 PHE A HD1  1 
ATOM 329  H HD2  . PHE A 1 30 ? 2.131   -2.949  -0.222  1.00 2.12 ? 21 PHE A HD2  1 
ATOM 330  H HE1  . PHE A 1 30 ? 5.718   -0.337  -2.440  1.00 2.30 ? 21 PHE A HE1  1 
ATOM 331  H HE2  . PHE A 1 30 ? 2.934   -3.607  -2.477  1.00 2.15 ? 21 PHE A HE2  1 
ATOM 332  H HZ   . PHE A 1 30 ? 4.727   -2.301  -3.585  1.00 0.75 ? 21 PHE A HZ   1 
ATOM 333  N N    . GLU A 1 31 ? 4.486   -0.085  4.426   1.00 0.39 ? 22 GLU A N    1 
ATOM 334  C CA   . GLU A 1 31 ? 4.143   0.419   5.788   1.00 0.43 ? 22 GLU A CA   1 
ATOM 335  C C    . GLU A 1 31 ? 4.054   1.948   5.793   1.00 0.37 ? 22 GLU A C    1 
ATOM 336  O O    . GLU A 1 31 ? 4.596   2.616   4.935   1.00 0.39 ? 22 GLU A O    1 
ATOM 337  C CB   . GLU A 1 31 ? 5.289   -0.052  6.684   1.00 0.56 ? 22 GLU A CB   1 
ATOM 338  C CG   . GLU A 1 31 ? 5.119   -1.541  6.989   1.00 0.88 ? 22 GLU A CG   1 
ATOM 339  C CD   . GLU A 1 31 ? 6.494   -2.194  7.133   1.00 1.46 ? 22 GLU A CD   1 
ATOM 340  O OE1  . GLU A 1 31 ? 7.424   -1.497  7.509   1.00 2.02 ? 22 GLU A OE1  1 
ATOM 341  O OE2  . GLU A 1 31 ? 6.597   -3.381  6.867   1.00 2.06 ? 22 GLU A OE2  1 
ATOM 342  H H    . GLU A 1 31 ? 5.369   0.102   4.043   1.00 0.52 ? 22 GLU A H    1 
ATOM 343  H HA   . GLU A 1 31 ? 3.214   -0.012  6.124   1.00 0.46 ? 22 GLU A HA   1 
ATOM 344  H HB2  . GLU A 1 31 ? 6.230   0.107   6.178   1.00 0.82 ? 22 GLU A HB2  1 
ATOM 345  H HB3  . GLU A 1 31 ? 5.277   0.506   7.608   1.00 0.61 ? 22 GLU A HB3  1 
ATOM 346  H HG2  . GLU A 1 31 ? 4.566   -1.658  7.910   1.00 1.25 ? 22 GLU A HG2  1 
ATOM 347  H HG3  . GLU A 1 31 ? 4.581   -2.015  6.183   1.00 0.97 ? 22 GLU A HG3  1 
ATOM 348  N N    . ILE A 1 32 ? 3.375   2.505   6.759   1.00 0.37 ? 23 ILE A N    1 
ATOM 349  C CA   . ILE A 1 32 ? 3.248   3.989   6.832   1.00 0.35 ? 23 ILE A CA   1 
ATOM 350  C C    . ILE A 1 32 ? 2.634   4.398   8.173   1.00 0.38 ? 23 ILE A C    1 
ATOM 351  O O    . ILE A 1 32 ? 1.529   4.019   8.502   1.00 0.44 ? 23 ILE A O    1 
ATOM 352  C CB   . ILE A 1 32 ? 2.317   4.366   5.679   1.00 0.34 ? 23 ILE A CB   1 
ATOM 353  C CG1  . ILE A 1 32 ? 2.060   5.875   5.705   1.00 0.41 ? 23 ILE A CG1  1 
ATOM 354  C CG2  . ILE A 1 32 ? 0.989   3.621   5.832   1.00 0.34 ? 23 ILE A CG2  1 
ATOM 355  C CD1  . ILE A 1 32 ? 1.810   6.375   4.281   1.00 0.65 ? 23 ILE A CD1  1 
ATOM 356  H H    . ILE A 1 32 ? 2.949   1.946   7.442   1.00 0.41 ? 23 ILE A H    1 
ATOM 357  H HA   . ILE A 1 32 ? 4.211   4.457   6.697   1.00 0.41 ? 23 ILE A HA   1 
ATOM 358  H HB   . ILE A 1 32 ? 2.778   4.093   4.742   1.00 0.37 ? 23 ILE A HB   1 
ATOM 359  H HG12 . ILE A 1 32 ? 1.193   6.081   6.317   1.00 0.75 ? 23 ILE A HG12 1 
ATOM 360  H HG13 . ILE A 1 32 ? 2.920   6.380   6.117   1.00 0.76 ? 23 ILE A HG13 1 
ATOM 361  H HG21 . ILE A 1 32 ? 0.623   3.743   6.840   1.00 1.02 ? 23 ILE A HG21 1 
ATOM 362  H HG22 . ILE A 1 32 ? 0.270   4.025   5.135   1.00 1.13 ? 23 ILE A HG22 1 
ATOM 363  H HG23 . ILE A 1 32 ? 1.139   2.572   5.628   1.00 1.07 ? 23 ILE A HG23 1 
ATOM 364  H HD11 . ILE A 1 32 ? 2.579   5.993   3.625   1.00 1.23 ? 23 ILE A HD11 1 
ATOM 365  H HD12 . ILE A 1 32 ? 0.845   6.029   3.941   1.00 1.46 ? 23 ILE A HD12 1 
ATOM 366  H HD13 . ILE A 1 32 ? 1.831   7.454   4.269   1.00 1.05 ? 23 ILE A HD13 1 
ATOM 367  N N    . GLU A 1 33 ? 3.345   5.167   8.953   1.00 0.49 ? 24 GLU A N    1 
ATOM 368  C CA   . GLU A 1 33 ? 2.800   5.595   10.273  1.00 0.54 ? 24 GLU A CA   1 
ATOM 369  C C    . GLU A 1 33 ? 2.191   6.997   10.171  1.00 0.46 ? 24 GLU A C    1 
ATOM 370  O O    . GLU A 1 33 ? 2.692   7.851   9.466   1.00 0.62 ? 24 GLU A O    1 
ATOM 371  C CB   . GLU A 1 33 ? 4.004   5.602   11.215  1.00 0.72 ? 24 GLU A CB   1 
ATOM 372  C CG   . GLU A 1 33 ? 3.733   4.670   12.398  1.00 1.13 ? 24 GLU A CG   1 
ATOM 373  C CD   . GLU A 1 33 ? 5.060   4.270   13.047  1.00 1.72 ? 24 GLU A CD   1 
ATOM 374  O OE1  . GLU A 1 33 ? 5.742   5.149   13.547  1.00 2.38 ? 24 GLU A OE1  1 
ATOM 375  O OE2  . GLU A 1 33 ? 5.373   3.090   13.033  1.00 2.18 ? 24 GLU A OE2  1 
ATOM 376  H H    . GLU A 1 33 ? 4.236   5.462   8.670   1.00 0.60 ? 24 GLU A H    1 
ATOM 377  H HA   . GLU A 1 33 ? 2.063   4.889   10.623  1.00 0.62 ? 24 GLU A HA   1 
ATOM 378  H HB2  . GLU A 1 33 ? 4.879   5.263   10.681  1.00 0.87 ? 24 GLU A HB2  1 
ATOM 379  H HB3  . GLU A 1 33 ? 4.169   6.605   11.580  1.00 0.95 ? 24 GLU A HB3  1 
ATOM 380  H HG2  . GLU A 1 33 ? 3.117   5.179   13.124  1.00 1.51 ? 24 GLU A HG2  1 
ATOM 381  H HG3  . GLU A 1 33 ? 3.224   3.784   12.051  1.00 1.25 ? 24 GLU A HG3  1 
ATOM 382  N N    . LEU A 1 34 ? 1.119   7.239   10.871  1.00 0.46 ? 25 LEU A N    1 
ATOM 383  C CA   . LEU A 1 34 ? 0.478   8.586   10.816  1.00 0.49 ? 25 LEU A CA   1 
ATOM 384  C C    . LEU A 1 34 ? 0.772   9.361   12.104  1.00 0.58 ? 25 LEU A C    1 
ATOM 385  O O    . LEU A 1 34 ? 1.828   9.229   12.693  1.00 1.03 ? 25 LEU A O    1 
ATOM 386  C CB   . LEU A 1 34 ? -1.019  8.307   10.684  1.00 0.62 ? 25 LEU A CB   1 
ATOM 387  C CG   . LEU A 1 34 ? -1.253  7.296   9.563   1.00 0.52 ? 25 LEU A CG   1 
ATOM 388  C CD1  . LEU A 1 34 ? -2.749  7.216   9.252   1.00 1.31 ? 25 LEU A CD1  1 
ATOM 389  C CD2  . LEU A 1 34 ? -0.495  7.742   8.311   1.00 1.04 ? 25 LEU A CD2  1 
ATOM 390  H H    . LEU A 1 34 ? 0.731   6.536   11.434  1.00 0.61 ? 25 LEU A H    1 
ATOM 391  H HA   . LEU A 1 34 ? 0.829   9.134   9.957   1.00 0.50 ? 25 LEU A HA   1 
ATOM 392  H HB2  . LEU A 1 34 ? -1.394  7.908   11.616  1.00 0.89 ? 25 LEU A HB2  1 
ATOM 393  H HB3  . LEU A 1 34 ? -1.537  9.225   10.452  1.00 0.79 ? 25 LEU A HB3  1 
ATOM 394  H HG   . LEU A 1 34 ? -0.899  6.324   9.876   1.00 1.11 ? 25 LEU A HG   1 
ATOM 395  H HD11 . LEU A 1 34 ? -3.309  7.214   10.175  1.00 1.80 ? 25 LEU A HD11 1 
ATOM 396  H HD12 . LEU A 1 34 ? -3.038  8.069   8.657   1.00 1.83 ? 25 LEU A HD12 1 
ATOM 397  H HD13 . LEU A 1 34 ? -2.954  6.308   8.704   1.00 1.97 ? 25 LEU A HD13 1 
ATOM 398  H HD21 . LEU A 1 34 ? 0.315   8.395   8.595   1.00 1.59 ? 25 LEU A HD21 1 
ATOM 399  H HD22 . LEU A 1 34 ? -0.099  6.874   7.803   1.00 1.55 ? 25 LEU A HD22 1 
ATOM 400  H HD23 . LEU A 1 34 ? -1.169  8.268   7.651   1.00 1.62 ? 25 LEU A HD23 1 
ATOM 401  N N    . SER A 1 35 ? -0.151  10.170  12.543  1.00 0.81 ? 26 SER A N    1 
ATOM 402  C CA   . SER A 1 35 ? 0.078   10.953  13.791  1.00 0.91 ? 26 SER A CA   1 
ATOM 403  C C    . SER A 1 35 ? -1.055  10.708  14.788  1.00 0.91 ? 26 SER A C    1 
ATOM 404  O O    . SER A 1 35 ? -0.847  10.671  15.985  1.00 1.11 ? 26 SER A O    1 
ATOM 405  C CB   . SER A 1 35 ? 0.083   12.414  13.345  1.00 1.04 ? 26 SER A CB   1 
ATOM 406  O OG   . SER A 1 35 ? 1.309   13.017  13.733  1.00 1.45 ? 26 SER A OG   1 
ATOM 407  H H    . SER A 1 35 ? -0.995  10.263  12.055  1.00 1.21 ? 26 SER A H    1 
ATOM 408  H HA   . SER A 1 35 ? 1.030   10.698  14.229  1.00 1.00 ? 26 SER A HA   1 
ATOM 409  H HB2  . SER A 1 35 ? -0.016  12.464  12.274  1.00 1.46 ? 26 SER A HB2  1 
ATOM 410  H HB3  . SER A 1 35 ? -0.748  12.931  13.807  1.00 1.44 ? 26 SER A HB3  1 
ATOM 411  H HG   . SER A 1 35 ? 1.323   13.910  13.380  1.00 1.73 ? 26 SER A HG   1 
ATOM 412  N N    . GLU A 1 36 ? -2.255  10.544  14.305  1.00 0.97 ? 27 GLU A N    1 
ATOM 413  C CA   . GLU A 1 36 ? -3.404  10.308  15.226  1.00 1.07 ? 27 GLU A CA   1 
ATOM 414  C C    . GLU A 1 36 ? -4.119  9.004   14.861  1.00 0.89 ? 27 GLU A C    1 
ATOM 415  O O    . GLU A 1 36 ? -4.352  8.727   13.701  1.00 1.04 ? 27 GLU A O    1 
ATOM 416  C CB   . GLU A 1 36 ? -4.327  11.507  15.011  1.00 1.54 ? 27 GLU A CB   1 
ATOM 417  C CG   . GLU A 1 36 ? -3.581  12.794  15.367  1.00 1.90 ? 27 GLU A CG   1 
ATOM 418  C CD   . GLU A 1 36 ? -4.589  13.899  15.686  1.00 2.46 ? 27 GLU A CD   1 
ATOM 419  O OE1  . GLU A 1 36 ? -5.740  13.752  15.305  1.00 2.70 ? 27 GLU A OE1  1 
ATOM 420  O OE2  . GLU A 1 36 ? -4.195  14.873  16.305  1.00 3.06 ? 27 GLU A OE2  1 
ATOM 421  H H    . GLU A 1 36 ? -2.403  10.582  13.337  1.00 1.13 ? 27 GLU A H    1 
ATOM 422  H HA   . GLU A 1 36 ? -3.067  10.281  16.250  1.00 1.21 ? 27 GLU A HA   1 
ATOM 423  H HB2  . GLU A 1 36 ? -4.636  11.541  13.977  1.00 1.66 ? 27 GLU A HB2  1 
ATOM 424  H HB3  . GLU A 1 36 ? -5.196  11.410  15.645  1.00 1.80 ? 27 GLU A HB3  1 
ATOM 425  H HG2  . GLU A 1 36 ? -2.951  12.621  16.227  1.00 2.01 ? 27 GLU A HG2  1 
ATOM 426  H HG3  . GLU A 1 36 ? -2.970  13.098  14.530  1.00 1.89 ? 27 GLU A HG3  1 
ATOM 427  N N    . PRO A 1 37 ? -4.443  8.246   15.873  1.00 0.96 ? 28 PRO A N    1 
ATOM 428  C CA   . PRO A 1 37 ? -5.140  6.954   15.664  1.00 1.03 ? 28 PRO A CA   1 
ATOM 429  C C    . PRO A 1 37 ? -6.604  7.193   15.281  1.00 1.15 ? 28 PRO A C    1 
ATOM 430  O O    . PRO A 1 37 ? -7.027  8.313   15.077  1.00 1.62 ? 28 PRO A O    1 
ATOM 431  C CB   . PRO A 1 37 ? -5.037  6.267   17.023  1.00 1.33 ? 28 PRO A CB   1 
ATOM 432  C CG   . PRO A 1 37 ? -4.871  7.379   18.010  1.00 1.51 ? 28 PRO A CG   1 
ATOM 433  C CD   . PRO A 1 37 ? -4.192  8.519   17.292  1.00 1.34 ? 28 PRO A CD   1 
ATOM 434  H HA   . PRO A 1 37 ? -4.639  6.366   14.912  1.00 1.20 ? 28 PRO A HA   1 
ATOM 435  H HB2  . PRO A 1 37 ? -5.939  5.709   17.228  1.00 1.39 ? 28 PRO A HB2  1 
ATOM 436  H HB3  . PRO A 1 37 ? -4.175  5.618   17.050  1.00 1.60 ? 28 PRO A HB3  1 
ATOM 437  H HG2  . PRO A 1 37 ? -5.840  7.694   18.375  1.00 1.60 ? 28 PRO A HG2  1 
ATOM 438  H HG3  . PRO A 1 37 ? -4.256  7.052   18.833  1.00 1.88 ? 28 PRO A HG3  1 
ATOM 439  H HD2  . PRO A 1 37 ? -4.631  9.462   17.584  1.00 1.54 ? 28 PRO A HD2  1 
ATOM 440  H HD3  . PRO A 1 37 ? -3.132  8.514   17.489  1.00 1.52 ? 28 PRO A HD3  1 
ATOM 441  N N    . ASP A 1 38 ? -7.378  6.148   15.183  1.00 1.35 ? 29 ASP A N    1 
ATOM 442  C CA   . ASP A 1 38 ? -8.812  6.316   14.813  1.00 1.64 ? 29 ASP A CA   1 
ATOM 443  C C    . ASP A 1 38 ? -8.928  6.843   13.380  1.00 1.47 ? 29 ASP A C    1 
ATOM 444  O O    . ASP A 1 38 ? -8.998  8.036   13.150  1.00 2.02 ? 29 ASP A O    1 
ATOM 445  C CB   . ASP A 1 38 ? -9.363  7.338   15.810  1.00 2.40 ? 29 ASP A CB   1 
ATOM 446  C CG   . ASP A 1 38 ? -10.799 7.699   15.432  1.00 3.19 ? 29 ASP A CG   1 
ATOM 447  O OD1  . ASP A 1 38 ? -11.641 6.814   15.461  1.00 3.67 ? 29 ASP A OD1  1 
ATOM 448  O OD2  . ASP A 1 38 ? -11.037 8.854   15.119  1.00 3.73 ? 29 ASP A OD2  1 
ATOM 449  H H    . ASP A 1 38 ? -7.018  5.252   15.353  1.00 1.65 ? 29 ASP A H    1 
ATOM 450  H HA   . ASP A 1 38 ? -9.340  5.382   14.914  1.00 1.96 ? 29 ASP A HA   1 
ATOM 451  H HB2  . ASP A 1 38 ? -9.347  6.913   16.804  1.00 2.79 ? 29 ASP A HB2  1 
ATOM 452  H HB3  . ASP A 1 38 ? -8.751  8.227   15.788  1.00 2.43 ? 29 ASP A HB3  1 
ATOM 453  N N    . VAL A 1 39 ? -8.947  5.965   12.415  1.00 1.55 ? 30 VAL A N    1 
ATOM 454  C CA   . VAL A 1 39 ? -9.058  6.415   10.997  1.00 1.84 ? 30 VAL A CA   1 
ATOM 455  C C    . VAL A 1 39 ? -9.094  5.204   10.059  1.00 1.33 ? 30 VAL A C    1 
ATOM 456  O O    . VAL A 1 39 ? -9.026  4.070   10.491  1.00 1.84 ? 30 VAL A O    1 
ATOM 457  C CB   . VAL A 1 39 ? -7.802  7.247   10.744  1.00 2.98 ? 30 VAL A CB   1 
ATOM 458  C CG1  . VAL A 1 39 ? -7.390  7.112   9.276   1.00 3.65 ? 30 VAL A CG1  1 
ATOM 459  C CG2  . VAL A 1 39 ? -8.088  8.718   11.058  1.00 3.70 ? 30 VAL A CG2  1 
ATOM 460  H H    . VAL A 1 39 ? -8.890  5.009   12.623  1.00 1.95 ? 30 VAL A H    1 
ATOM 461  H HA   . VAL A 1 39 ? -9.938  7.024   10.861  1.00 2.24 ? 30 VAL A HA   1 
ATOM 462  H HB   . VAL A 1 39 ? -7.000  6.889   11.375  1.00 3.47 ? 30 VAL A HB   1 
ATOM 463  H HG11 . VAL A 1 39 ? -7.481  6.080   8.971   1.00 4.01 ? 30 VAL A HG11 1 
ATOM 464  H HG12 . VAL A 1 39 ? -8.034  7.727   8.664   1.00 3.96 ? 30 VAL A HG12 1 
ATOM 465  H HG13 . VAL A 1 39 ? -6.366  7.434   9.157   1.00 4.03 ? 30 VAL A HG13 1 
ATOM 466  H HG21 . VAL A 1 39 ? -9.152  8.863   11.162  1.00 3.97 ? 30 VAL A HG21 1 
ATOM 467  H HG22 . VAL A 1 39 ? -7.595  8.990   11.980  1.00 4.05 ? 30 VAL A HG22 1 
ATOM 468  H HG23 . VAL A 1 39 ? -7.715  9.336   10.255  1.00 4.15 ? 30 VAL A HG23 1 
ATOM 469  N N    . HIS A 1 40 ? -9.200  5.437   8.781   1.00 1.10 ? 31 HIS A N    1 
ATOM 470  C CA   . HIS A 1 40 ? -9.237  4.299   7.817   1.00 1.19 ? 31 HIS A CA   1 
ATOM 471  C C    . HIS A 1 40 ? -8.964  4.808   6.400   1.00 1.01 ? 31 HIS A C    1 
ATOM 472  O O    . HIS A 1 40 ? -9.858  5.252   5.706   1.00 1.46 ? 31 HIS A O    1 
ATOM 473  C CB   . HIS A 1 40 ? -10.654 3.737   7.921   1.00 1.81 ? 31 HIS A CB   1 
ATOM 474  C CG   . HIS A 1 40 ? -11.639 4.871   7.968   1.00 2.15 ? 31 HIS A CG   1 
ATOM 475  N ND1  . HIS A 1 40 ? -12.908 4.725   8.504   1.00 2.84 ? 31 HIS A ND1  1 
ATOM 476  C CD2  . HIS A 1 40 ? -11.554 6.176   7.553   1.00 2.85 ? 31 HIS A CD2  1 
ATOM 477  C CE1  . HIS A 1 40 ? -13.530 5.915   8.400   1.00 3.56 ? 31 HIS A CE1  1 
ATOM 478  N NE2  . HIS A 1 40 ? -12.749 6.834   7.826   1.00 3.64 ? 31 HIS A NE2  1 
ATOM 479  H H    . HIS A 1 40 ? -9.251  6.358   8.452   1.00 1.55 ? 31 HIS A H    1 
ATOM 480  H HA   . HIS A 1 40 ? -8.518  3.546   8.095   1.00 1.62 ? 31 HIS A HA   1 
ATOM 481  H HB2  . HIS A 1 40 ? -10.860 3.116   7.063   1.00 2.29 ? 31 HIS A HB2  1 
ATOM 482  H HB3  . HIS A 1 40 ? -10.741 3.147   8.822   1.00 2.44 ? 31 HIS A HB3  1 
ATOM 483  H HD1  . HIS A 1 40 ? -13.286 3.907   8.887   1.00 3.17 ? 31 HIS A HD1  1 
ATOM 484  H HD2  . HIS A 1 40 ? -10.691 6.623   7.082   1.00 3.20 ? 31 HIS A HD2  1 
ATOM 485  H HE1  . HIS A 1 40 ? -14.539 6.103   8.737   1.00 4.33 ? 31 HIS A HE1  1 
ATOM 486  N N    . GLY A 1 41 ? -7.735  4.746   5.963   1.00 0.83 ? 32 GLY A N    1 
ATOM 487  C CA   . GLY A 1 41 ? -7.408  5.229   4.592   1.00 0.73 ? 32 GLY A CA   1 
ATOM 488  C C    . GLY A 1 41 ? -7.638  4.102   3.588   1.00 0.64 ? 32 GLY A C    1 
ATOM 489  O O    . GLY A 1 41 ? -8.365  3.164   3.848   1.00 0.84 ? 32 GLY A O    1 
ATOM 490  H H    . GLY A 1 41 ? -7.029  4.386   6.540   1.00 1.16 ? 32 GLY A H    1 
ATOM 491  H HA2  . GLY A 1 41 ? -8.041  6.071   4.347   1.00 0.85 ? 32 GLY A HA2  1 
ATOM 492  H HA3  . GLY A 1 41 ? -6.373  5.533   4.556   1.00 0.83 ? 32 GLY A HA3  1 
ATOM 493  N N    . GLN A 1 42 ? -7.025  4.184   2.439   1.00 0.53 ? 33 GLN A N    1 
ATOM 494  C CA   . GLN A 1 42 ? -7.210  3.115   1.416   1.00 0.54 ? 33 GLN A CA   1 
ATOM 495  C C    . GLN A 1 42 ? -6.046  3.129   0.421   1.00 0.51 ? 33 GLN A C    1 
ATOM 496  O O    . GLN A 1 42 ? -5.731  4.142   -0.168  1.00 0.56 ? 33 GLN A O    1 
ATOM 497  C CB   . GLN A 1 42 ? -8.521  3.465   0.711   1.00 0.67 ? 33 GLN A CB   1 
ATOM 498  C CG   . GLN A 1 42 ? -9.258  2.176   0.342   1.00 1.03 ? 33 GLN A CG   1 
ATOM 499  C CD   . GLN A 1 42 ? -10.759 2.455   0.240   1.00 1.69 ? 33 GLN A CD   1 
ATOM 500  O OE1  . GLN A 1 42 ? -11.173 3.596   0.170   1.00 2.38 ? 33 GLN A OE1  1 
ATOM 501  N NE2  . GLN A 1 42 ? -11.597 1.456   0.227   1.00 2.23 ? 33 GLN A NE2  1 
ATOM 502  H H    . GLN A 1 42 ? -6.443  4.949   2.248   1.00 0.61 ? 33 GLN A H    1 
ATOM 503  H HA   . GLN A 1 42 ? -7.292  2.150   1.890   1.00 0.59 ? 33 GLN A HA   1 
ATOM 504  H HB2  . GLN A 1 42 ? -9.138  4.058   1.371   1.00 1.13 ? 33 GLN A HB2  1 
ATOM 505  H HB3  . GLN A 1 42 ? -8.311  4.025   -0.186  1.00 1.05 ? 33 GLN A HB3  1 
ATOM 506  H HG2  . GLN A 1 42 ? -8.893  1.812   -0.607  1.00 1.57 ? 33 GLN A HG2  1 
ATOM 507  H HG3  . GLN A 1 42 ? -9.085  1.431   1.104   1.00 1.49 ? 33 GLN A HG3  1 
ATOM 508  H HE21 . GLN A 1 42 ? -11.264 0.536   0.284   1.00 2.41 ? 33 GLN A HE21 1 
ATOM 509  H HE22 . GLN A 1 42 ? -12.561 1.625   0.162   1.00 2.82 ? 33 GLN A HE22 1 
ATOM 510  N N    . TRP A 1 43 ? -5.407  2.007   0.230   1.00 0.53 ? 34 TRP A N    1 
ATOM 511  C CA   . TRP A 1 43 ? -4.266  1.957   -0.728  1.00 0.52 ? 34 TRP A CA   1 
ATOM 512  C C    . TRP A 1 43 ? -4.787  1.854   -2.164  1.00 0.64 ? 34 TRP A C    1 
ATOM 513  O O    . TRP A 1 43 ? -5.906  1.441   -2.400  1.00 0.77 ? 34 TRP A O    1 
ATOM 514  C CB   . TRP A 1 43 ? -3.484  0.706   -0.348  1.00 0.51 ? 34 TRP A CB   1 
ATOM 515  C CG   . TRP A 1 43 ? -3.058  0.797   1.068   1.00 0.43 ? 34 TRP A CG   1 
ATOM 516  C CD1  . TRP A 1 43 ? -3.878  0.901   2.125   1.00 0.47 ? 34 TRP A CD1  1 
ATOM 517  C CD2  . TRP A 1 43 ? -1.716  0.794   1.585   1.00 0.38 ? 34 TRP A CD2  1 
ATOM 518  N NE1  . TRP A 1 43 ? -3.111  0.962   3.280   1.00 0.47 ? 34 TRP A NE1  1 
ATOM 519  C CE2  . TRP A 1 43 ? -1.761  0.901   2.989   1.00 0.40 ? 34 TRP A CE2  1 
ATOM 520  C CE3  . TRP A 1 43 ? -0.479  0.711   0.957   1.00 0.39 ? 34 TRP A CE3  1 
ATOM 521  C CZ2  . TRP A 1 43 ? -0.592  0.922   3.754   1.00 0.42 ? 34 TRP A CZ2  1 
ATOM 522  C CZ3  . TRP A 1 43 ? 0.706   0.731   1.710   1.00 0.39 ? 34 TRP A CZ3  1 
ATOM 523  C CH2  . TRP A 1 43 ? 0.649   0.837   3.112   1.00 0.40 ? 34 TRP A CH2  1 
ATOM 524  H H    . TRP A 1 43 ? -5.676  1.200   0.714   1.00 0.61 ? 34 TRP A H    1 
ATOM 525  H HA   . TRP A 1 43 ? -3.637  2.826   -0.616  1.00 0.48 ? 34 TRP A HA   1 
ATOM 526  H HB2  . TRP A 1 43 ? -4.088  -0.168  -0.483  1.00 0.60 ? 34 TRP A HB2  1 
ATOM 527  H HB3  . TRP A 1 43 ? -2.616  0.632   -0.966  1.00 0.52 ? 34 TRP A HB3  1 
ATOM 528  H HD1  . TRP A 1 43 ? -4.949  0.928   2.072   1.00 0.54 ? 34 TRP A HD1  1 
ATOM 529  H HE1  . TRP A 1 43 ? -3.463  1.041   4.191   1.00 0.54 ? 34 TRP A HE1  1 
ATOM 530  H HE3  . TRP A 1 43 ? -0.447  0.628   -0.122  1.00 0.45 ? 34 TRP A HE3  1 
ATOM 531  H HZ2  . TRP A 1 43 ? -0.646  1.004   4.830   1.00 0.49 ? 34 TRP A HZ2  1 
ATOM 532  H HZ3  . TRP A 1 43 ? 1.663   0.665   1.214   1.00 0.45 ? 34 TRP A HZ3  1 
ATOM 533  H HH2  . TRP A 1 43 ? 1.560   0.853   3.689   1.00 0.45 ? 34 TRP A HH2  1 
ATOM 534  N N    . LYS A 1 44 ? -3.986  2.226   -3.126  1.00 0.68 ? 35 LYS A N    1 
ATOM 535  C CA   . LYS A 1 44 ? -4.439  2.149   -4.545  1.00 0.83 ? 35 LYS A CA   1 
ATOM 536  C C    . LYS A 1 44 ? -3.231  2.134   -5.486  1.00 0.72 ? 35 LYS A C    1 
ATOM 537  O O    . LYS A 1 44 ? -2.364  2.982   -5.411  1.00 1.04 ? 35 LYS A O    1 
ATOM 538  C CB   . LYS A 1 44 ? -5.278  3.410   -4.761  1.00 1.00 ? 35 LYS A CB   1 
ATOM 539  C CG   . LYS A 1 44 ? -5.061  3.940   -6.180  1.00 1.39 ? 35 LYS A CG   1 
ATOM 540  C CD   . LYS A 1 44 ? -6.190  4.912   -6.538  1.00 2.04 ? 35 LYS A CD   1 
ATOM 541  C CE   . LYS A 1 44 ? -5.664  6.348   -6.482  1.00 2.49 ? 35 LYS A CE   1 
ATOM 542  N NZ   . LYS A 1 44 ? -6.822  7.161   -6.012  1.00 3.08 ? 35 LYS A NZ   1 
ATOM 543  H H    . LYS A 1 44 ? -3.088  2.557   -2.914  1.00 0.68 ? 35 LYS A H    1 
ATOM 544  H HA   . LYS A 1 44 ? -5.047  1.271   -4.699  1.00 0.98 ? 35 LYS A HA   1 
ATOM 545  H HB2  . LYS A 1 44 ? -6.324  3.173   -4.621  1.00 1.34 ? 35 LYS A HB2  1 
ATOM 546  H HB3  . LYS A 1 44 ? -4.983  4.165   -4.048  1.00 1.39 ? 35 LYS A HB3  1 
ATOM 547  H HG2  . LYS A 1 44 ? -4.112  4.454   -6.230  1.00 1.65 ? 35 LYS A HG2  1 
ATOM 548  H HG3  . LYS A 1 44 ? -5.062  3.116   -6.877  1.00 1.52 ? 35 LYS A HG3  1 
ATOM 549  H HD2  . LYS A 1 44 ? -6.547  4.697   -7.537  1.00 2.61 ? 35 LYS A HD2  1 
ATOM 550  H HD3  . LYS A 1 44 ? -7.000  4.799   -5.835  1.00 2.30 ? 35 LYS A HD3  1 
ATOM 551  H HE2  . LYS A 1 44 ? -4.843  6.419   -5.783  1.00 2.88 ? 35 LYS A HE2  1 
ATOM 552  H HE3  . LYS A 1 44 ? -5.356  6.676   -7.462  1.00 2.74 ? 35 LYS A HE3  1 
ATOM 553  H HZ1  . LYS A 1 44 ? -7.709  6.667   -6.244  1.00 3.56 ? 35 LYS A HZ1  1 
ATOM 554  H HZ2  . LYS A 1 44 ? -6.757  7.294   -4.983  1.00 3.32 ? 35 LYS A HZ2  1 
ATOM 555  H HZ3  . LYS A 1 44 ? -6.809  8.089   -6.480  1.00 3.31 ? 35 LYS A HZ3  1 
ATOM 556  N N    . LEU A 1 45 ? -3.167  1.176   -6.372  1.00 0.51 ? 36 LEU A N    1 
ATOM 557  C CA   . LEU A 1 45 ? -2.015  1.107   -7.317  1.00 0.55 ? 36 LEU A CA   1 
ATOM 558  C C    . LEU A 1 45 ? -1.867  2.434   -8.064  1.00 0.59 ? 36 LEU A C    1 
ATOM 559  O O    . LEU A 1 45 ? -2.388  3.452   -7.650  1.00 0.79 ? 36 LEU A O    1 
ATOM 560  C CB   . LEU A 1 45 ? -2.363  -0.021  -8.289  1.00 0.65 ? 36 LEU A CB   1 
ATOM 561  C CG   . LEU A 1 45 ? -2.244  -1.369  -7.575  1.00 0.84 ? 36 LEU A CG   1 
ATOM 562  C CD1  . LEU A 1 45 ? -3.235  -2.360  -8.187  1.00 1.10 ? 36 LEU A CD1  1 
ATOM 563  C CD2  . LEU A 1 45 ? -0.820  -1.908  -7.735  1.00 1.06 ? 36 LEU A CD2  1 
ATOM 564  H H    . LEU A 1 45 ? -3.878  0.501   -6.415  1.00 0.62 ? 36 LEU A H    1 
ATOM 565  H HA   . LEU A 1 45 ? -1.107  0.869   -6.786  1.00 0.63 ? 36 LEU A HA   1 
ATOM 566  H HB2  . LEU A 1 45 ? -3.375  0.111   -8.646  1.00 0.81 ? 36 LEU A HB2  1 
ATOM 567  H HB3  . LEU A 1 45 ? -1.681  0.001   -9.127  1.00 0.81 ? 36 LEU A HB3  1 
ATOM 568  H HG   . LEU A 1 45 ? -2.466  -1.239  -6.526  1.00 1.05 ? 36 LEU A HG   1 
ATOM 569  H HD11 . LEU A 1 45 ? -3.187  -2.299  -9.265  1.00 1.47 ? 36 LEU A HD11 1 
ATOM 570  H HD12 . LEU A 1 45 ? -2.984  -3.361  -7.873  1.00 1.49 ? 36 LEU A HD12 1 
ATOM 571  H HD13 . LEU A 1 45 ? -4.235  -2.119  -7.858  1.00 1.70 ? 36 LEU A HD13 1 
ATOM 572  H HD21 . LEU A 1 45 ? -0.385  -1.511  -8.641  1.00 1.49 ? 36 LEU A HD21 1 
ATOM 573  H HD22 . LEU A 1 45 ? -0.224  -1.604  -6.887  1.00 1.52 ? 36 LEU A HD22 1 
ATOM 574  H HD23 . LEU A 1 45 ? -0.848  -2.986  -7.792  1.00 1.58 ? 36 LEU A HD23 1 
ATOM 575  N N    . LYS A 1 46 ? -1.159  2.437   -9.160  1.00 0.75 ? 37 LYS A N    1 
ATOM 576  C CA   . LYS A 1 46 ? -0.982  3.705   -9.926  1.00 0.90 ? 37 LYS A CA   1 
ATOM 577  C C    . LYS A 1 46 ? -2.033  4.728   -9.491  1.00 0.90 ? 37 LYS A C    1 
ATOM 578  O O    . LYS A 1 46 ? -1.814  5.922   -9.549  1.00 1.17 ? 37 LYS A O    1 
ATOM 579  C CB   . LYS A 1 46 ? -1.183  3.317   -11.392 1.00 1.11 ? 37 LYS A CB   1 
ATOM 580  C CG   . LYS A 1 46 ? -0.728  4.469   -12.293 1.00 1.20 ? 37 LYS A CG   1 
ATOM 581  C CD   . LYS A 1 46 ? -1.632  4.543   -13.524 1.00 1.66 ? 37 LYS A CD   1 
ATOM 582  C CE   . LYS A 1 46 ? -0.778  4.709   -14.783 1.00 2.06 ? 37 LYS A CE   1 
ATOM 583  N NZ   . LYS A 1 46 ? 0.373   5.557   -14.364 1.00 2.88 ? 37 LYS A NZ   1 
ATOM 584  H H    . LYS A 1 46 ? -0.744  1.609   -9.480  1.00 0.93 ? 37 LYS A H    1 
ATOM 585  H HA   . LYS A 1 46 ? 0.013   4.097   -9.780  1.00 1.05 ? 37 LYS A HA   1 
ATOM 586  H HB2  . LYS A 1 46 ? -0.602  2.433   -11.612 1.00 1.35 ? 37 LYS A HB2  1 
ATOM 587  H HB3  . LYS A 1 46 ? -2.228  3.114   -11.570 1.00 1.34 ? 37 LYS A HB3  1 
ATOM 588  H HG2  . LYS A 1 46 ? -0.789  5.399   -11.747 1.00 1.53 ? 37 LYS A HG2  1 
ATOM 589  H HG3  . LYS A 1 46 ? 0.291   4.302   -12.607 1.00 1.40 ? 37 LYS A HG3  1 
ATOM 590  H HD2  . LYS A 1 46 ? -2.212  3.634   -13.600 1.00 1.96 ? 37 LYS A HD2  1 
ATOM 591  H HD3  . LYS A 1 46 ? -2.298  5.388   -13.430 1.00 2.24 ? 37 LYS A HD3  1 
ATOM 592  H HE2  . LYS A 1 46 ? -0.432  3.746   -15.131 1.00 2.44 ? 37 LYS A HE2  1 
ATOM 593  H HE3  . LYS A 1 46 ? -1.340  5.209   -15.556 1.00 2.29 ? 37 LYS A HE3  1 
ATOM 594  H HZ1  . LYS A 1 46 ? 0.115   6.100   -13.516 1.00 3.28 ? 37 LYS A HZ1  1 
ATOM 595  H HZ2  . LYS A 1 46 ? 1.191   4.953   -14.150 1.00 3.34 ? 37 LYS A HZ2  1 
ATOM 596  H HZ3  . LYS A 1 46 ? 0.617   6.214   -15.134 1.00 3.20 ? 37 LYS A HZ3  1 
ATOM 597  N N    . GLY A 1 47 ? -3.175  4.268   -9.054  1.00 0.82 ? 38 GLY A N    1 
ATOM 598  C CA   . GLY A 1 47 ? -4.239  5.213   -8.614  1.00 1.05 ? 38 GLY A CA   1 
ATOM 599  C C    . GLY A 1 47 ? -5.611  4.560   -8.798  1.00 1.00 ? 38 GLY A C    1 
ATOM 600  O O    . GLY A 1 47 ? -6.585  5.219   -9.102  1.00 1.37 ? 38 GLY A O    1 
ATOM 601  H H    . GLY A 1 47 ? -3.330  3.302   -9.014  1.00 0.81 ? 38 GLY A H    1 
ATOM 602  H HA2  . GLY A 1 47 ? -4.091  5.457   -7.570  1.00 1.31 ? 38 GLY A HA2  1 
ATOM 603  H HA3  . GLY A 1 47 ? -4.189  6.114   -9.206  1.00 1.38 ? 38 GLY A HA3  1 
ATOM 604  N N    . GLN A 1 48 ? -5.695  3.271   -8.613  1.00 0.93 ? 39 GLN A N    1 
ATOM 605  C CA   . GLN A 1 48 ? -7.005  2.575   -8.775  1.00 1.29 ? 39 GLN A CA   1 
ATOM 606  C C    . GLN A 1 48 ? -7.427  1.933   -7.449  1.00 1.08 ? 39 GLN A C    1 
ATOM 607  O O    . GLN A 1 48 ? -6.789  1.016   -6.974  1.00 0.92 ? 39 GLN A O    1 
ATOM 608  C CB   . GLN A 1 48 ? -6.753  1.498   -9.830  1.00 1.74 ? 39 GLN A CB   1 
ATOM 609  C CG   . GLN A 1 48 ? -7.342  1.939   -11.172 1.00 2.31 ? 39 GLN A CG   1 
ATOM 610  C CD   . GLN A 1 48 ? -8.735  1.330   -11.342 1.00 2.97 ? 39 GLN A CD   1 
ATOM 611  O OE1  . GLN A 1 48 ? -9.614  1.558   -10.534 1.00 3.59 ? 39 GLN A OE1  1 
ATOM 612  N NE2  . GLN A 1 48 ? -8.978  0.560   -12.368 1.00 3.33 ? 39 GLN A NE2  1 
ATOM 613  H H    . GLN A 1 48 ? -4.896  2.760   -8.366  1.00 0.93 ? 39 GLN A H    1 
ATOM 614  H HA   . GLN A 1 48 ? -7.760  3.264   -9.121  1.00 1.59 ? 39 GLN A HA   1 
ATOM 615  H HB2  . GLN A 1 48 ? -5.688  1.343   -9.939  1.00 1.84 ? 39 GLN A HB2  1 
ATOM 616  H HB3  . GLN A 1 48 ? -7.220  0.575   -9.520  1.00 2.21 ? 39 GLN A HB3  1 
ATOM 617  H HG2  . GLN A 1 48 ? -7.413  3.016   -11.195 1.00 2.59 ? 39 GLN A HG2  1 
ATOM 618  H HG3  . GLN A 1 48 ? -6.704  1.602   -11.972 1.00 2.64 ? 39 GLN A HG3  1 
ATOM 619  H HE21 . GLN A 1 48 ? -8.269  0.377   -13.022 1.00 3.31 ? 39 GLN A HE21 1 
ATOM 620  H HE22 . GLN A 1 48 ? -9.867  0.168   -12.487 1.00 3.88 ? 39 GLN A HE22 1 
ATOM 621  N N    . PRO A 1 49 ? -8.497  2.441   -6.894  1.00 1.23 ? 40 PRO A N    1 
ATOM 622  C CA   . PRO A 1 49 ? -9.014  1.910   -5.609  1.00 1.15 ? 40 PRO A CA   1 
ATOM 623  C C    . PRO A 1 49 ? -9.675  0.547   -5.824  1.00 1.25 ? 40 PRO A C    1 
ATOM 624  O O    . PRO A 1 49 ? -10.866 0.451   -6.047  1.00 1.63 ? 40 PRO A O    1 
ATOM 625  C CB   . PRO A 1 49 ? -10.044 2.949   -5.177  1.00 1.53 ? 40 PRO A CB   1 
ATOM 626  C CG   . PRO A 1 49 ? -10.478 3.614   -6.445  1.00 1.83 ? 40 PRO A CG   1 
ATOM 627  C CD   . PRO A 1 49 ? -9.318  3.545   -7.406  1.00 1.59 ? 40 PRO A CD   1 
ATOM 628  H HA   . PRO A 1 49 ? -8.225  1.843   -4.877  1.00 0.96 ? 40 PRO A HA   1 
ATOM 629  H HB2  . PRO A 1 49 ? -10.883 2.467   -4.696  1.00 1.65 ? 40 PRO A HB2  1 
ATOM 630  H HB3  . PRO A 1 49 ? -9.593  3.673   -4.517  1.00 1.59 ? 40 PRO A HB3  1 
ATOM 631  H HG2  . PRO A 1 49 ? -11.334 3.094   -6.856  1.00 2.06 ? 40 PRO A HG2  1 
ATOM 632  H HG3  . PRO A 1 49 ? -10.729 4.645   -6.253  1.00 2.07 ? 40 PRO A HG3  1 
ATOM 633  H HD2  . PRO A 1 49 ? -9.669  3.328   -8.406  1.00 1.77 ? 40 PRO A HD2  1 
ATOM 634  H HD3  . PRO A 1 49 ? -8.756  4.464   -7.390  1.00 1.60 ? 40 PRO A HD3  1 
ATOM 635  N N    . LEU A 1 50 ? -8.914  -0.508  -5.757  1.00 1.11 ? 41 LEU A N    1 
ATOM 636  C CA   . LEU A 1 50 ? -9.501  -1.862  -5.958  1.00 1.44 ? 41 LEU A CA   1 
ATOM 637  C C    . LEU A 1 50 ? -10.391 -2.228  -4.767  1.00 1.58 ? 41 LEU A C    1 
ATOM 638  O O    . LEU A 1 50 ? -11.253 -1.470  -4.369  1.00 1.96 ? 41 LEU A O    1 
ATOM 639  C CB   . LEU A 1 50 ? -8.302  -2.806  -6.045  1.00 1.74 ? 41 LEU A CB   1 
ATOM 640  C CG   . LEU A 1 50 ? -7.392  -2.593  -4.835  1.00 2.11 ? 41 LEU A CG   1 
ATOM 641  C CD1  . LEU A 1 50 ? -6.611  -3.878  -4.551  1.00 2.57 ? 41 LEU A CD1  1 
ATOM 642  C CD2  . LEU A 1 50 ? -6.412  -1.455  -5.128  1.00 2.90 ? 41 LEU A CD2  1 
ATOM 643  H H    . LEU A 1 50 ? -7.955  -0.411  -5.576  1.00 0.94 ? 41 LEU A H    1 
ATOM 644  H HA   . LEU A 1 50 ? -10.066 -1.896  -6.875  1.00 1.75 ? 41 LEU A HA   1 
ATOM 645  H HB2  . LEU A 1 50 ? -8.650  -3.828  -6.059  1.00 2.15 ? 41 LEU A HB2  1 
ATOM 646  H HB3  . LEU A 1 50 ? -7.748  -2.602  -6.949  1.00 2.12 ? 41 LEU A HB3  1 
ATOM 647  H HG   . LEU A 1 50 ? -7.994  -2.340  -3.974  1.00 2.30 ? 41 LEU A HG   1 
ATOM 648  H HD11 . LEU A 1 50 ? -6.643  -4.518  -5.421  1.00 3.10 ? 41 LEU A HD11 1 
ATOM 649  H HD12 . LEU A 1 50 ? -5.584  -3.632  -4.324  1.00 2.88 ? 41 LEU A HD12 1 
ATOM 650  H HD13 . LEU A 1 50 ? -7.053  -4.391  -3.711  1.00 2.75 ? 41 LEU A HD13 1 
ATOM 651  H HD21 . LEU A 1 50 ? -6.811  -0.829  -5.913  1.00 3.45 ? 41 LEU A HD21 1 
ATOM 652  H HD22 . LEU A 1 50 ? -6.269  -0.863  -4.236  1.00 3.16 ? 41 LEU A HD22 1 
ATOM 653  H HD23 . LEU A 1 50 ? -5.464  -1.868  -5.443  1.00 3.29 ? 41 LEU A HD23 1 
ATOM 654  N N    . THR A 1 51 ? -10.188 -3.382  -4.193  1.00 1.78 ? 42 THR A N    1 
ATOM 655  C CA   . THR A 1 51 ? -11.020 -3.793  -3.027  1.00 2.19 ? 42 THR A CA   1 
ATOM 656  C C    . THR A 1 51 ? -10.407 -5.024  -2.352  1.00 1.94 ? 42 THR A C    1 
ATOM 657  O O    . THR A 1 51 ? -10.386 -6.104  -2.908  1.00 2.00 ? 42 THR A O    1 
ATOM 658  C CB   . THR A 1 51 ? -12.392 -4.121  -3.615  1.00 2.91 ? 42 THR A CB   1 
ATOM 659  O OG1  . THR A 1 51 ? -12.276 -4.286  -5.021  1.00 3.28 ? 42 THR A OG1  1 
ATOM 660  C CG2  . THR A 1 51 ? -13.363 -2.979  -3.314  1.00 3.51 ? 42 THR A CG2  1 
ATOM 661  H H    . THR A 1 51 ? -9.485  -3.978  -4.528  1.00 1.97 ? 42 THR A H    1 
ATOM 662  H HA   . THR A 1 51 ? -11.106 -2.981  -2.322  1.00 2.44 ? 42 THR A HA   1 
ATOM 663  H HB   . THR A 1 51 ? -12.767 -5.033  -3.174  1.00 3.25 ? 42 THR A HB   1 
ATOM 664  H HG1  . THR A 1 51 ? -13.034 -3.867  -5.433  1.00 3.68 ? 42 THR A HG1  1 
ATOM 665  H HG21 . THR A 1 51 ? -13.081 -2.504  -2.384  1.00 4.03 ? 42 THR A HG21 1 
ATOM 666  H HG22 . THR A 1 51 ? -13.325 -2.253  -4.112  1.00 3.75 ? 42 THR A HG22 1 
ATOM 667  H HG23 . THR A 1 51 ? -14.365 -3.369  -3.227  1.00 3.72 ? 42 THR A HG23 1 
ATOM 668  N N    . ALA A 1 52 ? -9.907  -4.868  -1.156  1.00 2.15 ? 43 ALA A N    1 
ATOM 669  C CA   . ALA A 1 52 ? -9.293  -6.024  -0.444  1.00 2.22 ? 43 ALA A CA   1 
ATOM 670  C C    . ALA A 1 52 ? -10.079 -7.304  -0.737  1.00 1.78 ? 43 ALA A C    1 
ATOM 671  O O    . ALA A 1 52 ? -11.193 -7.477  -0.288  1.00 2.10 ? 43 ALA A O    1 
ATOM 672  C CB   . ALA A 1 52 ? -9.383  -5.671  1.038   1.00 3.09 ? 43 ALA A CB   1 
ATOM 673  H H    . ALA A 1 52 ? -9.934  -3.987  -0.726  1.00 2.53 ? 43 ALA A H    1 
ATOM 674  H HA   . ALA A 1 52 ? -8.261  -6.141  -0.735  1.00 2.40 ? 43 ALA A HA   1 
ATOM 675  H HB1  . ALA A 1 52 ? -9.517  -4.605  1.146   1.00 3.47 ? 43 ALA A HB1  1 
ATOM 676  H HB2  . ALA A 1 52 ? -10.222 -6.187  1.480   1.00 3.46 ? 43 ALA A HB2  1 
ATOM 677  H HB3  . ALA A 1 52 ? -8.473  -5.971  1.536   1.00 3.47 ? 43 ALA A HB3  1 
ATOM 678  N N    . SER A 1 53 ? -9.502  -8.203  -1.485  1.00 1.44 ? 44 SER A N    1 
ATOM 679  C CA   . SER A 1 53 ? -10.212 -9.474  -1.803  1.00 1.63 ? 44 SER A CA   1 
ATOM 680  C C    . SER A 1 53 ? -9.305  -10.670 -1.507  1.00 1.53 ? 44 SER A C    1 
ATOM 681  O O    . SER A 1 53 ? -8.553  -10.658 -0.553  1.00 1.90 ? 44 SER A O    1 
ATOM 682  C CB   . SER A 1 53 ? -10.517 -9.392  -3.299  1.00 2.28 ? 44 SER A CB   1 
ATOM 683  O OG   . SER A 1 53 ? -11.287 -8.225  -3.562  1.00 2.92 ? 44 SER A OG   1 
ATOM 684  H H    . SER A 1 53 ? -8.601  -8.044  -1.834  1.00 1.46 ? 44 SER A H    1 
ATOM 685  H HA   . SER A 1 53 ? -11.131 -9.544  -1.242  1.00 2.10 ? 44 SER A HA   1 
ATOM 686  H HB2  . SER A 1 53 ? -9.594  -9.339  -3.853  1.00 2.66 ? 44 SER A HB2  1 
ATOM 687  H HB3  . SER A 1 53 ? -11.066 -10.275 -3.601  1.00 2.59 ? 44 SER A HB3  1 
ATOM 688  H HG   . SER A 1 53 ? -12.206 -8.431  -3.384  1.00 3.30 ? 44 SER A HG   1 
ATOM 689  N N    . PRO A 1 54 ? -9.409  -11.665 -2.343  1.00 1.69 ? 45 PRO A N    1 
ATOM 690  C CA   . PRO A 1 54 ? -8.586  -12.886 -2.179  1.00 2.18 ? 45 PRO A CA   1 
ATOM 691  C C    . PRO A 1 54 ? -7.133  -12.597 -2.565  1.00 1.86 ? 45 PRO A C    1 
ATOM 692  O O    . PRO A 1 54 ? -6.219  -13.271 -2.135  1.00 2.05 ? 45 PRO A O    1 
ATOM 693  C CB   . PRO A 1 54 ? -9.224  -13.879 -3.146  1.00 2.85 ? 45 PRO A CB   1 
ATOM 694  C CG   . PRO A 1 54 ? -9.899  -13.034 -4.180  1.00 2.74 ? 45 PRO A CG   1 
ATOM 695  C CD   . PRO A 1 54 ? -10.292 -11.743 -3.511  1.00 2.08 ? 45 PRO A CD   1 
ATOM 696  H HA   . PRO A 1 54 ? -8.648  -13.257 -1.169  1.00 2.60 ? 45 PRO A HA   1 
ATOM 697  H HB2  . PRO A 1 54 ? -8.465  -14.500 -3.602  1.00 3.16 ? 45 PRO A HB2  1 
ATOM 698  H HB3  . PRO A 1 54 ? -9.954  -14.486 -2.634  1.00 3.33 ? 45 PRO A HB3  1 
ATOM 699  H HG2  . PRO A 1 54 ? -9.218  -12.838 -4.997  1.00 2.80 ? 45 PRO A HG2  1 
ATOM 700  H HG3  . PRO A 1 54 ? -10.783 -13.536 -4.548  1.00 3.30 ? 45 PRO A HG3  1 
ATOM 701  H HD2  . PRO A 1 54 ? -10.124 -10.906 -4.175  1.00 2.08 ? 45 PRO A HD2  1 
ATOM 702  H HD3  . PRO A 1 54 ? -11.323 -11.778 -3.195  1.00 2.28 ? 45 PRO A HD3  1 
ATOM 703  N N    . ASP A 1 55 ? -6.915  -11.596 -3.373  1.00 1.57 ? 46 ASP A N    1 
ATOM 704  C CA   . ASP A 1 55 ? -5.523  -11.260 -3.786  1.00 1.48 ? 46 ASP A CA   1 
ATOM 705  C C    . ASP A 1 55 ? -5.057  -9.985  -3.078  1.00 1.31 ? 46 ASP A C    1 
ATOM 706  O O    . ASP A 1 55 ? -3.995  -9.463  -3.352  1.00 1.68 ? 46 ASP A O    1 
ATOM 707  C CB   . ASP A 1 55 ? -5.599  -11.038 -5.297  1.00 1.62 ? 46 ASP A CB   1 
ATOM 708  C CG   . ASP A 1 55 ? -4.759  -12.099 -6.013  1.00 2.00 ? 46 ASP A CG   1 
ATOM 709  O OD1  . ASP A 1 55 ? -3.545  -12.013 -5.940  1.00 2.60 ? 46 ASP A OD1  1 
ATOM 710  O OD2  . ASP A 1 55 ? -5.345  -12.977 -6.627  1.00 2.53 ? 46 ASP A OD2  1 
ATOM 711  H H    . ASP A 1 55 ? -7.667  -11.062 -3.707  1.00 1.60 ? 46 ASP A H    1 
ATOM 712  H HA   . ASP A 1 55 ? -4.856  -12.080 -3.565  1.00 1.64 ? 46 ASP A HA   1 
ATOM 713  H HB2  . ASP A 1 55 ? -6.628  -11.116 -5.618  1.00 1.93 ? 46 ASP A HB2  1 
ATOM 714  H HB3  . ASP A 1 55 ? -5.219  -10.058 -5.537  1.00 2.04 ? 46 ASP A HB3  1 
ATOM 715  N N    . CYS A 1 56 ? -5.844  -9.481  -2.166  1.00 0.97 ? 47 CYS A N    1 
ATOM 716  C CA   . CYS A 1 56 ? -5.448  -8.241  -1.438  1.00 0.84 ? 47 CYS A CA   1 
ATOM 717  C C    . CYS A 1 56 ? -5.522  -8.473  0.073   1.00 0.82 ? 47 CYS A C    1 
ATOM 718  O O    . CYS A 1 56 ? -6.546  -8.858  0.602   1.00 1.03 ? 47 CYS A O    1 
ATOM 719  C CB   . CYS A 1 56 ? -6.467  -7.186  -1.869  1.00 0.94 ? 47 CYS A CB   1 
ATOM 720  S SG   . CYS A 1 56 ? -5.718  -5.542  -1.748  1.00 1.34 ? 47 CYS A SG   1 
ATOM 721  H H    . CYS A 1 56 ? -6.697  -9.918  -1.960  1.00 1.04 ? 47 CYS A H    1 
ATOM 722  H HA   . CYS A 1 56 ? -4.455  -7.935  -1.726  1.00 0.80 ? 47 CYS A HA   1 
ATOM 723  H HB2  . CYS A 1 56 ? -6.767  -7.371  -2.891  1.00 1.25 ? 47 CYS A HB2  1 
ATOM 724  H HB3  . CYS A 1 56 ? -7.332  -7.237  -1.225  1.00 1.13 ? 47 CYS A HB3  1 
ATOM 725  H HG   . CYS A 1 56 ? -5.065  -5.566  -1.044  1.00 1.83 ? 47 CYS A HG   1 
ATOM 726  N N    . GLU A 1 57 ? -4.444  -8.245  0.771   1.00 0.68 ? 48 GLU A N    1 
ATOM 727  C CA   . GLU A 1 57 ? -4.455  -8.457  2.246   1.00 0.75 ? 48 GLU A CA   1 
ATOM 728  C C    . GLU A 1 57 ? -4.128  -7.149  2.974   1.00 0.70 ? 48 GLU A C    1 
ATOM 729  O O    . GLU A 1 57 ? -2.989  -6.867  3.284   1.00 0.95 ? 48 GLU A O    1 
ATOM 730  C CB   . GLU A 1 57 ? -3.367  -9.501  2.498   1.00 0.80 ? 48 GLU A CB   1 
ATOM 731  C CG   . GLU A 1 57 ? -4.018  -10.845 2.828   1.00 1.64 ? 48 GLU A CG   1 
ATOM 732  C CD   . GLU A 1 57 ? -3.249  -11.521 3.965   1.00 1.67 ? 48 GLU A CD   1 
ATOM 733  O OE1  . GLU A 1 57 ? -3.448  -11.129 5.102   1.00 2.19 ? 48 GLU A OE1  1 
ATOM 734  O OE2  . GLU A 1 57 ? -2.472  -12.418 3.678   1.00 1.98 ? 48 GLU A OE2  1 
ATOM 735  H H    . GLU A 1 57 ? -3.627  -7.937  0.326   1.00 0.64 ? 48 GLU A H    1 
ATOM 736  H HA   . GLU A 1 57 ? -5.412  -8.839  2.566   1.00 0.88 ? 48 GLU A HA   1 
ATOM 737  H HB2  . GLU A 1 57 ? -2.756  -9.604  1.612   1.00 1.17 ? 48 GLU A HB2  1 
ATOM 738  H HB3  . GLU A 1 57 ? -2.750  -9.189  3.325   1.00 0.77 ? 48 GLU A HB3  1 
ATOM 739  H HG2  . GLU A 1 57 ? -5.042  -10.684 3.132   1.00 2.23 ? 48 GLU A HG2  1 
ATOM 740  H HG3  . GLU A 1 57 ? -3.997  -11.481 1.955   1.00 2.28 ? 48 GLU A HG3  1 
ATOM 741  N N    . ILE A 1 58 ? -5.124  -6.349  3.249   1.00 0.74 ? 49 ILE A N    1 
ATOM 742  C CA   . ILE A 1 58 ? -4.874  -5.058  3.956   1.00 0.73 ? 49 ILE A CA   1 
ATOM 743  C C    . ILE A 1 58 ? -5.183  -5.201  5.449   1.00 0.76 ? 49 ILE A C    1 
ATOM 744  O O    . ILE A 1 58 ? -6.313  -5.413  5.841   1.00 0.99 ? 49 ILE A O    1 
ATOM 745  C CB   . ILE A 1 58 ? -5.833  -4.060  3.308   1.00 0.89 ? 49 ILE A CB   1 
ATOM 746  C CG1  . ILE A 1 58 ? -5.196  -3.495  2.039   1.00 1.20 ? 49 ILE A CG1  1 
ATOM 747  C CG2  . ILE A 1 58 ? -6.123  -2.917  4.284   1.00 1.55 ? 49 ILE A CG2  1 
ATOM 748  C CD1  . ILE A 1 58 ? -6.209  -2.607  1.310   1.00 1.92 ? 49 ILE A CD1  1 
ATOM 749  H H    . ILE A 1 58 ? -6.037  -6.596  2.990   1.00 0.99 ? 49 ILE A H    1 
ATOM 750  H HA   . ILE A 1 58 ? -3.856  -4.737  3.808   1.00 0.71 ? 49 ILE A HA   1 
ATOM 751  H HB   . ILE A 1 58 ? -6.757  -4.562  3.058   1.00 1.53 ? 49 ILE A HB   1 
ATOM 752  H HG12 . ILE A 1 58 ? -4.328  -2.909  2.302   1.00 1.42 ? 49 ILE A HG12 1 
ATOM 753  H HG13 . ILE A 1 58 ? -4.902  -4.307  1.391   1.00 1.72 ? 49 ILE A HG13 1 
ATOM 754  H HG21 . ILE A 1 58 ? -5.422  -2.960  5.105   1.00 2.10 ? 49 ILE A HG21 1 
ATOM 755  H HG22 . ILE A 1 58 ? -6.020  -1.972  3.772   1.00 2.04 ? 49 ILE A HG22 1 
ATOM 756  H HG23 . ILE A 1 58 ? -7.130  -3.014  4.664   1.00 2.04 ? 49 ILE A HG23 1 
ATOM 757  H HD11 . ILE A 1 58 ? -7.208  -2.972  1.498   1.00 2.51 ? 49 ILE A HD11 1 
ATOM 758  H HD12 . ILE A 1 58 ? -6.123  -1.592  1.670   1.00 2.24 ? 49 ILE A HD12 1 
ATOM 759  H HD13 . ILE A 1 58 ? -6.011  -2.630  0.249   1.00 2.31 ? 49 ILE A HD13 1 
ATOM 760  N N    . ILE A 1 59 ? -4.187  -5.080  6.283   1.00 0.72 ? 50 ILE A N    1 
ATOM 761  C CA   . ILE A 1 59 ? -4.424  -5.204  7.749   1.00 0.82 ? 50 ILE A CA   1 
ATOM 762  C C    . ILE A 1 59 ? -3.945  -3.940  8.466   1.00 0.80 ? 50 ILE A C    1 
ATOM 763  O O    . ILE A 1 59 ? -2.762  -3.732  8.652   1.00 0.88 ? 50 ILE A O    1 
ATOM 764  C CB   . ILE A 1 59 ? -3.598  -6.414  8.185   1.00 0.92 ? 50 ILE A CB   1 
ATOM 765  C CG1  . ILE A 1 59 ? -4.534  -7.518  8.685   1.00 1.65 ? 50 ILE A CG1  1 
ATOM 766  C CG2  . ILE A 1 59 ? -2.648  -6.007  9.313   1.00 1.61 ? 50 ILE A CG2  1 
ATOM 767  C CD1  . ILE A 1 59 ? -3.733  -8.804  8.907   1.00 2.18 ? 50 ILE A CD1  1 
ATOM 768  H H    . ILE A 1 59 ? -3.283  -4.907  5.946   1.00 0.78 ? 50 ILE A H    1 
ATOM 769  H HA   . ILE A 1 59 ? -5.470  -5.380  7.949   1.00 0.93 ? 50 ILE A HA   1 
ATOM 770  H HB   . ILE A 1 59 ? -3.024  -6.779  7.345   1.00 1.48 ? 50 ILE A HB   1 
ATOM 771  H HG12 . ILE A 1 59 ? -4.986  -7.209  9.617   1.00 2.08 ? 50 ILE A HG12 1 
ATOM 772  H HG13 . ILE A 1 59 ? -5.304  -7.698  7.951   1.00 2.35 ? 50 ILE A HG13 1 
ATOM 773  H HG21 . ILE A 1 59 ? -2.762  -4.953  9.517   1.00 2.12 ? 50 ILE A HG21 1 
ATOM 774  H HG22 . ILE A 1 59 ? -2.882  -6.573  10.202  1.00 2.15 ? 50 ILE A HG22 1 
ATOM 775  H HG23 . ILE A 1 59 ? -1.630  -6.208  9.016   1.00 2.15 ? 50 ILE A HG23 1 
ATOM 776  H HD11 . ILE A 1 59 ? -2.758  -8.704  8.450   1.00 2.60 ? 50 ILE A HD11 1 
ATOM 777  H HD12 . ILE A 1 59 ? -3.619  -8.979  9.965   1.00 2.52 ? 50 ILE A HD12 1 
ATOM 778  H HD13 . ILE A 1 59 ? -4.257  -9.635  8.458   1.00 2.60 ? 50 ILE A HD13 1 
ATOM 779  N N    . GLU A 1 60 ? -4.852  -3.092  8.866   1.00 0.81 ? 51 GLU A N    1 
ATOM 780  C CA   . GLU A 1 60 ? -4.442  -1.839  9.567   1.00 0.87 ? 51 GLU A CA   1 
ATOM 781  C C    . GLU A 1 60 ? -5.191  -1.706  10.896  1.00 1.12 ? 51 GLU A C    1 
ATOM 782  O O    . GLU A 1 60 ? -6.386  -1.906  10.967  1.00 1.35 ? 51 GLU A O    1 
ATOM 783  C CB   . GLU A 1 60 ? -4.836  -0.709  8.616   1.00 0.88 ? 51 GLU A CB   1 
ATOM 784  C CG   . GLU A 1 60 ? -6.350  -0.733  8.393   1.00 1.15 ? 51 GLU A CG   1 
ATOM 785  C CD   . GLU A 1 60 ? -6.741  0.375   7.413   1.00 1.52 ? 51 GLU A CD   1 
ATOM 786  O OE1  . GLU A 1 60 ? -6.896  1.501   7.853   1.00 2.21 ? 51 GLU A OE1  1 
ATOM 787  O OE2  . GLU A 1 60 ? -6.880  0.077   6.239   1.00 1.95 ? 51 GLU A OE2  1 
ATOM 788  H H    . GLU A 1 60 ? -5.801  -3.277  8.705   1.00 0.88 ? 51 GLU A H    1 
ATOM 789  H HA   . GLU A 1 60 ? -3.377  -1.829  9.730   1.00 0.86 ? 51 GLU A HA   1 
ATOM 790  H HB2  . GLU A 1 60 ? -4.550  0.240   9.045   1.00 1.01 ? 51 GLU A HB2  1 
ATOM 791  H HB3  . GLU A 1 60 ? -4.334  -0.842  7.668   1.00 0.89 ? 51 GLU A HB3  1 
ATOM 792  H HG2  . GLU A 1 60 ? -6.639  -1.692  7.988   1.00 1.49 ? 51 GLU A HG2  1 
ATOM 793  H HG3  . GLU A 1 60 ? -6.855  -0.573  9.335   1.00 1.58 ? 51 GLU A HG3  1 
ATOM 794  N N    . ASP A 1 61 ? -4.495  -1.364  11.947  1.00 1.17 ? 52 ASP A N    1 
ATOM 795  C CA   . ASP A 1 61 ? -5.169  -1.213  13.269  1.00 1.48 ? 52 ASP A CA   1 
ATOM 796  C C    . ASP A 1 61 ? -5.291  0.270   13.633  1.00 1.34 ? 52 ASP A C    1 
ATOM 797  O O    . ASP A 1 61 ? -5.358  0.633   14.791  1.00 1.62 ? 52 ASP A O    1 
ATOM 798  C CB   . ASP A 1 61 ? -4.263  -1.945  14.262  1.00 1.75 ? 52 ASP A CB   1 
ATOM 799  C CG   . ASP A 1 61 ? -5.098  -2.919  15.095  1.00 2.27 ? 52 ASP A CG   1 
ATOM 800  O OD1  . ASP A 1 61 ? -5.687  -3.813  14.511  1.00 2.84 ? 52 ASP A OD1  1 
ATOM 801  O OD2  . ASP A 1 61 ? -5.134  -2.755  16.304  1.00 2.58 ? 52 ASP A OD2  1 
ATOM 802  H H    . ASP A 1 61 ? -3.532  -1.205  11.866  1.00 1.08 ? 52 ASP A H    1 
ATOM 803  H HA   . ASP A 1 61 ? -6.143  -1.677  13.251  1.00 1.73 ? 52 ASP A HA   1 
ATOM 804  H HB2  . ASP A 1 61 ? -3.504  -2.493  13.721  1.00 1.80 ? 52 ASP A HB2  1 
ATOM 805  H HB3  . ASP A 1 61 ? -3.790  -1.227  14.917  1.00 1.76 ? 52 ASP A HB3  1 
ATOM 806  N N    . GLY A 1 62 ? -5.324  1.131   12.650  1.00 1.14 ? 53 GLY A N    1 
ATOM 807  C CA   . GLY A 1 62 ? -5.447  2.589   12.933  1.00 1.16 ? 53 GLY A CA   1 
ATOM 808  C C    . GLY A 1 62 ? -4.065  3.188   13.189  1.00 1.04 ? 53 GLY A C    1 
ATOM 809  O O    . GLY A 1 62 ? -3.237  3.281   12.303  1.00 1.27 ? 53 GLY A O    1 
ATOM 810  H H    . GLY A 1 62 ? -5.270  0.818   11.726  1.00 1.20 ? 53 GLY A H    1 
ATOM 811  H HA2  . GLY A 1 62 ? -5.901  3.083   12.089  1.00 1.27 ? 53 GLY A HA2  1 
ATOM 812  H HA3  . GLY A 1 62 ? -6.063  2.733   13.808  1.00 1.34 ? 53 GLY A HA3  1 
ATOM 813  N N    . LYS A 1 63 ? -3.816  3.595   14.398  1.00 1.12 ? 54 LYS A N    1 
ATOM 814  C CA   . LYS A 1 63 ? -2.494  4.194   14.733  1.00 1.30 ? 54 LYS A CA   1 
ATOM 815  C C    . LYS A 1 63 ? -1.417  3.660   13.784  1.00 1.07 ? 54 LYS A C    1 
ATOM 816  O O    . LYS A 1 63 ? -0.308  4.158   13.742  1.00 1.37 ? 54 LYS A O    1 
ATOM 817  C CB   . LYS A 1 63 ? -2.217  3.745   16.168  1.00 1.71 ? 54 LYS A CB   1 
ATOM 818  C CG   . LYS A 1 63 ? -2.354  2.224   16.260  1.00 1.65 ? 54 LYS A CG   1 
ATOM 819  C CD   . LYS A 1 63 ? -1.478  1.698   17.398  1.00 2.01 ? 54 LYS A CD   1 
ATOM 820  C CE   . LYS A 1 63 ? -2.317  0.810   18.321  1.00 2.52 ? 54 LYS A CE   1 
ATOM 821  N NZ   . LYS A 1 63 ? -1.380  0.380   19.396  1.00 3.02 ? 54 LYS A NZ   1 
ATOM 822  H H    . LYS A 1 63 ? -4.504  3.507   15.089  1.00 1.35 ? 54 LYS A H    1 
ATOM 823  H HA   . LYS A 1 63 ? -2.543  5.271   14.685  1.00 1.49 ? 54 LYS A HA   1 
ATOM 824  H HB2  . LYS A 1 63 ? -1.215  4.036   16.451  1.00 2.33 ? 54 LYS A HB2  1 
ATOM 825  H HB3  . LYS A 1 63 ? -2.930  4.209   16.834  1.00 1.99 ? 54 LYS A HB3  1 
ATOM 826  H HG2  . LYS A 1 63 ? -3.386  1.968   16.452  1.00 1.58 ? 54 LYS A HG2  1 
ATOM 827  H HG3  . LYS A 1 63 ? -2.038  1.777   15.330  1.00 2.16 ? 54 LYS A HG3  1 
ATOM 828  H HD2  . LYS A 1 63 ? -0.662  1.121   16.986  1.00 2.54 ? 54 LYS A HD2  1 
ATOM 829  H HD3  . LYS A 1 63 ? -1.082  2.527   17.963  1.00 2.17 ? 54 LYS A HD3  1 
ATOM 830  H HE2  . LYS A 1 63 ? -3.140  1.375   18.737  1.00 2.84 ? 54 LYS A HE2  1 
ATOM 831  H HE3  . LYS A 1 63 ? -2.683  -0.051  17.783  1.00 2.94 ? 54 LYS A HE3  1 
ATOM 832  H HZ1  . LYS A 1 63 ? -0.850  1.203   19.743  1.00 3.35 ? 54 LYS A HZ1  1 
ATOM 833  H HZ2  . LYS A 1 63 ? -1.922  -0.035  20.181  1.00 3.21 ? 54 LYS A HZ2  1 
ATOM 834  H HZ3  . LYS A 1 63 ? -0.719  -0.328  19.017  1.00 3.44 ? 54 LYS A HZ3  1 
ATOM 835  N N    . LYS A 1 64 ? -1.733  2.646   13.025  1.00 0.75 ? 55 LYS A N    1 
ATOM 836  C CA   . LYS A 1 64 ? -0.728  2.078   12.084  1.00 0.63 ? 55 LYS A CA   1 
ATOM 837  C C    . LYS A 1 64 ? -1.415  1.523   10.833  1.00 0.58 ? 55 LYS A C    1 
ATOM 838  O O    . LYS A 1 64 ? -2.570  1.147   10.863  1.00 0.81 ? 55 LYS A O    1 
ATOM 839  C CB   . LYS A 1 64 ? -0.052  0.954   12.871  1.00 0.85 ? 55 LYS A CB   1 
ATOM 840  C CG   . LYS A 1 64 ? 1.310   1.428   13.370  1.00 1.23 ? 55 LYS A CG   1 
ATOM 841  C CD   . LYS A 1 64 ? 2.404   0.542   12.777  1.00 1.57 ? 55 LYS A CD   1 
ATOM 842  C CE   . LYS A 1 64 ? 3.722   0.807   13.503  1.00 2.04 ? 55 LYS A CE   1 
ATOM 843  N NZ   . LYS A 1 64 ? 4.723   -0.044  12.802  1.00 2.57 ? 55 LYS A NZ   1 
ATOM 844  H H    . LYS A 1 64 ? -2.631  2.259   13.077  1.00 0.84 ? 55 LYS A H    1 
ATOM 845  H HA   . LYS A 1 64 ? 0.001   2.826   11.813  1.00 0.62 ? 55 LYS A HA   1 
ATOM 846  H HB2  . LYS A 1 64 ? -0.672  0.681   13.713  1.00 1.12 ? 55 LYS A HB2  1 
ATOM 847  H HB3  . LYS A 1 64 ? 0.081   0.096   12.229  1.00 1.10 ? 55 LYS A HB3  1 
ATOM 848  H HG2  . LYS A 1 64 ? 1.468   2.452   13.065  1.00 1.62 ? 55 LYS A HG2  1 
ATOM 849  H HG3  . LYS A 1 64 ? 1.342   1.365   14.448  1.00 1.61 ? 55 LYS A HG3  1 
ATOM 850  H HD2  . LYS A 1 64 ? 2.129   -0.497  12.893  1.00 1.86 ? 55 LYS A HD2  1 
ATOM 851  H HD3  . LYS A 1 64 ? 2.521   0.769   11.728  1.00 2.01 ? 55 LYS A HD3  1 
ATOM 852  H HE2  . LYS A 1 64 ? 3.991   1.851   13.423  1.00 2.51 ? 55 LYS A HE2  1 
ATOM 853  H HE3  . LYS A 1 64 ? 3.648   0.514   14.538  1.00 2.39 ? 55 LYS A HE3  1 
ATOM 854  H HZ1  . LYS A 1 64 ? 4.248   -0.598  12.062  1.00 2.87 ? 55 LYS A HZ1  1 
ATOM 855  H HZ2  . LYS A 1 64 ? 5.448   0.561   12.367  1.00 2.98 ? 55 LYS A HZ2  1 
ATOM 856  H HZ3  . LYS A 1 64 ? 5.170   -0.687  13.486  1.00 2.92 ? 55 LYS A HZ3  1 
ATOM 857  N N    . HIS A 1 65 ? -0.708  1.462   9.738   1.00 0.46 ? 56 HIS A N    1 
ATOM 858  C CA   . HIS A 1 65 ? -1.311  0.925   8.483   1.00 0.44 ? 56 HIS A CA   1 
ATOM 859  C C    . HIS A 1 65 ? -0.310  0.005   7.779   1.00 0.44 ? 56 HIS A C    1 
ATOM 860  O O    . HIS A 1 65 ? 0.788   0.405   7.447   1.00 0.55 ? 56 HIS A O    1 
ATOM 861  C CB   . HIS A 1 65 ? -1.605  2.154   7.622   1.00 0.43 ? 56 HIS A CB   1 
ATOM 862  C CG   . HIS A 1 65 ? -2.756  2.920   8.214   1.00 0.44 ? 56 HIS A CG   1 
ATOM 863  N ND1  . HIS A 1 65 ? -4.032  2.386   8.304   1.00 0.51 ? 56 HIS A ND1  1 
ATOM 864  C CD2  . HIS A 1 65 ? -2.841  4.181   8.749   1.00 0.54 ? 56 HIS A CD2  1 
ATOM 865  C CE1  . HIS A 1 65 ? -4.822  3.315   8.874   1.00 0.58 ? 56 HIS A CE1  1 
ATOM 866  N NE2  . HIS A 1 65 ? -4.145  4.429   9.165   1.00 0.58 ? 56 HIS A NE2  1 
ATOM 867  H H    . HIS A 1 65 ? 0.224   1.768   9.739   1.00 0.57 ? 56 HIS A H    1 
ATOM 868  H HA   . HIS A 1 65 ? -2.226  0.396   8.698   1.00 0.50 ? 56 HIS A HA   1 
ATOM 869  H HB2  . HIS A 1 65 ? -0.731  2.788   7.588   1.00 0.44 ? 56 HIS A HB2  1 
ATOM 870  H HB3  . HIS A 1 65 ? -1.860  1.840   6.621   1.00 0.49 ? 56 HIS A HB3  1 
ATOM 871  H HD1  . HIS A 1 65 ? -4.308  1.494   8.005   1.00 0.60 ? 56 HIS A HD1  1 
ATOM 872  H HD2  . HIS A 1 65 ? -2.019  4.879   8.833   1.00 0.66 ? 56 HIS A HD2  1 
ATOM 873  H HE1  . HIS A 1 65 ? -5.875  3.176   9.071   1.00 0.70 ? 56 HIS A HE1  1 
ATOM 874  N N    . ILE A 1 66 ? -0.675  -1.229  7.552   1.00 0.42 ? 57 ILE A N    1 
ATOM 875  C CA   . ILE A 1 66 ? 0.265   -2.170  6.877   1.00 0.43 ? 57 ILE A CA   1 
ATOM 876  C C    . ILE A 1 66 ? -0.424  -2.865  5.699   1.00 0.43 ? 57 ILE A C    1 
ATOM 877  O O    . ILE A 1 66 ? -1.527  -3.359  5.815   1.00 0.53 ? 57 ILE A O    1 
ATOM 878  C CB   . ILE A 1 66 ? 0.643   -3.188  7.951   1.00 0.51 ? 57 ILE A CB   1 
ATOM 879  C CG1  . ILE A 1 66 ? 1.371   -2.478  9.094   1.00 0.56 ? 57 ILE A CG1  1 
ATOM 880  C CG2  . ILE A 1 66 ? 1.561   -4.254  7.348   1.00 0.56 ? 57 ILE A CG2  1 
ATOM 881  C CD1  . ILE A 1 66 ? 1.188   -3.271  10.389  1.00 1.45 ? 57 ILE A CD1  1 
ATOM 882  H H    . ILE A 1 66 ? -1.562  -1.537  7.830   1.00 0.47 ? 57 ILE A H    1 
ATOM 883  H HA   . ILE A 1 66 ? 1.147   -1.646  6.541   1.00 0.44 ? 57 ILE A HA   1 
ATOM 884  H HB   . ILE A 1 66 ? -0.253  -3.661  8.331   1.00 0.56 ? 57 ILE A HB   1 
ATOM 885  H HG12 . ILE A 1 66 ? 2.424   -2.407  8.861   1.00 1.03 ? 57 ILE A HG12 1 
ATOM 886  H HG13 . ILE A 1 66 ? 0.962   -1.487  9.220   1.00 0.85 ? 57 ILE A HG13 1 
ATOM 887  H HG21 . ILE A 1 66 ? 1.578   -4.149  6.274   1.00 1.23 ? 57 ILE A HG21 1 
ATOM 888  H HG22 . ILE A 1 66 ? 2.561   -4.128  7.736   1.00 0.96 ? 57 ILE A HG22 1 
ATOM 889  H HG23 . ILE A 1 66 ? 1.195   -5.236  7.610   1.00 1.25 ? 57 ILE A HG23 1 
ATOM 890  H HD11 . ILE A 1 66 ? 1.069   -4.319  10.156  1.00 2.04 ? 57 ILE A HD11 1 
ATOM 891  H HD12 . ILE A 1 66 ? 2.056   -3.138  11.019  1.00 1.98 ? 57 ILE A HD12 1 
ATOM 892  H HD13 . ILE A 1 66 ? 0.310   -2.916  10.909  1.00 1.95 ? 57 ILE A HD13 1 
ATOM 893  N N    . LEU A 1 67 ? 0.225   -2.912  4.567   1.00 0.37 ? 58 LEU A N    1 
ATOM 894  C CA   . LEU A 1 67 ? -0.385  -3.581  3.381   1.00 0.38 ? 58 LEU A CA   1 
ATOM 895  C C    . LEU A 1 67 ? 0.368   -4.875  3.068   1.00 0.40 ? 58 LEU A C    1 
ATOM 896  O O    . LEU A 1 67 ? 1.536   -5.014  3.374   1.00 0.48 ? 58 LEU A O    1 
ATOM 897  C CB   . LEU A 1 67 ? -0.232  -2.578  2.238   1.00 0.38 ? 58 LEU A CB   1 
ATOM 898  C CG   . LEU A 1 67 ? -0.833  -3.164  0.958   1.00 0.41 ? 58 LEU A CG   1 
ATOM 899  C CD1  . LEU A 1 67 ? -2.329  -2.843  0.902   1.00 1.04 ? 58 LEU A CD1  1 
ATOM 900  C CD2  . LEU A 1 67 ? -0.139  -2.545  -0.258  1.00 1.09 ? 58 LEU A CD2  1 
ATOM 901  H H    . LEU A 1 67 ? 1.116   -2.510  4.496   1.00 0.39 ? 58 LEU A H    1 
ATOM 902  H HA   . LEU A 1 67 ? -1.430  -3.784  3.560   1.00 0.40 ? 58 LEU A HA   1 
ATOM 903  H HB2  . LEU A 1 67 ? -0.745  -1.662  2.490   1.00 0.45 ? 58 LEU A HB2  1 
ATOM 904  H HB3  . LEU A 1 67 ? 0.815   -2.371  2.077   1.00 0.46 ? 58 LEU A HB3  1 
ATOM 905  H HG   . LEU A 1 67 ? -0.693  -4.234  0.951   1.00 0.93 ? 58 LEU A HG   1 
ATOM 906  H HD11 . LEU A 1 67 ? -2.692  -2.647  1.901   1.00 1.57 ? 58 LEU A HD11 1 
ATOM 907  H HD12 . LEU A 1 67 ? -2.489  -1.974  0.283   1.00 1.60 ? 58 LEU A HD12 1 
ATOM 908  H HD13 . LEU A 1 67 ? -2.862  -3.686  0.485   1.00 1.66 ? 58 LEU A HD13 1 
ATOM 909  H HD21 . LEU A 1 67 ? 0.084   -1.508  -0.055  1.00 1.77 ? 58 LEU A HD21 1 
ATOM 910  H HD22 . LEU A 1 67 ? 0.778   -3.078  -0.458  1.00 1.61 ? 58 LEU A HD22 1 
ATOM 911  H HD23 . LEU A 1 67 ? -0.789  -2.612  -1.117  1.00 1.59 ? 58 LEU A HD23 1 
ATOM 912  N N    . ILE A 1 68 ? -0.288  -5.825  2.463   1.00 0.40 ? 59 ILE A N    1 
ATOM 913  C CA   . ILE A 1 68 ? 0.399   -7.109  2.135   1.00 0.44 ? 59 ILE A CA   1 
ATOM 914  C C    . ILE A 1 68 ? -0.165  -7.698  0.839   1.00 0.47 ? 59 ILE A C    1 
ATOM 915  O O    . ILE A 1 68 ? -1.065  -8.513  0.855   1.00 0.65 ? 59 ILE A O    1 
ATOM 916  C CB   . ILE A 1 68 ? 0.098   -8.028  3.319   1.00 0.51 ? 59 ILE A CB   1 
ATOM 917  C CG1  . ILE A 1 68 ? 0.845   -7.521  4.556   1.00 0.52 ? 59 ILE A CG1  1 
ATOM 918  C CG2  . ILE A 1 68 ? 0.559   -9.451  2.996   1.00 0.61 ? 59 ILE A CG2  1 
ATOM 919  C CD1  . ILE A 1 68 ? 0.383   -8.300  5.788   1.00 1.13 ? 59 ILE A CD1  1 
ATOM 920  H H    . ILE A 1 68 ? -1.229  -5.698  2.223   1.00 0.43 ? 59 ILE A H    1 
ATOM 921  H HA   . ILE A 1 68 ? 1.463   -6.956  2.049   1.00 0.45 ? 59 ILE A HA   1 
ATOM 922  H HB   . ILE A 1 68 ? -0.964  -8.029  3.514   1.00 0.55 ? 59 ILE A HB   1 
ATOM 923  H HG12 . ILE A 1 68 ? 1.907   -7.662  4.418   1.00 1.04 ? 59 ILE A HG12 1 
ATOM 924  H HG13 . ILE A 1 68 ? 0.636   -6.471  4.698   1.00 0.96 ? 59 ILE A HG13 1 
ATOM 925  H HG21 . ILE A 1 68 ? 1.365   -9.413  2.279   1.00 1.12 ? 59 ILE A HG21 1 
ATOM 926  H HG22 . ILE A 1 68 ? 0.901   -9.932  3.899   1.00 1.26 ? 59 ILE A HG22 1 
ATOM 927  H HG23 . ILE A 1 68 ? -0.267  -10.010 2.581   1.00 1.21 ? 59 ILE A HG23 1 
ATOM 928  H HD11 . ILE A 1 68 ? 0.010   -9.267  5.484   1.00 1.77 ? 59 ILE A HD11 1 
ATOM 929  H HD12 . ILE A 1 68 ? 1.216   -8.433  6.464   1.00 1.42 ? 59 ILE A HD12 1 
ATOM 930  H HD13 . ILE A 1 68 ? -0.402  -7.751  6.288   1.00 1.83 ? 59 ILE A HD13 1 
ATOM 931  N N    . LEU A 1 69 ? 0.358   -7.291  -0.285  1.00 0.44 ? 60 LEU A N    1 
ATOM 932  C CA   . LEU A 1 69 ? -0.148  -7.828  -1.580  1.00 0.49 ? 60 LEU A CA   1 
ATOM 933  C C    . LEU A 1 69 ? 0.557   -9.145  -1.917  1.00 0.53 ? 60 LEU A C    1 
ATOM 934  O O    . LEU A 1 69 ? 1.759   -9.269  -1.785  1.00 0.86 ? 60 LEU A O    1 
ATOM 935  C CB   . LEU A 1 69 ? 0.192   -6.756  -2.615  1.00 0.53 ? 60 LEU A CB   1 
ATOM 936  C CG   . LEU A 1 69 ? -1.027  -5.860  -2.838  1.00 0.71 ? 60 LEU A CG   1 
ATOM 937  C CD1  . LEU A 1 69 ? -0.570  -4.484  -3.322  1.00 0.95 ? 60 LEU A CD1  1 
ATOM 938  C CD2  . LEU A 1 69 ? -1.937  -6.494  -3.892  1.00 0.93 ? 60 LEU A CD2  1 
ATOM 939  H H    . LEU A 1 69 ? 1.085   -6.633  -0.278  1.00 0.48 ? 60 LEU A H    1 
ATOM 940  H HA   . LEU A 1 69 ? -1.216  -7.973  -1.536  1.00 0.57 ? 60 LEU A HA   1 
ATOM 941  H HB2  . LEU A 1 69 ? 1.018   -6.160  -2.256  1.00 0.60 ? 60 LEU A HB2  1 
ATOM 942  H HB3  . LEU A 1 69 ? 0.466   -7.227  -3.547  1.00 0.54 ? 60 LEU A HB3  1 
ATOM 943  H HG   . LEU A 1 69 ? -1.570  -5.752  -1.909  1.00 0.87 ? 60 LEU A HG   1 
ATOM 944  H HD11 . LEU A 1 69 ? 0.344   -4.208  -2.816  1.00 1.41 ? 60 LEU A HD11 1 
ATOM 945  H HD12 . LEU A 1 69 ? -0.394  -4.517  -4.389  1.00 1.43 ? 60 LEU A HD12 1 
ATOM 946  H HD13 . LEU A 1 69 ? -1.335  -3.753  -3.107  1.00 1.52 ? 60 LEU A HD13 1 
ATOM 947  H HD21 . LEU A 1 69 ? -1.889  -7.569  -3.809  1.00 1.41 ? 60 LEU A HD21 1 
ATOM 948  H HD22 . LEU A 1 69 ? -2.954  -6.164  -3.735  1.00 1.52 ? 60 LEU A HD22 1 
ATOM 949  H HD23 . LEU A 1 69 ? -1.610  -6.194  -4.877  1.00 1.32 ? 60 LEU A HD23 1 
ATOM 950  N N    . HIS A 1 70 ? -0.181  -10.130 -2.349  1.00 0.55 ? 61 HIS A N    1 
ATOM 951  C CA   . HIS A 1 70 ? 0.444   -11.438 -2.690  1.00 0.60 ? 61 HIS A CA   1 
ATOM 952  C C    . HIS A 1 70 ? 0.680   -11.542 -4.202  1.00 0.58 ? 61 HIS A C    1 
ATOM 953  O O    . HIS A 1 70 ? 0.625   -10.561 -4.917  1.00 0.67 ? 61 HIS A O    1 
ATOM 954  C CB   . HIS A 1 70 ? -0.565  -12.487 -2.223  1.00 0.76 ? 61 HIS A CB   1 
ATOM 955  C CG   . HIS A 1 70 ? -0.500  -12.611 -0.722  1.00 0.82 ? 61 HIS A CG   1 
ATOM 956  N ND1  . HIS A 1 70 ? 0.288   -13.564 -0.095  1.00 0.94 ? 61 HIS A ND1  1 
ATOM 957  C CD2  . HIS A 1 70 ? -1.113  -11.910 0.287   1.00 0.86 ? 61 HIS A CD2  1 
ATOM 958  C CE1  . HIS A 1 70 ? 0.128   -13.412 1.233   1.00 1.02 ? 61 HIS A CE1  1 
ATOM 959  N NE2  . HIS A 1 70 ? -0.715  -12.416 1.520   1.00 0.96 ? 61 HIS A NE2  1 
ATOM 960  H H    . HIS A 1 70 ? -1.149  -10.009 -2.445  1.00 0.78 ? 61 HIS A H    1 
ATOM 961  H HA   . HIS A 1 70 ? 1.373   -11.561 -2.156  1.00 0.63 ? 61 HIS A HA   1 
ATOM 962  H HB2  . HIS A 1 70 ? -1.561  -12.186 -2.516  1.00 0.82 ? 61 HIS A HB2  1 
ATOM 963  H HB3  . HIS A 1 70 ? -0.331  -13.440 -2.672  1.00 0.83 ? 61 HIS A HB3  1 
ATOM 964  H HD1  . HIS A 1 70 ? 0.856   -14.229 -0.538  1.00 1.01 ? 61 HIS A HD1  1 
ATOM 965  H HD2  . HIS A 1 70 ? -1.801  -11.088 0.146   1.00 0.88 ? 61 HIS A HD2  1 
ATOM 966  H HE1  . HIS A 1 70 ? 0.625   -14.018 1.976   1.00 1.15 ? 61 HIS A HE1  1 
ATOM 967  N N    . ASN A 1 71 ? 0.947   -12.724 -4.690  1.00 0.81 ? 62 ASN A N    1 
ATOM 968  C CA   . ASN A 1 71 ? 1.195   -12.897 -6.152  1.00 0.91 ? 62 ASN A CA   1 
ATOM 969  C C    . ASN A 1 71 ? 0.738   -11.657 -6.924  1.00 0.71 ? 62 ASN A C    1 
ATOM 970  O O    . ASN A 1 71 ? -0.326  -11.635 -7.512  1.00 0.74 ? 62 ASN A O    1 
ATOM 971  C CB   . ASN A 1 71 ? 0.362   -14.113 -6.555  1.00 1.26 ? 62 ASN A CB   1 
ATOM 972  C CG   . ASN A 1 71 ? -0.523  -13.755 -7.751  1.00 1.73 ? 62 ASN A CG   1 
ATOM 973  O OD1  . ASN A 1 71 ? -0.201  -12.868 -8.516  1.00 2.46 ? 62 ASN A OD1  1 
ATOM 974  N ND2  . ASN A 1 71 ? -1.632  -14.413 -7.945  1.00 2.10 ? 62 ASN A ND2  1 
ATOM 975  H H    . ASN A 1 71 ? 0.993   -13.497 -4.094  1.00 1.06 ? 62 ASN A H    1 
ATOM 976  H HA   . ASN A 1 71 ? 2.239   -13.090 -6.337  1.00 1.01 ? 62 ASN A HA   1 
ATOM 977  H HB2  . ASN A 1 71 ? 1.020   -14.929 -6.822  1.00 1.75 ? 62 ASN A HB2  1 
ATOM 978  H HB3  . ASN A 1 71 ? -0.262  -14.412 -5.726  1.00 1.74 ? 62 ASN A HB3  1 
ATOM 979  H HD21 . ASN A 1 71 ? -1.892  -15.130 -7.329  1.00 2.10 ? 62 ASN A HD21 1 
ATOM 980  H HD22 . ASN A 1 71 ? -2.206  -14.191 -8.709  1.00 2.72 ? 62 ASN A HD22 1 
ATOM 981  N N    . CYS A 1 72 ? 1.539   -10.627 -6.932  1.00 0.60 ? 63 CYS A N    1 
ATOM 982  C CA   . CYS A 1 72 ? 1.157   -9.388  -7.671  1.00 0.54 ? 63 CYS A CA   1 
ATOM 983  C C    . CYS A 1 72 ? 1.351   -9.592  -9.176  1.00 0.55 ? 63 CYS A C    1 
ATOM 984  O O    . CYS A 1 72 ? 2.356   -10.113 -9.617  1.00 0.73 ? 63 CYS A O    1 
ATOM 985  C CB   . CYS A 1 72 ? 2.102   -8.306  -7.150  1.00 0.47 ? 63 CYS A CB   1 
ATOM 986  S SG   . CYS A 1 72 ? 2.234   -8.438  -5.350  1.00 0.51 ? 63 CYS A SG   1 
ATOM 987  H H    . CYS A 1 72 ? 2.392   -10.669 -6.453  1.00 0.67 ? 63 CYS A H    1 
ATOM 988  H HA   . CYS A 1 72 ? 0.135   -9.119  -7.455  1.00 0.69 ? 63 CYS A HA   1 
ATOM 989  H HB2  . CYS A 1 72 ? 3.076   -8.439  -7.593  1.00 0.48 ? 63 CYS A HB2  1 
ATOM 990  H HB3  . CYS A 1 72 ? 1.716   -7.332  -7.412  1.00 0.58 ? 63 CYS A HB3  1 
ATOM 991  H HG   . CYS A 1 72 ? 2.475   -9.341  -5.135  1.00 0.56 ? 63 CYS A HG   1 
ATOM 992  N N    . GLN A 1 73 ? 0.392   -9.195  -9.964  1.00 0.65 ? 64 GLN A N    1 
ATOM 993  C CA   . GLN A 1 73 ? 0.504   -9.369  -11.431 1.00 0.74 ? 64 GLN A CA   1 
ATOM 994  C C    . GLN A 1 73 ? 1.457   -8.344  -12.040 1.00 0.62 ? 64 GLN A C    1 
ATOM 995  O O    . GLN A 1 73 ? 2.115   -7.595  -11.345 1.00 0.60 ? 64 GLN A O    1 
ATOM 996  C CB   . GLN A 1 73 ? -0.915  -9.156  -11.950 1.00 0.94 ? 64 GLN A CB   1 
ATOM 997  C CG   . GLN A 1 73 ? -1.246  -10.282 -12.914 1.00 1.45 ? 64 GLN A CG   1 
ATOM 998  C CD   . GLN A 1 73 ? -2.433  -11.088 -12.387 1.00 1.82 ? 64 GLN A CD   1 
ATOM 999  O OE1  . GLN A 1 73 ? -3.532  -10.581 -12.283 1.00 2.48 ? 64 GLN A OE1  1 
ATOM 1000 N NE2  . GLN A 1 73 ? -2.253  -12.336 -12.052 1.00 2.12 ? 64 GLN A NE2  1 
ATOM 1001 H H    . GLN A 1 73 ? -0.411  -8.789  -9.590  1.00 0.81 ? 64 GLN A H    1 
ATOM 1002 H HA   . GLN A 1 73 ? 0.829   -10.371 -11.667 1.00 0.85 ? 64 GLN A HA   1 
ATOM 1003 H HB2  . GLN A 1 73 ? -1.609  -9.166  -11.122 1.00 1.31 ? 64 GLN A HB2  1 
ATOM 1004 H HB3  . GLN A 1 73 ? -0.976  -8.209  -12.465 1.00 1.58 ? 64 GLN A HB3  1 
ATOM 1005 H HG2  . GLN A 1 73 ? -1.484  -9.872  -13.883 1.00 2.07 ? 64 GLN A HG2  1 
ATOM 1006 H HG3  . GLN A 1 73 ? -0.388  -10.926 -12.991 1.00 2.14 ? 64 GLN A HG3  1 
ATOM 1007 H HE21 . GLN A 1 73 ? -1.365  -12.743 -12.139 1.00 2.02 ? 64 GLN A HE21 1 
ATOM 1008 H HE22 . GLN A 1 73 ? -3.005  -12.866 -11.715 1.00 2.78 ? 64 GLN A HE22 1 
ATOM 1009 N N    . LEU A 1 74 ? 1.532   -8.308  -13.343 1.00 0.66 ? 65 LEU A N    1 
ATOM 1010 C CA   . LEU A 1 74 ? 2.437   -7.341  -14.020 1.00 0.74 ? 65 LEU A CA   1 
ATOM 1011 C C    . LEU A 1 74 ? 1.819   -5.939  -13.997 1.00 0.82 ? 65 LEU A C    1 
ATOM 1012 O O    . LEU A 1 74 ? 2.511   -4.944  -13.911 1.00 1.20 ? 65 LEU A O    1 
ATOM 1013 C CB   . LEU A 1 74 ? 2.545   -7.856  -15.455 1.00 0.79 ? 65 LEU A CB   1 
ATOM 1014 C CG   . LEU A 1 74 ? 3.984   -7.704  -15.949 1.00 1.09 ? 65 LEU A CG   1 
ATOM 1015 C CD1  . LEU A 1 74 ? 4.849   -8.810  -15.344 1.00 1.51 ? 65 LEU A CD1  1 
ATOM 1016 C CD2  . LEU A 1 74 ? 4.008   -7.817  -17.475 1.00 1.63 ? 65 LEU A CD2  1 
ATOM 1017 H H    . LEU A 1 74 ? 0.991   -8.925  -13.878 1.00 0.72 ? 65 LEU A H    1 
ATOM 1018 H HA   . LEU A 1 74 ? 3.409   -7.337  -13.554 1.00 0.82 ? 65 LEU A HA   1 
ATOM 1019 H HB2  . LEU A 1 74 ? 2.263   -8.899  -15.482 1.00 0.97 ? 65 LEU A HB2  1 
ATOM 1020 H HB3  . LEU A 1 74 ? 1.885   -7.288  -16.092 1.00 0.75 ? 65 LEU A HB3  1 
ATOM 1021 H HG   . LEU A 1 74 ? 4.370   -6.740  -15.650 1.00 1.40 ? 65 LEU A HG   1 
ATOM 1022 H HD11 . LEU A 1 74 ? 4.796   -8.759  -14.267 1.00 1.80 ? 65 LEU A HD11 1 
ATOM 1023 H HD12 . LEU A 1 74 ? 4.488   -9.771  -15.678 1.00 2.12 ? 65 LEU A HD12 1 
ATOM 1024 H HD13 . LEU A 1 74 ? 5.873   -8.680  -15.662 1.00 1.96 ? 65 LEU A HD13 1 
ATOM 1025 H HD21 . LEU A 1 74 ? 3.418   -8.666  -17.781 1.00 1.99 ? 65 LEU A HD21 1 
ATOM 1026 H HD22 . LEU A 1 74 ? 3.598   -6.918  -17.908 1.00 2.11 ? 65 LEU A HD22 1 
ATOM 1027 H HD23 . LEU A 1 74 ? 5.027   -7.946  -17.811 1.00 2.08 ? 65 LEU A HD23 1 
ATOM 1028 N N    . GLY A 1 75 ? 0.516   -5.856  -14.067 1.00 0.78 ? 66 GLY A N    1 
ATOM 1029 C CA   . GLY A 1 75 ? -0.149  -4.521  -14.046 1.00 0.89 ? 66 GLY A CA   1 
ATOM 1030 C C    . GLY A 1 75 ? 0.337   -3.734  -12.829 1.00 0.86 ? 66 GLY A C    1 
ATOM 1031 O O    . GLY A 1 75 ? 0.773   -2.606  -12.941 1.00 1.35 ? 66 GLY A O    1 
ATOM 1032 H H    . GLY A 1 75 ? -0.025  -6.671  -14.132 1.00 0.93 ? 66 GLY A H    1 
ATOM 1033 H HA2  . GLY A 1 75 ? 0.097   -3.980  -14.949 1.00 0.99 ? 66 GLY A HA2  1 
ATOM 1034 H HA3  . GLY A 1 75 ? -1.218  -4.652  -13.982 1.00 0.99 ? 66 GLY A HA3  1 
ATOM 1035 N N    . MET A 1 76 ? 0.267   -4.324  -11.668 1.00 0.59 ? 67 MET A N    1 
ATOM 1036 C CA   . MET A 1 76 ? 0.727   -3.618  -10.444 1.00 0.53 ? 67 MET A CA   1 
ATOM 1037 C C    . MET A 1 76 ? 1.954   -2.757  -10.758 1.00 0.52 ? 67 MET A C    1 
ATOM 1038 O O    . MET A 1 76 ? 2.492   -2.089  -9.896  1.00 0.85 ? 67 MET A O    1 
ATOM 1039 C CB   . MET A 1 76 ? 1.080   -4.733  -9.461  1.00 0.59 ? 67 MET A CB   1 
ATOM 1040 C CG   . MET A 1 76 ? -0.209  -5.285  -8.852  1.00 0.60 ? 67 MET A CG   1 
ATOM 1041 S SD   . MET A 1 76 ? 0.132   -5.955  -7.206  1.00 0.80 ? 67 MET A SD   1 
ATOM 1042 C CE   . MET A 1 76 ? -1.576  -6.353  -6.762  1.00 1.23 ? 67 MET A CE   1 
ATOM 1043 H H    . MET A 1 76 ? -0.088  -5.236  -11.601 1.00 0.80 ? 67 MET A H    1 
ATOM 1044 H HA   . MET A 1 76 ? -0.068  -3.012  -10.040 1.00 0.55 ? 67 MET A HA   1 
ATOM 1045 H HB2  . MET A 1 76 ? 1.600   -5.524  -9.983  1.00 0.68 ? 67 MET A HB2  1 
ATOM 1046 H HB3  . MET A 1 76 ? 1.708   -4.339  -8.677  1.00 0.69 ? 67 MET A HB3  1 
ATOM 1047 H HG2  . MET A 1 76 ? -0.937  -4.492  -8.775  1.00 0.63 ? 67 MET A HG2  1 
ATOM 1048 H HG3  . MET A 1 76 ? -0.598  -6.064  -9.487  1.00 0.69 ? 67 MET A HG3  1 
ATOM 1049 H HE1  . MET A 1 76 ? -2.179  -6.409  -7.656  1.00 1.72 ? 67 MET A HE1  1 
ATOM 1050 H HE2  . MET A 1 76 ? -1.604  -7.308  -6.254  1.00 1.60 ? 67 MET A HE2  1 
ATOM 1051 H HE3  . MET A 1 76 ? -1.969  -5.583  -6.114  1.00 1.81 ? 67 MET A HE3  1 
ATOM 1052 N N    . THR A 1 77 ? 2.400   -2.765  -11.986 1.00 0.57 ? 68 THR A N    1 
ATOM 1053 C CA   . THR A 1 77 ? 3.591   -1.946  -12.354 1.00 0.57 ? 68 THR A CA   1 
ATOM 1054 C C    . THR A 1 77 ? 3.272   -0.456  -12.210 1.00 0.54 ? 68 THR A C    1 
ATOM 1055 O O    . THR A 1 77 ? 2.989   0.224   -13.176 1.00 0.81 ? 68 THR A O    1 
ATOM 1056 C CB   . THR A 1 77 ? 3.877   -2.292  -13.816 1.00 0.71 ? 68 THR A CB   1 
ATOM 1057 O OG1  . THR A 1 77 ? 3.405   -3.602  -14.092 1.00 0.94 ? 68 THR A OG1  1 
ATOM 1058 C CG2  . THR A 1 77 ? 5.383   -2.223  -14.074 1.00 1.06 ? 68 THR A CG2  1 
ATOM 1059 H H    . THR A 1 77 ? 1.950   -3.310  -12.665 1.00 0.87 ? 68 THR A H    1 
ATOM 1060 H HA   . THR A 1 77 ? 4.438   -2.211  -11.741 1.00 0.57 ? 68 THR A HA   1 
ATOM 1061 H HB   . THR A 1 77 ? 3.375   -1.584  -14.459 1.00 0.99 ? 68 THR A HB   1 
ATOM 1062 H HG1  . THR A 1 77 ? 2.452   -3.555  -14.201 1.00 0.74 ? 68 THR A HG1  1 
ATOM 1063 H HG21 . THR A 1 77 ? 5.858   -1.663  -13.282 1.00 1.59 ? 68 THR A HG21 1 
ATOM 1064 H HG22 . THR A 1 77 ? 5.790   -3.224  -14.101 1.00 1.44 ? 68 THR A HG22 1 
ATOM 1065 H HG23 . THR A 1 77 ? 5.566   -1.735  -15.019 1.00 1.67 ? 68 THR A HG23 1 
ATOM 1066 N N    . GLY A 1 78 ? 3.317   0.059   -11.012 1.00 0.64 ? 69 GLY A N    1 
ATOM 1067 C CA   . GLY A 1 78 ? 3.015   1.504   -10.813 1.00 0.62 ? 69 GLY A CA   1 
ATOM 1068 C C    . GLY A 1 78 ? 3.558   1.963   -9.458  1.00 0.56 ? 69 GLY A C    1 
ATOM 1069 O O    . GLY A 1 78 ? 4.636   1.578   -9.047  1.00 0.63 ? 69 GLY A O    1 
ATOM 1070 H H    . GLY A 1 78 ? 3.549   -0.505  -10.243 1.00 0.92 ? 69 GLY A H    1 
ATOM 1071 H HA2  . GLY A 1 78 ? 3.479   2.080   -11.600 1.00 0.68 ? 69 GLY A HA2  1 
ATOM 1072 H HA3  . GLY A 1 78 ? 1.946   1.655   -10.837 1.00 0.64 ? 69 GLY A HA3  1 
ATOM 1073 N N    . GLU A 1 79 ? 2.819   2.781   -8.760  1.00 0.51 ? 70 GLU A N    1 
ATOM 1074 C CA   . GLU A 1 79 ? 3.291   3.265   -7.431  1.00 0.47 ? 70 GLU A CA   1 
ATOM 1075 C C    . GLU A 1 79 ? 2.198   3.060   -6.380  1.00 0.47 ? 70 GLU A C    1 
ATOM 1076 O O    . GLU A 1 79 ? 1.021   3.165   -6.665  1.00 0.62 ? 70 GLU A O    1 
ATOM 1077 C CB   . GLU A 1 79 ? 3.574   4.755   -7.624  1.00 0.50 ? 70 GLU A CB   1 
ATOM 1078 C CG   . GLU A 1 79 ? 2.827   5.265   -8.860  1.00 1.22 ? 70 GLU A CG   1 
ATOM 1079 C CD   . GLU A 1 79 ? 3.293   6.685   -9.187  1.00 1.33 ? 70 GLU A CD   1 
ATOM 1080 O OE1  . GLU A 1 79 ? 3.041   7.569   -8.385  1.00 2.08 ? 70 GLU A OE1  1 
ATOM 1081 O OE2  . GLU A 1 79 ? 3.894   6.864   -10.234 1.00 1.50 ? 70 GLU A OE2  1 
ATOM 1082 H H    . GLU A 1 79 ? 1.953   3.077   -9.109  1.00 0.54 ? 70 GLU A H    1 
ATOM 1083 H HA   . GLU A 1 79 ? 4.194   2.752   -7.141  1.00 0.48 ? 70 GLU A HA   1 
ATOM 1084 H HB2  . GLU A 1 79 ? 3.241   5.300   -6.751  1.00 1.09 ? 70 GLU A HB2  1 
ATOM 1085 H HB3  . GLU A 1 79 ? 4.633   4.905   -7.760  1.00 1.03 ? 70 GLU A HB3  1 
ATOM 1086 H HG2  . GLU A 1 79 ? 3.034   4.615   -9.697  1.00 1.83 ? 70 GLU A HG2  1 
ATOM 1087 H HG3  . GLU A 1 79 ? 1.766   5.273   -8.662  1.00 1.89 ? 70 GLU A HG3  1 
ATOM 1088 N N    . VAL A 1 80 ? 2.578   2.769   -5.167  1.00 0.43 ? 71 VAL A N    1 
ATOM 1089 C CA   . VAL A 1 80 ? 1.562   2.557   -4.099  1.00 0.44 ? 71 VAL A CA   1 
ATOM 1090 C C    . VAL A 1 80 ? 1.267   3.878   -3.383  1.00 0.45 ? 71 VAL A C    1 
ATOM 1091 O O    . VAL A 1 80 ? 1.953   4.259   -2.455  1.00 0.57 ? 71 VAL A O    1 
ATOM 1092 C CB   . VAL A 1 80 ? 2.204   1.555   -3.141  1.00 0.45 ? 71 VAL A CB   1 
ATOM 1093 C CG1  . VAL A 1 80 ? 1.560   1.683   -1.761  1.00 0.45 ? 71 VAL A CG1  1 
ATOM 1094 C CG2  . VAL A 1 80 ? 1.991   0.136   -3.675  1.00 0.49 ? 71 VAL A CG2  1 
ATOM 1095 H H    . VAL A 1 80 ? 3.532   2.690   -4.959  1.00 0.50 ? 71 VAL A H    1 
ATOM 1096 H HA   . VAL A 1 80 ? 0.657   2.143   -4.515  1.00 0.47 ? 71 VAL A HA   1 
ATOM 1097 H HB   . VAL A 1 80 ? 3.262   1.759   -3.065  1.00 0.47 ? 71 VAL A HB   1 
ATOM 1098 H HG11 . VAL A 1 80 ? 0.734   2.376   -1.810  1.00 1.13 ? 71 VAL A HG11 1 
ATOM 1099 H HG12 . VAL A 1 80 ? 1.200   0.716   -1.441  1.00 1.10 ? 71 VAL A HG12 1 
ATOM 1100 H HG13 . VAL A 1 80 ? 2.292   2.044   -1.054  1.00 1.05 ? 71 VAL A HG13 1 
ATOM 1101 H HG21 . VAL A 1 80 ? 0.940   -0.026  -3.859  1.00 1.15 ? 71 VAL A HG21 1 
ATOM 1102 H HG22 . VAL A 1 80 ? 2.541   0.013   -4.596  1.00 1.22 ? 71 VAL A HG22 1 
ATOM 1103 H HG23 . VAL A 1 80 ? 2.345   -0.578  -2.946  1.00 0.99 ? 71 VAL A HG23 1 
ATOM 1104 N N    . SER A 1 81 ? 0.255   4.580   -3.811  1.00 0.46 ? 72 SER A N    1 
ATOM 1105 C CA   . SER A 1 81 ? -0.082  5.877   -3.157  1.00 0.49 ? 72 SER A CA   1 
ATOM 1106 C C    . SER A 1 81 ? -1.182  5.674   -2.116  1.00 0.49 ? 72 SER A C    1 
ATOM 1107 O O    . SER A 1 81 ? -2.321  5.402   -2.444  1.00 0.65 ? 72 SER A O    1 
ATOM 1108 C CB   . SER A 1 81 ? -0.574  6.775   -4.291  1.00 0.55 ? 72 SER A CB   1 
ATOM 1109 O OG   . SER A 1 81 ? -1.761  6.221   -4.847  1.00 0.98 ? 72 SER A OG   1 
ATOM 1110 H H    . SER A 1 81 ? -0.284  4.256   -4.563  1.00 0.55 ? 72 SER A H    1 
ATOM 1111 H HA   . SER A 1 81 ? 0.795   6.308   -2.702  1.00 0.50 ? 72 SER A HA   1 
ATOM 1112 H HB2  . SER A 1 81 ? -0.788  7.758   -3.908  1.00 0.74 ? 72 SER A HB2  1 
ATOM 1113 H HB3  . SER A 1 81 ? 0.193   6.846   -5.052  1.00 0.77 ? 72 SER A HB3  1 
ATOM 1114 H HG   . SER A 1 81 ? -1.997  6.741   -5.620  1.00 1.29 ? 72 SER A HG   1 
ATOM 1115 N N    . PHE A 1 82 ? -0.853  5.802   -0.859  1.00 0.39 ? 73 PHE A N    1 
ATOM 1116 C CA   . PHE A 1 82 ? -1.881  5.618   0.205   1.00 0.39 ? 73 PHE A CA   1 
ATOM 1117 C C    . PHE A 1 82 ? -2.629  6.932   0.446   1.00 0.44 ? 73 PHE A C    1 
ATOM 1118 O O    . PHE A 1 82 ? -2.098  8.005   0.244   1.00 0.52 ? 73 PHE A O    1 
ATOM 1119 C CB   . PHE A 1 82 ? -1.094  5.211   1.451   1.00 0.40 ? 73 PHE A CB   1 
ATOM 1120 C CG   . PHE A 1 82 ? -2.049  4.985   2.597   1.00 0.38 ? 73 PHE A CG   1 
ATOM 1121 C CD1  . PHE A 1 82 ? -3.103  4.072   2.461   1.00 1.24 ? 73 PHE A CD1  1 
ATOM 1122 C CD2  . PHE A 1 82 ? -1.883  5.689   3.796   1.00 1.23 ? 73 PHE A CD2  1 
ATOM 1123 C CE1  . PHE A 1 82 ? -3.989  3.864   3.523   1.00 1.24 ? 73 PHE A CE1  1 
ATOM 1124 C CE2  . PHE A 1 82 ? -2.771  5.480   4.859   1.00 1.26 ? 73 PHE A CE2  1 
ATOM 1125 C CZ   . PHE A 1 82 ? -3.823  4.568   4.723   1.00 0.46 ? 73 PHE A CZ   1 
ATOM 1126 H H    . PHE A 1 82 ? 0.070   6.023   -0.615  1.00 0.41 ? 73 PHE A H    1 
ATOM 1127 H HA   . PHE A 1 82 ? -2.570  4.835   -0.068  1.00 0.42 ? 73 PHE A HA   1 
ATOM 1128 H HB2  . PHE A 1 82 ? -0.549  4.300   1.251   1.00 0.46 ? 73 PHE A HB2  1 
ATOM 1129 H HB3  . PHE A 1 82 ? -0.399  5.996   1.711   1.00 0.46 ? 73 PHE A HB3  1 
ATOM 1130 H HD1  . PHE A 1 82 ? -3.229  3.530   1.536   1.00 2.13 ? 73 PHE A HD1  1 
ATOM 1131 H HD2  . PHE A 1 82 ? -1.071  6.394   3.902   1.00 2.10 ? 73 PHE A HD2  1 
ATOM 1132 H HE1  . PHE A 1 82 ? -4.801  3.160   3.418   1.00 2.11 ? 73 PHE A HE1  1 
ATOM 1133 H HE2  . PHE A 1 82 ? -2.642  6.023   5.784   1.00 2.15 ? 73 PHE A HE2  1 
ATOM 1134 H HZ   . PHE A 1 82 ? -4.508  4.407   5.542   1.00 0.52 ? 73 PHE A HZ   1 
ATOM 1135 N N    . GLN A 1 83 ? -3.859  6.856   0.875   1.00 0.50 ? 74 GLN A N    1 
ATOM 1136 C CA   . GLN A 1 83 ? -4.638  8.103   1.127   1.00 0.59 ? 74 GLN A CA   1 
ATOM 1137 C C    . GLN A 1 83 ? -5.332  8.027   2.489   1.00 0.55 ? 74 GLN A C    1 
ATOM 1138 O O    . GLN A 1 83 ? -5.970  7.046   2.818   1.00 0.64 ? 74 GLN A O    1 
ATOM 1139 C CB   . GLN A 1 83 ? -5.670  8.160   0.001   1.00 0.76 ? 74 GLN A CB   1 
ATOM 1140 C CG   . GLN A 1 83 ? -5.492  9.457   -0.790  1.00 1.34 ? 74 GLN A CG   1 
ATOM 1141 C CD   . GLN A 1 83 ? -6.830  9.859   -1.416  1.00 1.63 ? 74 GLN A CD   1 
ATOM 1142 O OE1  . GLN A 1 83 ? -7.728  9.050   -1.533  1.00 1.93 ? 74 GLN A OE1  1 
ATOM 1143 N NE2  . GLN A 1 83 ? -7.001  11.086  -1.826  1.00 2.39 ? 74 GLN A NE2  1 
ATOM 1144 H H    . GLN A 1 83 ? -4.271  5.980   1.033   1.00 0.55 ? 74 GLN A H    1 
ATOM 1145 H HA   . GLN A 1 83 ? -3.994  8.966   1.079   1.00 0.68 ? 74 GLN A HA   1 
ATOM 1146 H HB2  . GLN A 1 83 ? -5.531  7.313   -0.657  1.00 1.24 ? 74 GLN A HB2  1 
ATOM 1147 H HB3  . GLN A 1 83 ? -6.664  8.129   0.422   1.00 1.15 ? 74 GLN A HB3  1 
ATOM 1148 H HG2  . GLN A 1 83 ? -5.153  10.239  -0.126  1.00 1.90 ? 74 GLN A HG2  1 
ATOM 1149 H HG3  . GLN A 1 83 ? -4.763  9.307   -1.570  1.00 1.95 ? 74 GLN A HG3  1 
ATOM 1150 H HE21 . GLN A 1 83 ? -6.277  11.740  -1.732  1.00 2.78 ? 74 GLN A HE21 1 
ATOM 1151 H HE22 . GLN A 1 83 ? -7.854  11.353  -2.228  1.00 2.86 ? 74 GLN A HE22 1 
ATOM 1152 N N    . ALA A 1 84 ? -5.214  9.056   3.283   1.00 0.72 ? 75 ALA A N    1 
ATOM 1153 C CA   . ALA A 1 84 ? -5.869  9.039   4.623   1.00 0.77 ? 75 ALA A CA   1 
ATOM 1154 C C    . ALA A 1 84 ? -6.006  10.465  5.164   1.00 0.95 ? 75 ALA A C    1 
ATOM 1155 O O    . ALA A 1 84 ? -5.068  11.237  5.153   1.00 1.75 ? 75 ALA A O    1 
ATOM 1156 C CB   . ALA A 1 84 ? -4.932  8.218   5.510   1.00 0.80 ? 75 ALA A CB   1 
ATOM 1157 H H    . ALA A 1 84 ? -4.697  9.837   3.000   1.00 0.94 ? 75 ALA A H    1 
ATOM 1158 H HA   . ALA A 1 84 ? -6.834  8.563   4.565   1.00 0.76 ? 75 ALA A HA   1 
ATOM 1159 H HB1  . ALA A 1 84 ? -4.558  7.373   4.952   1.00 1.22 ? 75 ALA A HB1  1 
ATOM 1160 H HB2  . ALA A 1 84 ? -4.107  8.834   5.829   1.00 1.37 ? 75 ALA A HB2  1 
ATOM 1161 H HB3  . ALA A 1 84 ? -5.474  7.866   6.375   1.00 1.31 ? 75 ALA A HB3  1 
ATOM 1162 N N    . ALA A 1 85 ? -7.170  10.819  5.638   1.00 0.89 ? 76 ALA A N    1 
ATOM 1163 C CA   . ALA A 1 85 ? -7.370  12.194  6.183   1.00 0.97 ? 76 ALA A CA   1 
ATOM 1164 C C    . ALA A 1 85 ? -6.632  13.221  5.320   1.00 0.94 ? 76 ALA A C    1 
ATOM 1165 O O    . ALA A 1 85 ? -7.104  13.626  4.277   1.00 1.41 ? 76 ALA A O    1 
ATOM 1166 C CB   . ALA A 1 85 ? -6.779  12.153  7.592   1.00 1.13 ? 76 ALA A CB   1 
ATOM 1167 H H    . ALA A 1 85 ? -7.913  10.179  5.638   1.00 1.38 ? 76 ALA A H    1 
ATOM 1168 H HA   . ALA A 1 85 ? -8.421  12.429  6.230   1.00 1.12 ? 76 ALA A HA   1 
ATOM 1169 H HB1  . ALA A 1 85 ? -7.061  11.227  8.072   1.00 1.59 ? 76 ALA A HB1  1 
ATOM 1170 H HB2  . ALA A 1 85 ? -5.703  12.214  7.533   1.00 1.57 ? 76 ALA A HB2  1 
ATOM 1171 H HB3  . ALA A 1 85 ? -7.158  12.986  8.165   1.00 1.51 ? 76 ALA A HB3  1 
ATOM 1172 N N    . ASN A 1 86 ? -5.476  13.650  5.752   1.00 1.06 ? 77 ASN A N    1 
ATOM 1173 C CA   . ASN A 1 86 ? -4.711  14.656  4.958   1.00 1.12 ? 77 ASN A CA   1 
ATOM 1174 C C    . ASN A 1 86 ? -3.321  14.117  4.609   1.00 1.11 ? 77 ASN A C    1 
ATOM 1175 O O    . ASN A 1 86 ? -2.519  14.794  3.998   1.00 1.39 ? 77 ASN A O    1 
ATOM 1176 C CB   . ASN A 1 86 ? -4.601  15.877  5.873   1.00 1.29 ? 77 ASN A CB   1 
ATOM 1177 C CG   . ASN A 1 86 ? -3.261  16.574  5.636   1.00 1.11 ? 77 ASN A CG   1 
ATOM 1178 O OD1  . ASN A 1 86 ? -2.861  16.782  4.507   1.00 1.72 ? 77 ASN A OD1  1 
ATOM 1179 N ND2  . ASN A 1 86 ? -2.544  16.947  6.660   1.00 1.48 ? 77 ASN A ND2  1 
ATOM 1180 H H    . ASN A 1 86 ? -5.113  13.315  6.598   1.00 1.48 ? 77 ASN A H    1 
ATOM 1181 H HA   . ASN A 1 86 ? -5.250  14.918  4.062   1.00 1.18 ? 77 ASN A HA   1 
ATOM 1182 H HB2  . ASN A 1 86 ? -5.408  16.563  5.658   1.00 1.85 ? 77 ASN A HB2  1 
ATOM 1183 H HB3  . ASN A 1 86 ? -4.660  15.562  6.904   1.00 1.90 ? 77 ASN A HB3  1 
ATOM 1184 H HD21 . ASN A 1 86 ? -2.866  16.781  7.570   1.00 1.72 ? 77 ASN A HD21 1 
ATOM 1185 H HD22 . ASN A 1 86 ? -1.684  17.394  6.520   1.00 2.01 ? 77 ASN A HD22 1 
ATOM 1186 N N    . ALA A 1 87 ? -3.029  12.903  4.991   1.00 1.11 ? 78 ALA A N    1 
ATOM 1187 C CA   . ALA A 1 87 ? -1.690  12.327  4.677   1.00 1.14 ? 78 ALA A CA   1 
ATOM 1188 C C    . ALA A 1 87 ? -1.697  11.718  3.271   1.00 0.89 ? 78 ALA A C    1 
ATOM 1189 O O    . ALA A 1 87 ? -2.733  11.382  2.734   1.00 1.02 ? 78 ALA A O    1 
ATOM 1190 C CB   . ALA A 1 87 ? -1.467  11.242  5.731   1.00 1.34 ? 78 ALA A CB   1 
ATOM 1191 H H    . ALA A 1 87 ? -3.690  12.371  5.482   1.00 1.30 ? 78 ALA A H    1 
ATOM 1192 H HA   . ALA A 1 87 ? -0.926  13.081  4.758   1.00 1.33 ? 78 ALA A HA   1 
ATOM 1193 H HB1  . ALA A 1 87 ? -2.263  10.514  5.673   1.00 1.72 ? 78 ALA A HB1  1 
ATOM 1194 H HB2  . ALA A 1 87 ? -0.520  10.755  5.552   1.00 1.59 ? 78 ALA A HB2  1 
ATOM 1195 H HB3  . ALA A 1 87 ? -1.462  11.691  6.714   1.00 1.85 ? 78 ALA A HB3  1 
ATOM 1196 N N    . LYS A 1 88 ? -0.547  11.574  2.669   1.00 0.76 ? 79 LYS A N    1 
ATOM 1197 C CA   . LYS A 1 88 ? -0.492  10.989  1.297   1.00 0.67 ? 79 LYS A CA   1 
ATOM 1198 C C    . LYS A 1 88 ? 0.914   10.462  1.002   1.00 0.62 ? 79 LYS A C    1 
ATOM 1199 O O    . LYS A 1 88 ? 1.858   11.217  0.884   1.00 0.88 ? 79 LYS A O    1 
ATOM 1200 C CB   . LYS A 1 88 ? -0.838  12.146  0.360   1.00 0.90 ? 79 LYS A CB   1 
ATOM 1201 C CG   . LYS A 1 88 ? -1.879  11.683  -0.662  1.00 1.46 ? 79 LYS A CG   1 
ATOM 1202 C CD   . LYS A 1 88 ? -1.755  12.523  -1.934  1.00 1.93 ? 79 LYS A CD   1 
ATOM 1203 C CE   . LYS A 1 88 ? -2.530  13.830  -1.762  1.00 2.58 ? 79 LYS A CE   1 
ATOM 1204 N NZ   . LYS A 1 88 ? -2.785  14.310  -3.147  1.00 3.35 ? 79 LYS A NZ   1 
ATOM 1205 H H    . LYS A 1 88 ? 0.279   11.851  3.117   1.00 0.90 ? 79 LYS A H    1 
ATOM 1206 H HA   . LYS A 1 88 ? -1.220  10.201  1.196   1.00 0.69 ? 79 LYS A HA   1 
ATOM 1207 H HB2  . LYS A 1 88 ? -1.238  12.968  0.935   1.00 1.53 ? 79 LYS A HB2  1 
ATOM 1208 H HB3  . LYS A 1 88 ? 0.052   12.468  -0.158  1.00 1.46 ? 79 LYS A HB3  1 
ATOM 1209 H HG2  . LYS A 1 88 ? -1.711  10.641  -0.898  1.00 2.05 ? 79 LYS A HG2  1 
ATOM 1210 H HG3  . LYS A 1 88 ? -2.869  11.804  -0.248  1.00 2.07 ? 79 LYS A HG3  1 
ATOM 1211 H HD2  . LYS A 1 88 ? -0.711  12.742  -2.119  1.00 2.42 ? 79 LYS A HD2  1 
ATOM 1212 H HD3  . LYS A 1 88 ? -2.160  11.974  -2.770  1.00 2.18 ? 79 LYS A HD3  1 
ATOM 1213 H HE2  . LYS A 1 88 ? -3.461  13.647  -1.244  1.00 2.88 ? 79 LYS A HE2  1 
ATOM 1214 H HE3  . LYS A 1 88 ? -1.935  14.552  -1.223  1.00 2.89 ? 79 LYS A HE3  1 
ATOM 1215 H HZ1  . LYS A 1 88 ? -3.123  13.521  -3.732  1.00 3.67 ? 79 LYS A HZ1  1 
ATOM 1216 H HZ2  . LYS A 1 88 ? -3.509  15.057  -3.128  1.00 3.74 ? 79 LYS A HZ2  1 
ATOM 1217 H HZ3  . LYS A 1 88 ? -1.905  14.692  -3.550  1.00 3.69 ? 79 LYS A HZ3  1 
ATOM 1218 N N    . SER A 1 89 ? 1.060   9.172   0.879   1.00 0.45 ? 80 SER A N    1 
ATOM 1219 C CA   . SER A 1 89 ? 2.404   8.597   0.588   1.00 0.42 ? 80 SER A CA   1 
ATOM 1220 C C    . SER A 1 89 ? 2.460   8.099   -0.860  1.00 0.40 ? 80 SER A C    1 
ATOM 1221 O O    . SER A 1 89 ? 1.468   8.090   -1.561  1.00 0.45 ? 80 SER A O    1 
ATOM 1222 C CB   . SER A 1 89 ? 2.558   7.435   1.567   1.00 0.41 ? 80 SER A CB   1 
ATOM 1223 O OG   . SER A 1 89 ? 1.518   6.492   1.342   1.00 1.22 ? 80 SER A OG   1 
ATOM 1224 H H    . SER A 1 89 ? 0.284   8.579   0.975   1.00 0.55 ? 80 SER A H    1 
ATOM 1225 H HA   . SER A 1 89 ? 3.174   9.333   0.763   1.00 0.48 ? 80 SER A HA   1 
ATOM 1226 H HB2  . SER A 1 89 ? 3.511   6.954   1.414   1.00 0.84 ? 80 SER A HB2  1 
ATOM 1227 H HB3  . SER A 1 89 ? 2.506   7.811   2.580   1.00 0.87 ? 80 SER A HB3  1 
ATOM 1228 H HG   . SER A 1 89 ? 1.874   5.615   1.503   1.00 1.75 ? 80 SER A HG   1 
ATOM 1229 N N    . ALA A 1 90 ? 3.612   7.687   -1.313  1.00 0.38 ? 81 ALA A N    1 
ATOM 1230 C CA   . ALA A 1 90 ? 3.726   7.193   -2.716  1.00 0.40 ? 81 ALA A CA   1 
ATOM 1231 C C    . ALA A 1 90 ? 5.045   6.437   -2.909  1.00 0.39 ? 81 ALA A C    1 
ATOM 1232 O O    . ALA A 1 90 ? 6.091   7.031   -3.083  1.00 0.48 ? 81 ALA A O    1 
ATOM 1233 C CB   . ALA A 1 90 ? 3.699   8.454   -3.582  1.00 0.48 ? 81 ALA A CB   1 
ATOM 1234 H H    . ALA A 1 90 ? 4.402   7.703   -0.734  1.00 0.39 ? 81 ALA A H    1 
ATOM 1235 H HA   . ALA A 1 90 ? 2.889   6.560   -2.962  1.00 0.41 ? 81 ALA A HA   1 
ATOM 1236 H HB1  . ALA A 1 90 ? 3.605   9.323   -2.946  1.00 1.13 ? 81 ALA A HB1  1 
ATOM 1237 H HB2  . ALA A 1 90 ? 4.616   8.521   -4.148  1.00 1.09 ? 81 ALA A HB2  1 
ATOM 1238 H HB3  . ALA A 1 90 ? 2.859   8.410   -4.258  1.00 1.09 ? 81 ALA A HB3  1 
ATOM 1239 N N    . ALA A 1 91 ? 5.002   5.133   -2.880  1.00 0.34 ? 82 ALA A N    1 
ATOM 1240 C CA   . ALA A 1 91 ? 6.253   4.341   -3.060  1.00 0.38 ? 82 ALA A CA   1 
ATOM 1241 C C    . ALA A 1 91 ? 6.348   3.820   -4.497  1.00 0.34 ? 82 ALA A C    1 
ATOM 1242 O O    . ALA A 1 91 ? 5.532   4.140   -5.339  1.00 0.37 ? 82 ALA A O    1 
ATOM 1243 C CB   . ALA A 1 91 ? 6.129   3.177   -2.077  1.00 0.42 ? 82 ALA A CB   1 
ATOM 1244 H H    . ALA A 1 91 ? 4.148   4.674   -2.736  1.00 0.34 ? 82 ALA A H    1 
ATOM 1245 H HA   . ALA A 1 91 ? 7.118   4.939   -2.817  1.00 0.44 ? 82 ALA A HA   1 
ATOM 1246 H HB1  . ALA A 1 91 ? 5.130   3.154   -1.669  1.00 1.06 ? 82 ALA A HB1  1 
ATOM 1247 H HB2  . ALA A 1 91 ? 6.329   2.249   -2.592  1.00 1.04 ? 82 ALA A HB2  1 
ATOM 1248 H HB3  . ALA A 1 91 ? 6.842   3.305   -1.276  1.00 1.22 ? 82 ALA A HB3  1 
ATOM 1249 N N    . ASN A 1 92 ? 7.336   3.018   -4.779  1.00 0.37 ? 83 ASN A N    1 
ATOM 1250 C CA   . ASN A 1 92 ? 7.484   2.473   -6.159  1.00 0.36 ? 83 ASN A CA   1 
ATOM 1251 C C    . ASN A 1 92 ? 7.338   0.948   -6.141  1.00 0.38 ? 83 ASN A C    1 
ATOM 1252 O O    . ASN A 1 92 ? 7.928   0.271   -5.324  1.00 0.58 ? 83 ASN A O    1 
ATOM 1253 C CB   . ASN A 1 92 ? 8.893   2.872   -6.596  1.00 0.42 ? 83 ASN A CB   1 
ATOM 1254 C CG   . ASN A 1 92 ? 8.812   4.079   -7.531  1.00 1.31 ? 83 ASN A CG   1 
ATOM 1255 O OD1  . ASN A 1 92 ? 7.735   4.528   -7.870  1.00 2.15 ? 83 ASN A OD1  1 
ATOM 1256 N ND2  . ASN A 1 92 ? 9.912   4.629   -7.966  1.00 1.90 ? 83 ASN A ND2  1 
ATOM 1257 H H    . ASN A 1 92 ? 7.981   2.770   -4.085  1.00 0.44 ? 83 ASN A H    1 
ATOM 1258 H HA   . ASN A 1 92 ? 6.756   2.913   -6.820  1.00 0.35 ? 83 ASN A HA   1 
ATOM 1259 H HB2  . ASN A 1 92 ? 9.480   3.127   -5.726  1.00 1.04 ? 83 ASN A HB2  1 
ATOM 1260 H HB3  . ASN A 1 92 ? 9.356   2.047   -7.114  1.00 1.06 ? 83 ASN A HB3  1 
ATOM 1261 H HD21 . ASN A 1 92 ? 10.781  4.268   -7.692  1.00 1.97 ? 83 ASN A HD21 1 
ATOM 1262 H HD22 . ASN A 1 92 ? 9.870   5.402   -8.566  1.00 2.65 ? 83 ASN A HD22 1 
ATOM 1263 N N    . LEU A 1 93 ? 6.554   0.405   -7.031  1.00 0.40 ? 84 LEU A N    1 
ATOM 1264 C CA   . LEU A 1 93 ? 6.372   -1.074  -7.056  1.00 0.44 ? 84 LEU A CA   1 
ATOM 1265 C C    . LEU A 1 93 ? 6.368   -1.587  -8.498  1.00 0.43 ? 84 LEU A C    1 
ATOM 1266 O O    . LEU A 1 93 ? 5.681   -1.063  -9.352  1.00 0.51 ? 84 LEU A O    1 
ATOM 1267 C CB   . LEU A 1 93 ? 5.014   -1.316  -6.397  1.00 0.52 ? 84 LEU A CB   1 
ATOM 1268 C CG   . LEU A 1 93 ? 4.650   -2.797  -6.511  1.00 0.64 ? 84 LEU A CG   1 
ATOM 1269 C CD1  . LEU A 1 93 ? 5.604   -3.625  -5.648  1.00 0.87 ? 84 LEU A CD1  1 
ATOM 1270 C CD2  . LEU A 1 93 ? 3.213   -3.007  -6.029  1.00 1.19 ? 84 LEU A CD2  1 
ATOM 1271 H H    . LEU A 1 93 ? 6.085   0.969   -7.680  1.00 0.53 ? 84 LEU A H    1 
ATOM 1272 H HA   . LEU A 1 93 ? 7.149   -1.558  -6.486  1.00 0.49 ? 84 LEU A HA   1 
ATOM 1273 H HB2  . LEU A 1 93 ? 5.064   -1.036  -5.355  1.00 0.54 ? 84 LEU A HB2  1 
ATOM 1274 H HB3  . LEU A 1 93 ? 4.261   -0.724  -6.893  1.00 0.58 ? 84 LEU A HB3  1 
ATOM 1275 H HG   . LEU A 1 93 ? 4.736   -3.112  -7.542  1.00 0.94 ? 84 LEU A HG   1 
ATOM 1276 H HD11 . LEU A 1 93 ? 5.961   -3.022  -4.826  1.00 1.34 ? 84 LEU A HD11 1 
ATOM 1277 H HD12 . LEU A 1 93 ? 5.082   -4.488  -5.260  1.00 1.39 ? 84 LEU A HD12 1 
ATOM 1278 H HD13 . LEU A 1 93 ? 6.442   -3.950  -6.246  1.00 1.50 ? 84 LEU A HD13 1 
ATOM 1279 H HD21 . LEU A 1 93 ? 2.829   -2.082  -5.626  1.00 1.59 ? 84 LEU A HD21 1 
ATOM 1280 H HD22 . LEU A 1 93 ? 2.597   -3.323  -6.857  1.00 1.77 ? 84 LEU A HD22 1 
ATOM 1281 H HD23 . LEU A 1 93 ? 3.199   -3.768  -5.262  1.00 1.74 ? 84 LEU A HD23 1 
ATOM 1282 N N    . LYS A 1 94 ? 7.128   -2.610  -8.773  1.00 0.43 ? 85 LYS A N    1 
ATOM 1283 C CA   . LYS A 1 94 ? 7.164   -3.160  -10.159 1.00 0.46 ? 85 LYS A CA   1 
ATOM 1284 C C    . LYS A 1 94 ? 6.993   -4.681  -10.124 1.00 0.44 ? 85 LYS A C    1 
ATOM 1285 O O    . LYS A 1 94 ? 7.661   -5.373  -9.380  1.00 0.53 ? 85 LYS A O    1 
ATOM 1286 C CB   . LYS A 1 94 ? 8.544   -2.789  -10.702 1.00 0.56 ? 85 LYS A CB   1 
ATOM 1287 C CG   . LYS A 1 94 ? 8.840   -1.321  -10.390 1.00 1.39 ? 85 LYS A CG   1 
ATOM 1288 C CD   . LYS A 1 94 ? 10.109  -0.890  -11.130 1.00 1.78 ? 85 LYS A CD   1 
ATOM 1289 C CE   . LYS A 1 94 ? 10.266  0.629   -11.035 1.00 2.53 ? 85 LYS A CE   1 
ATOM 1290 N NZ   . LYS A 1 94 ? 11.416  0.952   -11.924 1.00 2.93 ? 85 LYS A NZ   1 
ATOM 1291 H H    . LYS A 1 94 ? 7.673   -3.019  -8.069  1.00 0.48 ? 85 LYS A H    1 
ATOM 1292 H HA   . LYS A 1 94 ? 6.395   -2.708  -10.764 1.00 0.49 ? 85 LYS A HA   1 
ATOM 1293 H HB2  . LYS A 1 94 ? 9.292   -3.415  -10.237 1.00 1.05 ? 85 LYS A HB2  1 
ATOM 1294 H HB3  . LYS A 1 94 ? 8.563   -2.939  -11.770 1.00 1.06 ? 85 LYS A HB3  1 
ATOM 1295 H HG2  . LYS A 1 94 ? 8.008   -0.711  -10.711 1.00 1.94 ? 85 LYS A HG2  1 
ATOM 1296 H HG3  . LYS A 1 94 ? 8.987   -1.200  -9.328  1.00 1.93 ? 85 LYS A HG3  1 
ATOM 1297 H HD2  . LYS A 1 94 ? 10.967  -1.370  -10.683 1.00 2.11 ? 85 LYS A HD2  1 
ATOM 1298 H HD3  . LYS A 1 94 ? 10.035  -1.178  -12.168 1.00 1.99 ? 85 LYS A HD3  1 
ATOM 1299 H HE2  . LYS A 1 94 ? 9.367   1.122   -11.382 1.00 2.84 ? 85 LYS A HE2  1 
ATOM 1300 H HE3  . LYS A 1 94 ? 10.490  0.922   -10.021 1.00 3.11 ? 85 LYS A HE3  1 
ATOM 1301 H HZ1  . LYS A 1 94 ? 12.207  0.311   -11.715 1.00 3.16 ? 85 LYS A HZ1  1 
ATOM 1302 H HZ2  . LYS A 1 94 ? 11.128  0.839   -12.917 1.00 3.21 ? 85 LYS A HZ2  1 
ATOM 1303 H HZ3  . LYS A 1 94 ? 11.718  1.934   -11.760 1.00 3.30 ? 85 LYS A HZ3  1 
ATOM 1304 N N    . VAL A 1 95 ? 6.105   -5.204  -10.921 1.00 0.43 ? 86 VAL A N    1 
ATOM 1305 C CA   . VAL A 1 95 ? 5.890   -6.679  -10.933 1.00 0.43 ? 86 VAL A CA   1 
ATOM 1306 C C    . VAL A 1 95 ? 6.706   -7.319  -12.061 1.00 0.51 ? 86 VAL A C    1 
ATOM 1307 O O    . VAL A 1 95 ? 6.439   -7.114  -13.227 1.00 0.66 ? 86 VAL A O    1 
ATOM 1308 C CB   . VAL A 1 95 ? 4.392   -6.856  -11.181 1.00 0.46 ? 86 VAL A CB   1 
ATOM 1309 C CG1  . VAL A 1 95 ? 4.125   -8.254  -11.741 1.00 0.48 ? 86 VAL A CG1  1 
ATOM 1310 C CG2  . VAL A 1 95 ? 3.636   -6.680  -9.861  1.00 0.49 ? 86 VAL A CG2  1 
ATOM 1311 H H    . VAL A 1 95 ? 5.577   -4.627  -11.511 1.00 0.50 ? 86 VAL A H    1 
ATOM 1312 H HA   . VAL A 1 95 ? 6.160   -7.109  -9.981  1.00 0.42 ? 86 VAL A HA   1 
ATOM 1313 H HB   . VAL A 1 95 ? 4.057   -6.114  -11.891 1.00 0.53 ? 86 VAL A HB   1 
ATOM 1314 H HG11 . VAL A 1 95 ? 4.961   -8.899  -11.517 1.00 1.08 ? 86 VAL A HG11 1 
ATOM 1315 H HG12 . VAL A 1 95 ? 3.229   -8.656  -11.291 1.00 1.02 ? 86 VAL A HG12 1 
ATOM 1316 H HG13 . VAL A 1 95 ? 3.994   -8.194  -12.814 1.00 1.06 ? 86 VAL A HG13 1 
ATOM 1317 H HG21 . VAL A 1 95 ? 3.896   -5.727  -9.423  1.00 1.18 ? 86 VAL A HG21 1 
ATOM 1318 H HG22 . VAL A 1 95 ? 2.573   -6.712  -10.047 1.00 1.08 ? 86 VAL A HG22 1 
ATOM 1319 H HG23 . VAL A 1 95 ? 3.908   -7.474  -9.182  1.00 1.14 ? 86 VAL A HG23 1 
ATOM 1320 N N    . LYS A 1 96 ? 7.701   -8.092  -11.719 1.00 0.61 ? 87 LYS A N    1 
ATOM 1321 C CA   . LYS A 1 96 ? 8.536   -8.741  -12.772 1.00 0.73 ? 87 LYS A CA   1 
ATOM 1322 C C    . LYS A 1 96 ? 8.067   -10.181 -13.007 1.00 0.71 ? 87 LYS A C    1 
ATOM 1323 O O    . LYS A 1 96 ? 7.654   -10.867 -12.093 1.00 0.79 ? 87 LYS A O    1 
ATOM 1324 C CB   . LYS A 1 96 ? 9.958   -8.724  -12.213 1.00 0.84 ? 87 LYS A CB   1 
ATOM 1325 C CG   . LYS A 1 96 ? 10.573  -7.339  -12.428 1.00 1.15 ? 87 LYS A CG   1 
ATOM 1326 C CD   . LYS A 1 96 ? 12.003  -7.327  -11.884 1.00 1.41 ? 87 LYS A CD   1 
ATOM 1327 C CE   . LYS A 1 96 ? 12.973  -6.951  -13.006 1.00 1.73 ? 87 LYS A CE   1 
ATOM 1328 N NZ   . LYS A 1 96 ? 14.264  -6.671  -12.321 1.00 2.39 ? 87 LYS A NZ   1 
ATOM 1329 H H    . LYS A 1 96 ? 7.901   -8.243  -10.772 1.00 0.73 ? 87 LYS A H    1 
ATOM 1330 H HA   . LYS A 1 96 ? 8.492   -8.176  -13.689 1.00 0.86 ? 87 LYS A HA   1 
ATOM 1331 H HB2  . LYS A 1 96 ? 9.932   -8.947  -11.156 1.00 0.91 ? 87 LYS A HB2  1 
ATOM 1332 H HB3  . LYS A 1 96 ? 10.556  -9.464  -12.724 1.00 0.99 ? 87 LYS A HB3  1 
ATOM 1333 H HG2  . LYS A 1 96 ? 10.587  -7.112  -13.484 1.00 1.56 ? 87 LYS A HG2  1 
ATOM 1334 H HG3  . LYS A 1 96 ? 9.985   -6.598  -11.907 1.00 1.67 ? 87 LYS A HG3  1 
ATOM 1335 H HD2  . LYS A 1 96 ? 12.078  -6.603  -11.086 1.00 1.97 ? 87 LYS A HD2  1 
ATOM 1336 H HD3  . LYS A 1 96 ? 12.253  -8.307  -11.508 1.00 1.98 ? 87 LYS A HD3  1 
ATOM 1337 H HE2  . LYS A 1 96 ? 13.081  -7.775  -13.699 1.00 2.22 ? 87 LYS A HE2  1 
ATOM 1338 H HE3  . LYS A 1 96 ? 12.629  -6.067  -13.523 1.00 2.11 ? 87 LYS A HE3  1 
ATOM 1339 H HZ1  . LYS A 1 96 ? 14.104  -6.609  -11.294 1.00 2.83 ? 87 LYS A HZ1  1 
ATOM 1340 H HZ2  . LYS A 1 96 ? 14.937  -7.437  -12.521 1.00 2.74 ? 87 LYS A HZ2  1 
ATOM 1341 H HZ3  . LYS A 1 96 ? 14.653  -5.772  -12.667 1.00 2.80 ? 87 LYS A HZ3  1 
ATOM 1342 N N    . GLU A 1 97 ? 8.129   -10.642 -14.226 1.00 0.87 ? 88 GLU A N    1 
ATOM 1343 C CA   . GLU A 1 97 ? 7.687   -12.036 -14.521 1.00 0.91 ? 88 GLU A CA   1 
ATOM 1344 C C    . GLU A 1 97 ? 8.802   -13.029 -14.177 1.00 0.92 ? 88 GLU A C    1 
ATOM 1345 O O    . GLU A 1 97 ? 9.871   -12.650 -13.745 1.00 1.13 ? 88 GLU A O    1 
ATOM 1346 C CB   . GLU A 1 97 ? 7.401   -12.051 -16.023 1.00 1.17 ? 88 GLU A CB   1 
ATOM 1347 C CG   . GLU A 1 97 ? 6.098   -11.303 -16.306 1.00 1.84 ? 88 GLU A CG   1 
ATOM 1348 C CD   . GLU A 1 97 ? 5.724   -11.469 -17.780 1.00 2.21 ? 88 GLU A CD   1 
ATOM 1349 O OE1  . GLU A 1 97 ? 6.243   -10.719 -18.589 1.00 2.68 ? 88 GLU A OE1  1 
ATOM 1350 O OE2  . GLU A 1 97 ? 4.926   -12.344 -18.074 1.00 2.54 ? 88 GLU A OE2  1 
ATOM 1351 H H    . GLU A 1 97 ? 8.464   -10.071 -14.950 1.00 1.08 ? 88 GLU A H    1 
ATOM 1352 H HA   . GLU A 1 97 ? 6.788   -12.271 -13.972 1.00 0.98 ? 88 GLU A HA   1 
ATOM 1353 H HB2  . GLU A 1 97 ? 8.215   -11.570 -16.547 1.00 1.55 ? 88 GLU A HB2  1 
ATOM 1354 H HB3  . GLU A 1 97 ? 7.310   -13.072 -16.361 1.00 1.53 ? 88 GLU A HB3  1 
ATOM 1355 H HG2  . GLU A 1 97 ? 5.309   -11.707 -15.686 1.00 2.28 ? 88 GLU A HG2  1 
ATOM 1356 H HG3  . GLU A 1 97 ? 6.229   -10.255 -16.086 1.00 2.27 ? 88 GLU A HG3  1 
ATOM 1357 N N    . LEU A 1 98 ? 8.557   -14.297 -14.368 1.00 1.02 ? 89 LEU A N    1 
ATOM 1358 C CA   . LEU A 1 98 ? 9.601   -15.316 -14.053 1.00 1.22 ? 89 LEU A CA   1 
ATOM 1359 C C    . LEU A 1 98 ? 10.562  -15.472 -15.236 1.00 1.42 ? 89 LEU A C    1 
ATOM 1360 O O    . LEU A 1 98 ? 10.854  -14.472 -15.871 1.00 1.81 ? 89 LEU A O    1 
ATOM 1361 C CB   . LEU A 1 98 ? 8.832   -16.615 -13.814 1.00 1.43 ? 89 LEU A CB   1 
ATOM 1362 C CG   . LEU A 1 98 ? 9.631   -17.519 -12.875 1.00 1.83 ? 89 LEU A CG   1 
ATOM 1363 C CD1  . LEU A 1 98 ? 9.099   -17.369 -11.448 1.00 2.16 ? 89 LEU A CD1  1 
ATOM 1364 C CD2  . LEU A 1 98 ? 9.483   -18.975 -13.321 1.00 2.29 ? 89 LEU A CD2  1 
ATOM 1365 O OXT  . LEU A 1 98 ? 10.987  -16.587 -15.485 1.00 1.96 ? 89 LEU A OXT  1 
ATOM 1366 H H    . LEU A 1 98 ? 7.686   -14.580 -14.718 1.00 1.16 ? 89 LEU A H    1 
ATOM 1367 H HA   . LEU A 1 98 ? 10.141  -15.039 -13.162 1.00 1.33 ? 89 LEU A HA   1 
ATOM 1368 H HB2  . LEU A 1 98 ? 7.872   -16.388 -13.371 1.00 1.65 ? 89 LEU A HB2  1 
ATOM 1369 H HB3  . LEU A 1 98 ? 8.680   -17.122 -14.756 1.00 1.67 ? 89 LEU A HB3  1 
ATOM 1370 H HG   . LEU A 1 98 ? 10.672  -17.235 -12.903 1.00 2.16 ? 89 LEU A HG   1 
ATOM 1371 H HD11 . LEU A 1 98 ? 9.070   -16.323 -11.184 1.00 2.40 ? 89 LEU A HD11 1 
ATOM 1372 H HD12 . LEU A 1 98 ? 8.104   -17.783 -11.390 1.00 2.47 ? 89 LEU A HD12 1 
ATOM 1373 H HD13 . LEU A 1 98 ? 9.749   -17.897 -10.766 1.00 2.64 ? 89 LEU A HD13 1 
ATOM 1374 H HD21 . LEU A 1 98 ? 8.462   -19.159 -13.623 1.00 2.76 ? 89 LEU A HD21 1 
ATOM 1375 H HD22 . LEU A 1 98 ? 10.144  -19.166 -14.154 1.00 2.43 ? 89 LEU A HD22 1 
ATOM 1376 H HD23 . LEU A 1 98 ? 9.739   -19.630 -12.502 1.00 2.67 ? 89 LEU A HD23 1 
# 
